data_6VAA
#
_entry.id   6VAA
#
_cell.length_a   1.00
_cell.length_b   1.00
_cell.length_c   1.00
_cell.angle_alpha   90.00
_cell.angle_beta   90.00
_cell.angle_gamma   90.00
#
_symmetry.space_group_name_H-M   'P 1'
#
loop_
_entity.id
_entity.type
_entity.pdbx_description
1 polymer 'Fanconi anemia, complementation group I'
2 polymer 'Fanconi anemia group D2 protein'
3 polymer 'DNA (26-MER)'
4 polymer "DNA (5'-D(P*TP*TP*TP*TP*TP*TP*TP*TP*TP*TP*TP*TP*TP*TP*TP*TP*TP*T)-3')"
5 polymer "DNA (5'-D(P*AP*AP*AP*AP*AP*AP*AP*AP*AP*AP*AP*AP*AP*AP*A)-3')"
6 polymer "DNA (5'-D(*TP*TP*TP*TP*TP*TP*TP*TP*TP*TP*TP*TP*TP*TP*TP*T)-3')"
#
loop_
_entity_poly.entity_id
_entity_poly.type
_entity_poly.pdbx_seq_one_letter_code
_entity_poly.pdbx_strand_id
1 'polypeptide(L)'
;MDQKILSLAAEKTADKLQEFLQTLREGDLTNLLQNQAVKGKVAGALLRAIFKGSPCSEEAGTLRRRKIYTCCIQLVESGD
LQKEIVSEIIGLLMLEAHHFPGPLLVELANEFISAVREGSLVNGKSLELLPIILTVLATKKENLAYGKGVLSGEECKKQL
INTLCSGRWDQQYVIQLTSMFKDVPLTAEEVEFVVEKALSMFSKMNLQEIPPLVYQLLVLSSKGSRKSVLEGIIAFFSAL
DKQHNEEQSGDELLDVVTVPSGELRHVEGTIILHIVFAIKLDYELGRELVKHLKVGQQGDSNNNLSPFSIALLLSVTRIQ
RFQDQVLDLLKTSVVKSFKDLQLLQGSKFLQNLVPHRSYVSTMILEVVKNSVHSWDHVTQGLVELGFILMDSYGPKKVLD
GKTIETSPSLSRMPNQHACKLGANILLETFKIHEMIRQEILEQVLNRVVTRASSPISHFLDLLSNIVMYAPLVLQNCSSK
VTEAFDYLSFLPLQTVQRLLKAVQPLLKVSMSMRDCLILVLRKAMFANQLDARKSAVAGFLLLLKNFKVLGSLSSSQCSQ
SLSVSQVHVDVHSHYNSVANETFCLEIMDSLRRCLSQQADVRLMLYEGFYDVLRRNSQLANSVMQTLLSQLKQFYEPEPD
LLPPLKLEACILTQGDQISLQEPLDYLLCCIQHCLAWYKNTVIPLQQGEEEEEEEEAFYEDLDDILESITNRMIKSELED
FELDKSADFSQSTSIGIKNNISAFLVMGVCEVLIEYNFSISSFSKNRFEDILSLFMCYKKLSDILNEKAGKAKTKMANKT
SDSLLSMKFVSSLLTALFRDSIQSHQESLSVLRSSNEFMRYAVNVALQKVQQLKETGHVSGPDGQNPEKIFQNLCDLTRV
LLWRYTSIPTSVEESGKKEKGKSISLLCLEGLQKIFSAVQQFYQPKIQQFLRALDVTDKEGEEREDADVSVTQRTAFQIR
QFQRSLLNLLSSQEEDFNSKEALLLVTVLTSLSKLLEPSSPQFVQMLSWTSKICKENSREDALFCKSLMNLLFSLHVSYK
SPVILLRDLSQDIHGHLGDIDQDVEVEKTNHFAIVNLRTAAPTVCLLVLSQAEKVLEEVDWLITKLKGQVSQETLSEEAS
SQATLPNQPVEKAIIMQLGTLLTFFHELVQTALPSGSCVDTLLKDLCKMYTTLTALVRYYLQVCQSSGGIPKNMEKLVKL
SGSHLTPLCYSFISYVQNKSKSLNYTGEKKEKPAVVATAMARVLRETKPIPNLIFAIEQYEKFLIHLSKKSKVSLMQHMK
LSTSRDFKIKGNILDMVLREDGEDENEEGTASEHGGQNKEPAKKKRKK
;
A
2 'polypeptide(L)'
;MVSKRRLSKSEDKESLTEDASKTRKQPLSKKTKKSHIANEVEENDSIFVKLLKISGIILKTGESQNQLAVDQIAFQKKLF
QTLRRHPSYPKIIEEFVSGLESYIEDEDSFRNCLLSCERLQDEEASMGASYSKSLIKLLLGIDILQPAIIKTLFEKLPEY
FFENKNSDEINIPRLIVSQLKWLDRVVDGKDLTTKIMQLISIAPENLQHDIITSLPEILGDSQHADVGKELSDLLIENTS
LTVPILDVLSSLRLDPNFLLKVRQLVMDKLSSIRLEDLPVIIKFILHSVTAMDTLEVISELREKLDLQHCVLPSRLQASQ
VKLKSKGRASSSGNQESSGQSCIILLFDVIKSAIRYEKTISEAWIKAIENTASVSEHKVFDLVMLFIIYSTNTQTKKYID
RVLRNKIRSGCIQEQLLQSTFSVHYLVLKDMCSSILSLAQSLLHSLDQSIISFGSLLYKYAFKFFDTYCQQEVVGALVTH
ICSGNEAEVDTALDVLLELVVLNPSAMMMNAVFVKGILDYLDNISPQQIRKLFYVLSTLAFSKQNEASSHIQDDMHLVIR
KQLSSTVFKYKLIGIIGAVTMAGIMAADRSESPSLTQERANLSDEQCTQVTSLLQLVHSCSEQSPQASALYYDEFANLIQ
HEKLDPKALEWVGQTICNDFQDAFVVDSCVVPEGDFPFPVKALYGLEEYDTQNGIAINLLPLLFSQDFAKDGGPVTSQES
GQKLVSPLCLAPYFRLLRLCVERQHNGNLEEIDGLLDCPIFLTDLEPGEKLESMSAKERSFMCSLIFLTLNWFREIVNAF
CQETSPEMKGKVLTRLKHIVELQIILEKYLAVTPDYVPPLGNFDVETLDITPHTVTAISAKIRKKGKIERKQKTDGSKTS
SSDTLSEEKNSECDPTPSHRGQLNKEFTGKEEKTSLLLHNSHAFFRELDIEVFSILHCGLVTKFILDTEMHTEATEVVQL
GPPELLFLLEDLSQKLESMLTPPIARRVPFLKNKGSRNIGFSHLQQRSAQEIVHCVFQLLTPMCNHLENIHNYFQCLAAE
NHGVVDGPGVKVQEYHIMSSCYQRLLQIFHGLFAWSGFSQPENQNLLYSALHVLSSRLKQGEHSQPLEELLSQSVHYLQN
FHQSIPSFQCALYLIRLLMVILEKSTASAQNKEKIASLARQFLCRVWPSGDKEKSNISNDQLHALLCIYLEHTESILKAI
EEIAGVGVPELINSPKDASSSTFPTLTRHTFVVFFRVMMAELEKTVKKIEPGTAADSQQIHEEKLLYWNMAVRDFSILIN
LIKVFDSHPVLHVCLKYGRLFVEAFLKQCMPLLDFSFRKHREDVLSLLETFQLDTRLLHHLCGHSKIHQDTRLTQHVPLL
KKTLELLVCRVKAMLTLNNCREAFWLGNLKNRDLQGEEIKSQNSQESTADESEDDMSSQASKSKATEDGEEDEVSAGEKE
QDSDESYDDSD
;
B
3 'polydeoxyribonucleotide'
;(DA)(DA)(DA)(DA)(DA)(DA)(DA)(DA)(DA)(DA)(DA)(DA)(DA)(DA)(DA)(DA)(DA)(DA)(DA)(DA)
(DA)(DA)(DA)(DA)(DA)(DA)(DA)
;
W
4 'polydeoxyribonucleotide' (DT)(DT)(DT)(DT)(DT)(DT)(DT)(DT)(DT)(DT)(DT)(DT)(DT)(DT)(DT)(DT)(DT)(DT) X
5 'polydeoxyribonucleotide' (DA)(DA)(DA)(DA)(DA)(DA)(DA)(DA)(DA)(DA)(DA)(DA)(DA)(DA)(DA) Y
6 'polydeoxyribonucleotide' (DT)(DT)(DT)(DT)(DT)(DT)(DT)(DT)(DT)(DT)(DT)(DT)(DT)(DT)(DT)(DT) Z
#
loop_
_chem_comp.id
_chem_comp.type
_chem_comp.name
_chem_comp.formula
DA DNA linking 2'-DEOXYADENOSINE-5'-MONOPHOSPHATE 'C10 H14 N5 O6 P'
DT DNA linking THYMIDINE-5'-MONOPHOSPHATE 'C10 H15 N2 O8 P'
#
# COMPACT_ATOMS: atom_id res chain seq x y z
N MET A 1 22.00 -69.87 -5.64
CA MET A 1 20.75 -70.04 -6.48
C MET A 1 20.58 -68.87 -7.46
N ASP A 2 20.95 -67.66 -7.04
CA ASP A 2 20.78 -66.41 -7.81
C ASP A 2 21.92 -66.20 -8.81
N GLN A 3 23.08 -66.81 -8.55
CA GLN A 3 24.32 -66.58 -9.32
C GLN A 3 24.16 -67.09 -10.75
N LYS A 4 23.44 -68.19 -10.96
CA LYS A 4 23.17 -68.71 -12.32
C LYS A 4 22.23 -67.77 -13.07
N ILE A 5 21.34 -67.10 -12.36
CA ILE A 5 20.44 -66.08 -13.00
C ILE A 5 21.30 -64.91 -13.45
N LEU A 6 22.24 -64.46 -12.62
CA LEU A 6 23.15 -63.36 -12.99
C LEU A 6 24.03 -63.78 -14.17
N SER A 7 24.55 -65.01 -14.15
CA SER A 7 25.47 -65.52 -15.18
C SER A 7 24.74 -65.71 -16.51
N LEU A 8 23.46 -66.07 -16.48
CA LEU A 8 22.66 -66.16 -17.73
C LEU A 8 22.25 -64.76 -18.18
N ALA A 9 22.08 -63.81 -17.26
CA ALA A 9 21.69 -62.43 -17.60
C ALA A 9 22.89 -61.63 -18.09
N ALA A 10 24.11 -62.11 -17.90
CA ALA A 10 25.35 -61.36 -18.22
C ALA A 10 25.47 -61.09 -19.72
N GLU A 11 25.30 -62.12 -20.56
CA GLU A 11 25.69 -62.04 -21.99
C GLU A 11 24.50 -61.58 -22.86
N LYS A 12 23.38 -62.30 -22.81
CA LYS A 12 22.27 -62.11 -23.77
C LYS A 12 20.92 -62.35 -23.09
N THR A 13 19.86 -61.99 -23.82
CA THR A 13 18.46 -61.98 -23.33
C THR A 13 17.64 -63.03 -24.10
N ALA A 14 16.65 -63.60 -23.42
CA ALA A 14 15.51 -64.36 -23.98
C ALA A 14 15.95 -65.65 -24.71
N ASP A 15 17.14 -66.18 -24.42
CA ASP A 15 17.68 -67.39 -25.08
C ASP A 15 18.12 -68.45 -24.06
N LYS A 16 18.40 -68.05 -22.82
CA LYS A 16 18.79 -68.98 -21.72
C LYS A 16 18.05 -68.62 -20.43
N LEU A 17 17.72 -67.35 -20.23
CA LEU A 17 17.01 -66.91 -19.01
C LEU A 17 15.58 -67.45 -19.01
N GLN A 18 14.93 -67.45 -20.17
CA GLN A 18 13.58 -68.05 -20.32
C GLN A 18 13.65 -69.55 -20.03
N GLU A 19 14.70 -70.21 -20.53
CA GLU A 19 14.86 -71.68 -20.40
C GLU A 19 15.12 -72.05 -18.94
N PHE A 20 15.88 -71.23 -18.21
CA PHE A 20 16.04 -71.42 -16.75
C PHE A 20 14.73 -71.09 -16.03
N LEU A 21 13.93 -70.17 -16.56
CA LEU A 21 12.65 -69.78 -15.93
C LEU A 21 11.62 -70.92 -16.04
N GLN A 22 11.74 -71.80 -17.04
CA GLN A 22 10.89 -73.02 -17.12
C GLN A 22 11.54 -74.23 -16.40
N THR A 23 12.48 -74.02 -15.48
CA THR A 23 12.98 -75.09 -14.57
C THR A 23 12.35 -74.91 -13.18
N LEU A 24 12.67 -73.79 -12.52
CA LEU A 24 12.07 -73.41 -11.21
C LEU A 24 10.76 -72.68 -11.49
N ARG A 25 9.64 -73.31 -11.18
CA ARG A 25 8.30 -72.82 -11.55
C ARG A 25 7.66 -72.05 -10.38
N GLU A 26 7.90 -72.48 -9.14
CA GLU A 26 7.26 -71.88 -7.95
C GLU A 26 8.31 -71.57 -6.89
N GLY A 27 7.89 -70.79 -5.88
CA GLY A 27 8.71 -70.45 -4.72
C GLY A 27 9.62 -69.27 -4.98
N ASP A 28 9.08 -68.22 -5.61
CA ASP A 28 9.74 -66.90 -5.76
C ASP A 28 9.43 -66.00 -4.57
N LEU A 29 8.38 -66.29 -3.81
CA LEU A 29 8.02 -65.52 -2.58
C LEU A 29 9.17 -65.61 -1.55
N THR A 30 9.45 -66.83 -1.07
CA THR A 30 10.45 -67.08 -0.01
C THR A 30 11.86 -66.79 -0.53
N ASN A 31 12.07 -66.87 -1.85
CA ASN A 31 13.34 -66.45 -2.49
C ASN A 31 13.58 -64.96 -2.22
N LEU A 32 12.59 -64.12 -2.50
CA LEU A 32 12.74 -62.67 -2.28
C LEU A 32 12.69 -62.33 -0.79
N LEU A 33 12.06 -63.18 0.02
CA LEU A 33 12.04 -62.99 1.49
C LEU A 33 13.46 -63.21 2.06
N GLN A 34 14.12 -64.31 1.69
CA GLN A 34 15.52 -64.55 2.14
C GLN A 34 16.44 -63.52 1.46
N ASN A 35 16.07 -63.01 0.28
CA ASN A 35 16.90 -62.02 -0.44
C ASN A 35 16.88 -60.68 0.30
N GLN A 36 15.71 -60.22 0.72
CA GLN A 36 15.63 -58.99 1.56
C GLN A 36 16.21 -59.26 2.95
N ALA A 37 16.21 -60.51 3.41
CA ALA A 37 16.88 -60.89 4.67
C ALA A 37 18.40 -60.71 4.53
N VAL A 38 18.97 -60.97 3.36
CA VAL A 38 20.44 -60.90 3.16
C VAL A 38 20.85 -59.52 2.62
N LYS A 39 20.27 -59.08 1.49
CA LYS A 39 20.68 -57.83 0.82
C LYS A 39 19.65 -57.38 -0.23
N GLY A 40 19.22 -56.12 -0.17
CA GLY A 40 18.22 -55.54 -1.09
C GLY A 40 18.77 -55.24 -2.48
N LYS A 41 20.07 -54.96 -2.59
CA LYS A 41 20.71 -54.70 -3.91
C LYS A 41 20.66 -55.96 -4.78
N VAL A 42 20.83 -57.12 -4.15
CA VAL A 42 20.73 -58.43 -4.85
C VAL A 42 19.29 -58.61 -5.33
N ALA A 43 18.30 -58.13 -4.57
CA ALA A 43 16.88 -58.23 -4.95
C ALA A 43 16.59 -57.36 -6.17
N GLY A 44 17.15 -56.14 -6.21
CA GLY A 44 17.02 -55.29 -7.42
C GLY A 44 17.73 -55.90 -8.61
N ALA A 45 18.88 -56.54 -8.38
CA ALA A 45 19.64 -57.24 -9.43
C ALA A 45 18.80 -58.38 -10.01
N LEU A 46 18.17 -59.17 -9.15
CA LEU A 46 17.31 -60.29 -9.59
C LEU A 46 16.05 -59.74 -10.27
N LEU A 47 15.54 -58.60 -9.82
CA LEU A 47 14.33 -58.01 -10.46
C LEU A 47 14.66 -57.58 -11.89
N ARG A 48 15.82 -56.94 -12.06
CA ARG A 48 16.27 -56.56 -13.42
C ARG A 48 16.51 -57.81 -14.26
N ALA A 49 17.09 -58.85 -13.66
CA ALA A 49 17.41 -60.11 -14.38
C ALA A 49 16.12 -60.79 -14.84
N ILE A 50 15.12 -60.84 -13.98
CA ILE A 50 13.82 -61.49 -14.30
C ILE A 50 13.11 -60.66 -15.37
N PHE A 51 13.11 -59.34 -15.20
CA PHE A 51 12.37 -58.44 -16.12
C PHE A 51 13.02 -58.43 -17.50
N LYS A 52 14.33 -58.62 -17.60
CA LYS A 52 14.97 -58.75 -18.93
C LYS A 52 14.85 -60.20 -19.43
N GLY A 53 14.76 -61.17 -18.53
CA GLY A 53 14.59 -62.58 -18.89
C GLY A 53 13.15 -62.93 -19.23
N SER A 54 12.18 -62.07 -18.87
CA SER A 54 10.75 -62.25 -19.16
C SER A 54 10.25 -61.08 -19.98
N PRO A 55 10.37 -61.10 -21.32
CA PRO A 55 9.76 -60.07 -22.16
C PRO A 55 8.24 -60.20 -22.19
N CYS A 56 7.59 -59.18 -22.77
CA CYS A 56 6.12 -59.06 -22.83
C CYS A 56 5.57 -59.34 -24.23
N SER A 57 6.41 -59.80 -25.16
CA SER A 57 5.96 -60.33 -26.47
C SER A 57 5.40 -61.73 -26.27
N GLU A 58 6.15 -62.58 -25.53
CA GLU A 58 5.69 -63.92 -25.10
C GLU A 58 4.79 -63.79 -23.87
N GLU A 59 3.96 -64.82 -23.62
CA GLU A 59 2.87 -64.78 -22.61
C GLU A 59 3.19 -65.64 -21.38
N ALA A 60 4.24 -66.48 -21.41
CA ALA A 60 4.64 -67.31 -20.25
C ALA A 60 5.27 -66.42 -19.18
N GLY A 61 6.09 -65.44 -19.56
CA GLY A 61 6.82 -64.57 -18.63
C GLY A 61 5.94 -63.52 -17.98
N THR A 62 4.84 -63.15 -18.62
CA THR A 62 3.92 -62.12 -18.09
C THR A 62 3.26 -62.62 -16.80
N LEU A 63 3.05 -63.91 -16.67
CA LEU A 63 2.44 -64.51 -15.47
C LEU A 63 3.47 -64.47 -14.32
N ARG A 64 4.74 -64.71 -14.63
CA ARG A 64 5.82 -64.58 -13.61
C ARG A 64 5.94 -63.11 -13.19
N ARG A 65 5.78 -62.20 -14.14
CA ARG A 65 5.81 -60.75 -13.84
C ARG A 65 4.65 -60.38 -12.93
N ARG A 66 3.46 -60.92 -13.21
CA ARG A 66 2.26 -60.63 -12.40
C ARG A 66 2.45 -61.18 -10.99
N LYS A 67 2.97 -62.40 -10.87
CA LYS A 67 3.14 -63.05 -9.55
C LYS A 67 4.20 -62.30 -8.74
N ILE A 68 5.26 -61.84 -9.39
CA ILE A 68 6.31 -61.09 -8.66
C ILE A 68 5.81 -59.69 -8.34
N TYR A 69 4.87 -59.15 -9.12
CA TYR A 69 4.20 -57.87 -8.79
C TYR A 69 3.41 -58.01 -7.52
N THR A 70 2.58 -59.05 -7.43
CA THR A 70 1.74 -59.25 -6.23
C THR A 70 2.64 -59.53 -5.03
N CYS A 71 3.73 -60.28 -5.24
CA CYS A 71 4.70 -60.60 -4.18
C CYS A 71 5.35 -59.33 -3.64
N CYS A 72 5.86 -58.47 -4.50
CA CYS A 72 6.56 -57.23 -4.07
C CYS A 72 5.54 -56.23 -3.50
N ILE A 73 4.34 -56.20 -4.05
CA ILE A 73 3.27 -55.28 -3.58
C ILE A 73 2.88 -55.68 -2.15
N GLN A 74 2.80 -56.98 -1.85
CA GLN A 74 2.47 -57.39 -0.47
C GLN A 74 3.69 -57.15 0.43
N LEU A 75 4.92 -57.38 -0.04
CA LEU A 75 6.09 -57.31 0.87
C LEU A 75 6.54 -55.86 1.08
N VAL A 76 6.15 -54.94 0.21
CA VAL A 76 6.54 -53.51 0.38
C VAL A 76 5.76 -52.90 1.55
N GLU A 77 4.59 -53.44 1.89
CA GLU A 77 3.77 -52.96 3.03
C GLU A 77 4.00 -53.89 4.23
N SER A 78 3.70 -55.17 4.06
CA SER A 78 3.67 -56.17 5.15
C SER A 78 5.09 -56.49 5.63
N GLY A 79 6.00 -56.73 4.68
CA GLY A 79 7.43 -57.00 4.98
C GLY A 79 8.08 -55.74 5.50
N ASP A 80 8.56 -55.78 6.76
CA ASP A 80 9.29 -54.65 7.39
C ASP A 80 10.72 -54.69 6.86
N LEU A 81 10.98 -53.92 5.80
CA LEU A 81 12.29 -53.89 5.13
C LEU A 81 13.10 -52.72 5.69
N GLN A 82 14.26 -52.47 5.09
CA GLN A 82 15.00 -51.19 5.20
C GLN A 82 14.51 -50.28 4.07
N LYS A 83 14.71 -48.97 4.18
CA LYS A 83 14.03 -47.97 3.32
C LYS A 83 14.54 -48.03 1.88
N GLU A 84 15.82 -48.34 1.68
CA GLU A 84 16.44 -48.26 0.34
C GLU A 84 15.86 -49.35 -0.56
N ILE A 85 15.70 -50.56 -0.04
CA ILE A 85 15.10 -51.66 -0.84
C ILE A 85 13.64 -51.35 -1.14
N VAL A 86 12.95 -50.66 -0.23
CA VAL A 86 11.56 -50.21 -0.48
C VAL A 86 11.55 -49.26 -1.69
N SER A 87 12.46 -48.30 -1.70
CA SER A 87 12.54 -47.33 -2.81
C SER A 87 12.91 -48.04 -4.12
N GLU A 88 13.83 -49.01 -4.06
CA GLU A 88 14.27 -49.72 -5.27
C GLU A 88 13.14 -50.60 -5.82
N ILE A 89 12.38 -51.24 -4.95
CA ILE A 89 11.24 -52.09 -5.39
C ILE A 89 10.20 -51.20 -6.08
N ILE A 90 9.83 -50.10 -5.45
CA ILE A 90 8.75 -49.25 -6.01
C ILE A 90 9.25 -48.60 -7.31
N GLY A 91 10.52 -48.21 -7.37
CA GLY A 91 11.10 -47.64 -8.60
C GLY A 91 11.13 -48.65 -9.73
N LEU A 92 11.51 -49.88 -9.43
CA LEU A 92 11.60 -50.96 -10.44
C LEU A 92 10.20 -51.30 -10.96
N LEU A 93 9.22 -51.42 -10.08
CA LEU A 93 7.86 -51.77 -10.52
C LEU A 93 7.28 -50.63 -11.35
N MET A 94 7.46 -49.39 -10.88
CA MET A 94 6.94 -48.19 -11.58
C MET A 94 7.58 -48.07 -12.97
N LEU A 95 8.87 -48.39 -13.07
CA LEU A 95 9.54 -48.36 -14.37
C LEU A 95 8.99 -49.46 -15.30
N GLU A 96 9.02 -50.73 -14.86
CA GLU A 96 8.72 -51.86 -15.78
C GLU A 96 7.21 -52.04 -16.02
N ALA A 97 6.35 -51.26 -15.36
CA ALA A 97 4.87 -51.42 -15.49
C ALA A 97 4.32 -50.80 -16.77
N HIS A 98 5.14 -50.38 -17.74
CA HIS A 98 4.62 -49.85 -19.01
C HIS A 98 4.17 -51.00 -19.91
N HIS A 99 5.03 -52.02 -20.05
CA HIS A 99 4.92 -53.07 -21.08
C HIS A 99 3.88 -54.09 -20.65
N PHE A 100 2.66 -53.92 -21.14
CA PHE A 100 1.51 -54.79 -20.83
C PHE A 100 0.44 -54.63 -21.90
N PRO A 101 -0.53 -55.57 -21.96
CA PRO A 101 -1.83 -55.26 -22.54
C PRO A 101 -2.73 -54.57 -21.50
N GLY A 102 -3.97 -54.32 -21.90
CA GLY A 102 -5.00 -53.73 -21.05
C GLY A 102 -5.31 -54.53 -19.78
N PRO A 103 -5.92 -55.75 -19.92
CA PRO A 103 -6.54 -56.41 -18.77
C PRO A 103 -5.59 -56.81 -17.64
N LEU A 104 -4.29 -56.98 -17.91
CA LEU A 104 -3.34 -57.27 -16.82
C LEU A 104 -3.17 -56.04 -15.93
N LEU A 105 -3.02 -54.86 -16.53
CA LEU A 105 -2.98 -53.60 -15.75
C LEU A 105 -4.33 -53.37 -15.08
N VAL A 106 -5.41 -53.74 -15.75
CA VAL A 106 -6.78 -53.54 -15.20
C VAL A 106 -6.92 -54.39 -13.94
N GLU A 107 -6.49 -55.65 -13.98
CA GLU A 107 -6.63 -56.53 -12.80
C GLU A 107 -5.62 -56.13 -11.72
N LEU A 108 -4.51 -55.52 -12.09
CA LEU A 108 -3.57 -54.93 -11.10
C LEU A 108 -4.26 -53.78 -10.35
N ALA A 109 -4.91 -52.89 -11.09
CA ALA A 109 -5.63 -51.74 -10.50
C ALA A 109 -6.80 -52.25 -9.66
N ASN A 110 -7.46 -53.33 -10.09
CA ASN A 110 -8.58 -53.92 -9.34
C ASN A 110 -8.05 -54.51 -8.04
N GLU A 111 -6.85 -55.09 -8.06
CA GLU A 111 -6.21 -55.62 -6.84
C GLU A 111 -5.89 -54.47 -5.89
N PHE A 112 -5.47 -53.35 -6.43
CA PHE A 112 -5.19 -52.12 -5.63
C PHE A 112 -6.46 -51.61 -4.96
N ILE A 113 -7.54 -51.52 -5.72
CA ILE A 113 -8.84 -51.03 -5.19
C ILE A 113 -9.36 -52.00 -4.12
N SER A 114 -9.32 -53.29 -4.42
CA SER A 114 -9.82 -54.33 -3.49
C SER A 114 -8.94 -54.38 -2.25
N ALA A 115 -7.67 -54.00 -2.35
CA ALA A 115 -6.78 -53.95 -1.18
C ALA A 115 -7.14 -52.74 -0.32
N VAL A 116 -7.33 -51.58 -0.96
CA VAL A 116 -7.53 -50.31 -0.20
C VAL A 116 -8.95 -50.27 0.36
N ARG A 117 -9.85 -51.10 -0.13
CA ARG A 117 -11.16 -51.26 0.55
C ARG A 117 -10.97 -51.97 1.89
N GLU A 118 -10.55 -53.23 1.86
CA GLU A 118 -10.55 -54.10 3.06
C GLU A 118 -9.10 -54.34 3.53
N GLY A 119 -8.23 -54.78 2.62
CA GLY A 119 -6.91 -55.35 2.94
C GLY A 119 -6.03 -54.36 3.69
N SER A 120 -5.54 -54.77 4.86
CA SER A 120 -4.73 -53.89 5.76
C SER A 120 -3.41 -53.55 5.07
N LEU A 121 -3.39 -52.40 4.42
CA LEU A 121 -2.13 -51.83 3.91
C LEU A 121 -1.34 -51.39 5.13
N VAL A 122 -0.33 -52.17 5.50
CA VAL A 122 0.36 -52.07 6.81
C VAL A 122 1.03 -50.72 6.90
N ASN A 123 1.59 -50.25 5.79
CA ASN A 123 2.07 -48.86 5.66
C ASN A 123 1.28 -48.16 4.55
N GLY A 124 1.27 -48.72 3.34
CA GLY A 124 0.60 -48.11 2.18
C GLY A 124 1.56 -47.44 1.22
N LYS A 125 2.83 -47.85 1.21
CA LYS A 125 3.83 -47.34 0.26
C LYS A 125 3.66 -47.96 -1.12
N SER A 126 2.81 -48.98 -1.28
CA SER A 126 2.54 -49.59 -2.61
C SER A 126 1.69 -48.66 -3.46
N LEU A 127 0.99 -47.70 -2.84
CA LEU A 127 0.04 -46.80 -3.53
C LEU A 127 0.70 -45.95 -4.60
N GLU A 128 2.01 -45.68 -4.48
CA GLU A 128 2.79 -44.91 -5.47
C GLU A 128 2.80 -45.61 -6.84
N LEU A 129 2.65 -46.94 -6.87
CA LEU A 129 2.55 -47.69 -8.13
C LEU A 129 1.21 -47.38 -8.82
N LEU A 130 0.18 -47.05 -8.06
CA LEU A 130 -1.23 -46.98 -8.54
C LEU A 130 -1.43 -45.94 -9.63
N PRO A 131 -0.96 -44.66 -9.54
CA PRO A 131 -1.26 -43.69 -10.60
C PRO A 131 -0.55 -44.02 -11.91
N ILE A 132 0.66 -44.58 -11.81
CA ILE A 132 1.49 -44.98 -12.99
C ILE A 132 0.70 -45.93 -13.86
N ILE A 133 0.11 -46.94 -13.24
CA ILE A 133 -0.74 -47.96 -13.92
C ILE A 133 -1.87 -47.25 -14.65
N LEU A 134 -2.57 -46.36 -13.94
CA LEU A 134 -3.71 -45.63 -14.54
C LEU A 134 -3.23 -44.71 -15.66
N THR A 135 -2.02 -44.16 -15.50
CA THR A 135 -1.40 -43.32 -16.55
C THR A 135 -1.14 -44.16 -17.80
N VAL A 136 -0.75 -45.42 -17.64
CA VAL A 136 -0.53 -46.30 -18.81
C VAL A 136 -1.88 -46.60 -19.46
N LEU A 137 -2.94 -46.70 -18.66
CA LEU A 137 -4.31 -46.87 -19.23
C LEU A 137 -4.72 -45.60 -19.99
N ALA A 138 -4.17 -44.43 -19.62
CA ALA A 138 -4.39 -43.19 -20.41
C ALA A 138 -3.79 -43.34 -21.81
N THR A 139 -2.63 -44.00 -21.95
CA THR A 139 -1.87 -44.07 -23.22
C THR A 139 -1.99 -45.44 -23.89
N LYS A 140 -2.69 -46.40 -23.29
CA LYS A 140 -2.87 -47.73 -23.94
C LYS A 140 -3.93 -47.60 -25.03
N LYS A 141 -3.47 -47.45 -26.27
CA LYS A 141 -4.33 -47.32 -27.47
C LYS A 141 -4.65 -48.71 -28.05
N GLU A 142 -4.38 -49.79 -27.31
CA GLU A 142 -4.83 -51.15 -27.68
C GLU A 142 -6.25 -51.32 -27.17
N ASN A 143 -7.15 -51.71 -28.06
CA ASN A 143 -8.60 -51.66 -27.81
C ASN A 143 -9.00 -52.77 -26.84
N LEU A 144 -9.91 -52.45 -25.91
CA LEU A 144 -10.52 -53.43 -24.99
C LEU A 144 -12.01 -53.53 -25.26
N ALA A 145 -12.68 -54.45 -24.58
CA ALA A 145 -14.11 -54.71 -24.79
C ALA A 145 -14.74 -55.18 -23.48
N TYR A 146 -15.84 -54.55 -23.09
CA TYR A 146 -16.62 -54.95 -21.88
C TYR A 146 -18.11 -54.67 -22.11
N LEU A 151 -14.27 -51.21 -24.87
CA LEU A 151 -14.03 -49.85 -24.33
C LEU A 151 -12.63 -49.38 -24.73
N SER A 152 -12.41 -48.07 -24.58
CA SER A 152 -11.06 -47.47 -24.61
C SER A 152 -10.44 -47.57 -23.22
N GLY A 153 -9.10 -47.62 -23.16
CA GLY A 153 -8.37 -47.76 -21.89
C GLY A 153 -8.56 -46.56 -20.99
N GLU A 154 -8.72 -45.37 -21.59
CA GLU A 154 -9.06 -44.14 -20.82
C GLU A 154 -10.42 -44.31 -20.14
N GLU A 155 -11.38 -44.97 -20.79
CA GLU A 155 -12.70 -45.22 -20.18
C GLU A 155 -12.57 -46.22 -19.02
N CYS A 156 -11.67 -47.18 -19.14
CA CYS A 156 -11.34 -48.09 -18.02
C CYS A 156 -10.74 -47.27 -16.87
N LYS A 157 -9.94 -46.26 -17.17
CA LYS A 157 -9.39 -45.36 -16.13
C LYS A 157 -10.53 -44.59 -15.45
N LYS A 158 -11.49 -44.11 -16.22
CA LYS A 158 -12.67 -43.39 -15.66
C LYS A 158 -13.43 -44.33 -14.72
N GLN A 159 -13.67 -45.55 -15.17
CA GLN A 159 -14.49 -46.52 -14.40
C GLN A 159 -13.74 -46.92 -13.13
N LEU A 160 -12.42 -47.13 -13.22
CA LEU A 160 -11.63 -47.55 -12.04
C LEU A 160 -11.55 -46.41 -11.04
N ILE A 161 -11.43 -45.18 -11.52
CA ILE A 161 -11.43 -43.99 -10.62
C ILE A 161 -12.80 -43.88 -9.95
N ASN A 162 -13.88 -44.11 -10.69
CA ASN A 162 -15.24 -44.01 -10.13
C ASN A 162 -15.44 -45.11 -9.10
N THR A 163 -14.89 -46.30 -9.35
CA THR A 163 -15.00 -47.43 -8.40
C THR A 163 -14.18 -47.14 -7.15
N LEU A 164 -13.08 -46.41 -7.30
CA LEU A 164 -12.21 -46.10 -6.15
C LEU A 164 -12.86 -45.03 -5.29
N CYS A 165 -13.38 -43.97 -5.91
CA CYS A 165 -13.95 -42.82 -5.16
C CYS A 165 -15.32 -43.19 -4.57
N SER A 166 -16.11 -44.02 -5.26
CA SER A 166 -17.47 -44.43 -4.79
C SER A 166 -17.38 -45.42 -3.63
N GLY A 167 -16.37 -46.29 -3.62
CA GLY A 167 -16.18 -47.25 -2.53
C GLY A 167 -15.66 -46.58 -1.28
N ARG A 168 -15.67 -47.30 -0.17
CA ARG A 168 -15.21 -46.80 1.13
C ARG A 168 -13.69 -46.61 1.11
N TRP A 169 -13.22 -45.51 1.67
CA TRP A 169 -11.78 -45.26 1.94
C TRP A 169 -11.54 -45.42 3.43
N ASP A 170 -10.36 -45.91 3.77
CA ASP A 170 -9.91 -46.04 5.16
C ASP A 170 -9.48 -44.67 5.62
N GLN A 171 -9.54 -44.45 6.93
CA GLN A 171 -9.22 -43.13 7.53
C GLN A 171 -7.76 -42.75 7.33
N GLN A 172 -6.86 -43.75 7.33
CA GLN A 172 -5.40 -43.51 7.32
C GLN A 172 -4.86 -43.28 5.91
N TYR A 173 -5.66 -43.50 4.86
CA TYR A 173 -5.19 -43.39 3.47
C TYR A 173 -6.06 -42.41 2.67
N VAL A 174 -6.30 -41.23 3.22
CA VAL A 174 -7.03 -40.15 2.48
C VAL A 174 -6.06 -39.09 2.05
N ILE A 175 -5.03 -38.85 2.86
CA ILE A 175 -3.90 -37.97 2.43
C ILE A 175 -3.20 -38.68 1.29
N GLN A 176 -2.89 -39.97 1.43
CA GLN A 176 -2.10 -40.66 0.40
C GLN A 176 -2.93 -40.89 -0.85
N LEU A 177 -4.24 -41.09 -0.70
CA LEU A 177 -5.10 -41.27 -1.90
C LEU A 177 -5.34 -39.94 -2.60
N THR A 178 -5.24 -38.81 -1.91
CA THR A 178 -5.36 -37.51 -2.59
C THR A 178 -4.02 -37.16 -3.24
N SER A 179 -2.91 -37.42 -2.54
CA SER A 179 -1.56 -37.12 -3.07
C SER A 179 -1.29 -37.97 -4.28
N MET A 180 -1.86 -39.16 -4.35
CA MET A 180 -1.72 -40.04 -5.52
C MET A 180 -2.35 -39.38 -6.74
N PHE A 181 -3.51 -38.77 -6.57
CA PHE A 181 -4.35 -38.29 -7.68
C PHE A 181 -3.81 -37.01 -8.28
N LYS A 182 -2.81 -36.43 -7.65
CA LYS A 182 -2.10 -35.22 -8.15
C LYS A 182 -1.33 -35.48 -9.47
N ASP A 183 -1.01 -36.75 -9.74
CA ASP A 183 -0.14 -37.18 -10.87
C ASP A 183 -0.92 -37.92 -11.95
N VAL A 184 -2.18 -38.24 -11.72
CA VAL A 184 -3.01 -38.82 -12.80
C VAL A 184 -3.49 -37.65 -13.66
N PRO A 185 -3.35 -37.71 -15.00
CA PRO A 185 -4.00 -36.72 -15.86
C PRO A 185 -5.51 -36.91 -15.83
N LEU A 186 -6.20 -36.04 -15.09
CA LEU A 186 -7.65 -36.12 -14.88
C LEU A 186 -8.34 -35.05 -15.69
N THR A 187 -9.61 -35.30 -16.03
CA THR A 187 -10.54 -34.26 -16.55
C THR A 187 -11.25 -33.59 -15.37
N ALA A 188 -12.30 -32.83 -15.67
CA ALA A 188 -13.04 -32.08 -14.63
C ALA A 188 -13.82 -33.03 -13.73
N GLU A 189 -14.46 -34.03 -14.34
CA GLU A 189 -15.43 -34.89 -13.62
C GLU A 189 -14.68 -35.78 -12.62
N GLU A 190 -13.53 -36.29 -13.03
CA GLU A 190 -12.73 -37.20 -12.17
C GLU A 190 -12.24 -36.41 -10.96
N VAL A 191 -11.76 -35.20 -11.19
CA VAL A 191 -11.18 -34.41 -10.07
C VAL A 191 -12.33 -33.94 -9.15
N GLU A 192 -13.53 -33.74 -9.71
CA GLU A 192 -14.69 -33.40 -8.85
C GLU A 192 -15.08 -34.62 -8.01
N PHE A 193 -15.01 -35.83 -8.58
CA PHE A 193 -15.25 -37.08 -7.82
C PHE A 193 -14.25 -37.20 -6.67
N VAL A 194 -12.98 -36.90 -6.95
CA VAL A 194 -11.91 -37.08 -5.96
C VAL A 194 -12.10 -36.07 -4.84
N VAL A 195 -12.38 -34.81 -5.17
CA VAL A 195 -12.53 -33.79 -4.11
C VAL A 195 -13.83 -34.06 -3.35
N GLU A 196 -14.85 -34.58 -4.00
CA GLU A 196 -16.13 -34.81 -3.31
C GLU A 196 -15.96 -35.93 -2.28
N LYS A 197 -15.33 -37.04 -2.67
CA LYS A 197 -15.04 -38.13 -1.71
C LYS A 197 -14.11 -37.62 -0.61
N ALA A 198 -13.12 -36.81 -0.95
CA ALA A 198 -12.14 -36.37 0.05
C ALA A 198 -12.82 -35.40 1.02
N LEU A 199 -13.66 -34.47 0.52
CA LEU A 199 -14.35 -33.50 1.40
C LEU A 199 -15.34 -34.28 2.28
N SER A 200 -15.91 -35.36 1.76
CA SER A 200 -16.80 -36.24 2.54
C SER A 200 -16.04 -36.86 3.72
N MET A 201 -14.73 -37.05 3.54
CA MET A 201 -13.92 -37.77 4.55
C MET A 201 -13.42 -36.85 5.66
N PHE A 202 -13.92 -35.62 5.81
CA PHE A 202 -13.34 -34.70 6.82
C PHE A 202 -13.84 -35.03 8.23
N SER A 203 -15.12 -35.38 8.35
CA SER A 203 -15.74 -35.52 9.68
C SER A 203 -15.20 -36.74 10.42
N LYS A 204 -14.52 -37.66 9.72
CA LYS A 204 -14.10 -38.97 10.29
C LYS A 204 -12.59 -39.00 10.48
N MET A 205 -11.99 -37.87 10.81
CA MET A 205 -10.52 -37.79 10.94
C MET A 205 -10.17 -36.98 12.17
N ASN A 206 -8.92 -37.12 12.57
CA ASN A 206 -8.31 -36.23 13.58
C ASN A 206 -8.32 -34.84 13.01
N LEU A 207 -8.52 -33.81 13.82
CA LEU A 207 -8.46 -32.39 13.37
C LEU A 207 -7.07 -32.04 12.87
N GLN A 208 -6.02 -32.56 13.50
CA GLN A 208 -4.64 -32.19 13.12
C GLN A 208 -4.22 -32.84 11.79
N GLU A 209 -5.03 -33.75 11.22
CA GLU A 209 -4.80 -34.37 9.91
C GLU A 209 -5.81 -33.84 8.90
N ILE A 210 -6.37 -32.67 9.19
CA ILE A 210 -7.18 -31.88 8.22
C ILE A 210 -6.35 -30.82 7.49
N PRO A 211 -5.43 -30.06 8.12
CA PRO A 211 -4.61 -29.13 7.33
C PRO A 211 -3.79 -29.75 6.20
N PRO A 212 -3.05 -30.87 6.36
CA PRO A 212 -2.35 -31.38 5.21
C PRO A 212 -3.27 -31.97 4.16
N LEU A 213 -4.42 -32.48 4.55
CA LEU A 213 -5.40 -32.96 3.56
C LEU A 213 -5.93 -31.78 2.76
N VAL A 214 -6.12 -30.63 3.43
CA VAL A 214 -6.55 -29.37 2.76
C VAL A 214 -5.47 -28.90 1.81
N TYR A 215 -4.23 -29.07 2.19
CA TYR A 215 -3.08 -28.65 1.36
C TYR A 215 -3.04 -29.46 0.07
N GLN A 216 -3.21 -30.78 0.16
CA GLN A 216 -3.20 -31.65 -1.04
C GLN A 216 -4.43 -31.33 -1.87
N LEU A 217 -5.55 -30.99 -1.22
CA LEU A 217 -6.78 -30.64 -1.95
C LEU A 217 -6.55 -29.35 -2.71
N LEU A 218 -5.75 -28.42 -2.15
CA LEU A 218 -5.57 -27.06 -2.71
C LEU A 218 -4.64 -27.11 -3.89
N VAL A 219 -3.62 -27.98 -3.85
CA VAL A 219 -2.69 -28.16 -5.00
C VAL A 219 -3.37 -28.97 -6.08
N LEU A 220 -4.36 -29.78 -5.73
CA LEU A 220 -5.10 -30.68 -6.67
C LEU A 220 -6.31 -29.97 -7.24
N SER A 221 -6.70 -28.87 -6.60
CA SER A 221 -7.80 -27.96 -7.00
C SER A 221 -7.47 -27.35 -8.34
N SER A 222 -6.20 -27.02 -8.55
CA SER A 222 -5.74 -26.17 -9.69
C SER A 222 -6.14 -26.77 -11.03
N LYS A 223 -6.56 -28.03 -11.06
CA LYS A 223 -6.93 -28.71 -12.30
C LYS A 223 -8.33 -28.27 -12.75
N GLY A 224 -9.36 -28.53 -11.96
CA GLY A 224 -10.74 -28.19 -12.34
C GLY A 224 -11.49 -27.36 -11.31
N SER A 225 -11.44 -27.77 -10.03
CA SER A 225 -12.58 -27.60 -9.11
C SER A 225 -12.24 -26.79 -7.87
N ARG A 226 -12.29 -25.47 -8.00
CA ARG A 226 -11.81 -24.53 -6.95
C ARG A 226 -12.95 -24.21 -6.00
N LYS A 227 -14.11 -23.89 -6.60
CA LYS A 227 -15.36 -23.56 -5.89
C LYS A 227 -15.70 -24.68 -4.90
N SER A 228 -15.59 -25.93 -5.31
CA SER A 228 -15.98 -27.09 -4.49
C SER A 228 -15.06 -27.21 -3.27
N VAL A 229 -13.77 -26.96 -3.43
CA VAL A 229 -12.82 -27.09 -2.30
C VAL A 229 -13.05 -25.94 -1.32
N LEU A 230 -13.22 -24.74 -1.83
CA LEU A 230 -13.43 -23.56 -0.96
C LEU A 230 -14.77 -23.67 -0.24
N GLU A 231 -15.85 -23.95 -0.97
CA GLU A 231 -17.18 -24.16 -0.38
C GLU A 231 -17.12 -25.26 0.68
N GLY A 232 -16.45 -26.37 0.40
CA GLY A 232 -16.30 -27.50 1.32
C GLY A 232 -15.59 -27.10 2.59
N ILE A 233 -14.47 -26.41 2.53
CA ILE A 233 -13.69 -26.14 3.77
C ILE A 233 -14.37 -25.05 4.58
N ILE A 234 -14.93 -24.05 3.90
CA ILE A 234 -15.68 -22.98 4.60
C ILE A 234 -16.92 -23.58 5.26
N ALA A 235 -17.65 -24.47 4.58
CA ALA A 235 -18.86 -25.06 5.13
C ALA A 235 -18.53 -25.94 6.33
N PHE A 236 -17.50 -26.75 6.20
CA PHE A 236 -17.12 -27.68 7.28
C PHE A 236 -16.68 -26.91 8.51
N PHE A 237 -15.86 -25.89 8.36
CA PHE A 237 -15.36 -25.17 9.54
C PHE A 237 -16.37 -24.16 10.06
N SER A 238 -17.31 -23.70 9.25
CA SER A 238 -18.42 -22.88 9.76
C SER A 238 -19.32 -23.73 10.67
N ALA A 239 -19.60 -24.95 10.26
CA ALA A 239 -20.36 -25.92 11.07
C ALA A 239 -19.63 -26.23 12.37
N LEU A 240 -18.32 -26.38 12.31
CA LEU A 240 -17.56 -26.65 13.55
C LEU A 240 -17.60 -25.45 14.48
N ASP A 241 -17.50 -24.24 13.93
CA ASP A 241 -17.54 -23.01 14.76
C ASP A 241 -18.89 -22.92 15.47
N LYS A 242 -19.96 -23.25 14.75
CA LYS A 242 -21.32 -23.16 15.30
C LYS A 242 -21.52 -24.22 16.38
N GLN A 243 -21.03 -25.44 16.16
CA GLN A 243 -21.15 -26.51 17.19
C GLN A 243 -20.36 -26.13 18.44
N HIS A 244 -19.20 -25.48 18.26
CA HIS A 244 -18.38 -25.03 19.40
C HIS A 244 -19.12 -23.94 20.17
N ASN A 245 -19.84 -23.08 19.45
CA ASN A 245 -20.64 -22.00 20.09
C ASN A 245 -21.80 -22.61 20.89
N GLU A 246 -22.41 -23.68 20.38
CA GLU A 246 -23.53 -24.33 21.11
C GLU A 246 -23.01 -25.11 22.33
N GLU A 247 -21.83 -25.73 22.19
CA GLU A 247 -21.19 -26.48 23.31
C GLU A 247 -20.73 -25.48 24.39
N GLN A 248 -20.36 -24.25 24.00
CA GLN A 248 -19.94 -23.21 24.97
C GLN A 248 -21.17 -22.71 25.73
N SER A 249 -22.37 -22.85 25.15
CA SER A 249 -23.63 -22.41 25.79
C SER A 249 -23.98 -23.31 26.98
N PRO A 260 -11.82 -29.47 22.59
CA PRO A 260 -10.71 -28.89 21.81
C PRO A 260 -9.92 -27.79 22.53
N SER A 261 -10.36 -24.37 23.24
CA SER A 261 -10.51 -23.83 21.86
C SER A 261 -9.19 -23.76 21.09
N GLY A 262 -8.04 -23.92 21.77
CA GLY A 262 -6.68 -23.81 21.19
C GLY A 262 -6.35 -24.89 20.17
N GLU A 263 -7.18 -25.94 20.07
CA GLU A 263 -7.11 -26.92 18.97
C GLU A 263 -7.79 -26.30 17.76
N LEU A 264 -9.02 -25.80 17.94
CA LEU A 264 -9.81 -25.39 16.78
C LEU A 264 -9.20 -24.14 16.17
N ARG A 265 -8.70 -23.23 17.00
CA ARG A 265 -8.12 -21.96 16.49
C ARG A 265 -6.79 -22.24 15.83
N HIS A 266 -5.96 -23.11 16.39
CA HIS A 266 -4.68 -23.46 15.73
C HIS A 266 -4.86 -24.35 14.52
N VAL A 267 -6.04 -24.92 14.31
CA VAL A 267 -6.31 -25.62 13.04
C VAL A 267 -6.78 -24.58 12.05
N GLU A 268 -7.71 -23.71 12.43
CA GLU A 268 -8.20 -22.69 11.46
C GLU A 268 -7.08 -21.70 11.14
N GLY A 269 -6.15 -21.48 12.09
CA GLY A 269 -4.98 -20.63 11.86
C GLY A 269 -3.90 -21.30 11.03
N THR A 270 -4.16 -22.46 10.44
CA THR A 270 -3.27 -23.08 9.43
C THR A 270 -4.03 -23.51 8.20
N ILE A 271 -5.34 -23.64 8.26
CA ILE A 271 -6.10 -23.74 6.99
C ILE A 271 -6.17 -22.38 6.36
N ILE A 272 -6.14 -21.31 7.16
CA ILE A 272 -6.29 -19.95 6.58
C ILE A 272 -5.01 -19.57 5.84
N LEU A 273 -3.87 -19.94 6.35
CA LEU A 273 -2.61 -19.63 5.67
C LEU A 273 -2.51 -20.44 4.39
N HIS A 274 -3.00 -21.66 4.36
CA HIS A 274 -2.93 -22.49 3.15
C HIS A 274 -3.79 -21.84 2.09
N ILE A 275 -4.92 -21.27 2.43
CA ILE A 275 -5.78 -20.77 1.36
C ILE A 275 -5.24 -19.47 0.85
N VAL A 276 -4.51 -18.74 1.71
CA VAL A 276 -3.88 -17.42 1.38
C VAL A 276 -2.69 -17.70 0.51
N PHE A 277 -1.82 -18.64 0.85
CA PHE A 277 -0.68 -19.01 -0.02
C PHE A 277 -1.08 -19.57 -1.34
N ALA A 278 -2.09 -20.35 -1.38
CA ALA A 278 -2.60 -20.87 -2.64
C ALA A 278 -3.25 -19.79 -3.46
N ILE A 279 -3.68 -18.69 -2.86
CA ILE A 279 -4.24 -17.53 -3.61
C ILE A 279 -3.10 -16.69 -4.15
N LYS A 280 -1.98 -16.62 -3.42
CA LYS A 280 -0.77 -15.93 -3.90
C LYS A 280 -0.18 -16.61 -5.13
N LEU A 281 0.01 -17.92 -5.07
CA LEU A 281 0.51 -18.73 -6.21
C LEU A 281 -0.55 -18.82 -7.30
N ASP A 282 -1.83 -18.57 -7.02
CA ASP A 282 -2.92 -18.73 -8.01
C ASP A 282 -4.00 -17.68 -7.85
N TYR A 283 -4.03 -16.71 -8.74
CA TYR A 283 -4.88 -15.52 -8.57
C TYR A 283 -6.31 -15.73 -9.04
N GLU A 284 -6.72 -16.99 -9.26
CA GLU A 284 -8.11 -17.32 -9.62
C GLU A 284 -8.77 -18.02 -8.44
N LEU A 285 -8.02 -18.65 -7.56
CA LEU A 285 -8.61 -19.13 -6.30
C LEU A 285 -9.13 -17.95 -5.48
N GLY A 286 -8.45 -16.81 -5.50
CA GLY A 286 -8.94 -15.64 -4.80
C GLY A 286 -10.18 -15.09 -5.45
N ARG A 287 -10.28 -15.07 -6.77
CA ARG A 287 -11.51 -14.54 -7.40
C ARG A 287 -12.66 -15.48 -7.11
N GLU A 288 -12.40 -16.77 -7.02
CA GLU A 288 -13.46 -17.71 -6.69
C GLU A 288 -13.92 -17.50 -5.25
N LEU A 289 -13.01 -17.21 -4.33
CA LEU A 289 -13.38 -16.94 -2.93
C LEU A 289 -14.19 -15.65 -2.81
N VAL A 290 -13.80 -14.60 -3.51
CA VAL A 290 -14.50 -13.31 -3.43
C VAL A 290 -15.87 -13.44 -4.09
N LYS A 291 -15.98 -14.12 -5.22
CA LYS A 291 -17.29 -14.30 -5.89
C LYS A 291 -18.20 -15.17 -5.03
N HIS A 292 -17.66 -16.18 -4.40
CA HIS A 292 -18.48 -17.11 -3.59
C HIS A 292 -18.91 -16.48 -2.27
N LEU A 293 -18.23 -15.50 -1.72
CA LEU A 293 -18.62 -14.91 -0.42
C LEU A 293 -19.34 -13.58 -0.54
N LYS A 294 -19.46 -12.99 -1.73
CA LYS A 294 -19.97 -11.62 -1.82
C LYS A 294 -21.43 -11.60 -1.36
N VAL A 295 -21.76 -10.59 -0.56
CA VAL A 295 -23.10 -10.42 0.05
C VAL A 295 -23.97 -9.78 -1.00
N GLY A 296 -23.50 -8.66 -1.56
CA GLY A 296 -24.31 -7.86 -2.49
C GLY A 296 -24.55 -8.61 -3.81
N GLN A 297 -25.38 -9.66 -3.78
CA GLN A 297 -25.79 -10.44 -4.97
C GLN A 297 -26.90 -9.64 -5.67
N GLN A 298 -27.94 -9.27 -4.93
CA GLN A 298 -28.69 -8.02 -5.27
C GLN A 298 -28.85 -7.13 -4.03
N GLY A 299 -29.44 -7.64 -2.94
CA GLY A 299 -29.46 -6.99 -1.61
C GLY A 299 -29.14 -7.96 -0.46
N ASP A 300 -29.41 -9.26 -0.67
CA ASP A 300 -29.68 -10.22 0.43
C ASP A 300 -28.35 -10.64 1.05
N SER A 301 -28.37 -10.74 2.37
CA SER A 301 -27.24 -11.23 3.18
C SER A 301 -27.25 -12.76 3.12
N ASN A 302 -26.08 -13.35 2.77
CA ASN A 302 -25.92 -14.80 2.67
C ASN A 302 -25.40 -15.38 4.00
N ASN A 303 -25.67 -16.67 4.19
CA ASN A 303 -25.16 -17.49 5.31
C ASN A 303 -23.88 -18.19 4.91
N ASN A 304 -23.15 -17.67 3.91
CA ASN A 304 -21.77 -18.16 3.63
C ASN A 304 -20.74 -17.43 4.51
N LEU A 305 -21.11 -16.24 5.04
CA LEU A 305 -20.25 -15.51 5.98
C LEU A 305 -20.44 -16.10 7.35
N SER A 306 -19.33 -16.33 8.00
CA SER A 306 -19.22 -16.81 9.38
C SER A 306 -17.95 -16.29 10.00
N PRO A 307 -17.74 -16.37 11.29
CA PRO A 307 -16.43 -16.07 11.82
C PRO A 307 -15.20 -16.69 11.18
N PHE A 308 -15.29 -17.93 10.60
CA PHE A 308 -14.21 -18.58 9.81
C PHE A 308 -14.19 -17.83 8.50
N SER A 309 -15.22 -17.85 7.73
CA SER A 309 -15.13 -17.29 6.38
C SER A 309 -14.85 -15.83 6.34
N ILE A 310 -14.88 -15.08 7.44
CA ILE A 310 -14.58 -13.60 7.52
C ILE A 310 -13.14 -13.48 7.94
N ALA A 311 -12.66 -14.29 8.85
CA ALA A 311 -11.24 -14.32 9.16
C ALA A 311 -10.47 -14.62 7.90
N LEU A 312 -10.98 -15.45 7.02
CA LEU A 312 -10.27 -15.75 5.77
C LEU A 312 -10.25 -14.56 4.87
N LEU A 313 -11.30 -13.80 4.80
CA LEU A 313 -11.28 -12.55 3.99
C LEU A 313 -10.31 -11.55 4.57
N LEU A 314 -10.17 -11.46 5.86
CA LEU A 314 -9.32 -10.44 6.43
C LEU A 314 -7.88 -10.82 6.21
N SER A 315 -7.55 -12.12 6.14
CA SER A 315 -6.18 -12.58 5.88
C SER A 315 -5.86 -12.43 4.40
N VAL A 316 -6.80 -12.51 3.50
CA VAL A 316 -6.53 -12.37 2.07
C VAL A 316 -6.34 -10.91 1.72
N THR A 317 -6.56 -9.95 2.60
CA THR A 317 -6.36 -8.49 2.38
C THR A 317 -4.92 -8.14 2.41
N ARG A 318 -4.08 -9.00 2.98
CA ARG A 318 -2.62 -8.76 2.91
C ARG A 318 -2.01 -9.30 1.60
N ILE A 319 -2.76 -9.96 0.77
CA ILE A 319 -2.39 -10.07 -0.64
C ILE A 319 -2.83 -8.79 -1.30
N GLN A 320 -1.90 -8.08 -1.93
CA GLN A 320 -2.03 -6.64 -2.31
C GLN A 320 -3.00 -6.42 -3.47
N ARG A 321 -3.23 -7.43 -4.28
CA ARG A 321 -4.21 -7.34 -5.38
C ARG A 321 -5.65 -7.41 -4.86
N PHE A 322 -5.89 -8.04 -3.73
CA PHE A 322 -7.26 -8.27 -3.25
C PHE A 322 -7.63 -7.28 -2.16
N GLN A 323 -6.78 -6.33 -1.77
CA GLN A 323 -6.98 -5.57 -0.53
C GLN A 323 -8.19 -4.67 -0.66
N ASP A 324 -8.24 -3.87 -1.69
CA ASP A 324 -9.37 -2.92 -1.82
C ASP A 324 -10.65 -3.70 -2.07
N GLN A 325 -10.58 -4.74 -2.87
CA GLN A 325 -11.74 -5.56 -3.24
C GLN A 325 -12.33 -6.23 -2.01
N VAL A 326 -11.52 -6.83 -1.19
CA VAL A 326 -12.06 -7.54 -0.01
C VAL A 326 -12.52 -6.56 1.07
N LEU A 327 -11.86 -5.44 1.27
CA LEU A 327 -12.32 -4.46 2.30
C LEU A 327 -13.60 -3.85 1.84
N ASP A 328 -13.75 -3.56 0.56
CA ASP A 328 -15.03 -3.02 0.09
C ASP A 328 -16.13 -4.05 0.19
N LEU A 329 -15.80 -5.28 -0.01
CA LEU A 329 -16.77 -6.37 0.20
C LEU A 329 -17.25 -6.44 1.66
N LEU A 330 -16.38 -6.39 2.64
CA LEU A 330 -16.82 -6.45 4.05
C LEU A 330 -17.53 -5.17 4.43
N LYS A 331 -17.21 -4.05 3.80
CA LYS A 331 -17.88 -2.78 4.13
C LYS A 331 -19.34 -2.89 3.65
N THR A 332 -19.59 -3.29 2.41
CA THR A 332 -20.99 -3.39 1.98
C THR A 332 -21.71 -4.53 2.67
N SER A 333 -21.00 -5.56 3.03
CA SER A 333 -21.56 -6.66 3.85
C SER A 333 -21.93 -6.28 5.28
N VAL A 334 -21.42 -5.17 5.81
CA VAL A 334 -21.78 -4.64 7.16
C VAL A 334 -22.96 -3.68 7.07
N VAL A 335 -22.97 -2.82 6.10
CA VAL A 335 -24.10 -1.88 5.92
C VAL A 335 -25.39 -2.68 5.55
N LYS A 336 -25.26 -3.72 4.73
CA LYS A 336 -26.45 -4.49 4.38
C LYS A 336 -27.00 -5.14 5.61
N SER A 337 -26.15 -5.62 6.48
CA SER A 337 -26.62 -6.31 7.68
C SER A 337 -27.42 -5.35 8.54
N PHE A 338 -26.95 -4.12 8.66
CA PHE A 338 -27.64 -3.14 9.54
C PHE A 338 -28.93 -2.70 8.91
N LYS A 339 -29.00 -2.61 7.59
CA LYS A 339 -30.30 -2.31 6.94
C LYS A 339 -31.33 -3.39 7.21
N ASP A 340 -30.92 -4.64 7.10
CA ASP A 340 -31.79 -5.81 7.36
C ASP A 340 -32.31 -5.79 8.80
N LEU A 341 -31.41 -5.53 9.73
CA LEU A 341 -31.75 -5.55 11.17
C LEU A 341 -32.72 -4.41 11.49
N GLN A 342 -32.54 -3.25 10.88
CA GLN A 342 -33.42 -2.10 11.14
C GLN A 342 -34.81 -2.44 10.60
N LEU A 343 -34.87 -3.05 9.42
CA LEU A 343 -36.15 -3.43 8.78
C LEU A 343 -36.90 -4.43 9.65
N LEU A 344 -36.25 -5.45 10.19
CA LEU A 344 -36.94 -6.42 11.06
C LEU A 344 -37.34 -5.75 12.35
N GLN A 345 -36.49 -4.92 12.95
CA GLN A 345 -36.78 -4.38 14.30
C GLN A 345 -37.93 -3.41 14.23
N GLY A 346 -38.18 -2.79 13.09
CA GLY A 346 -39.29 -1.83 12.95
C GLY A 346 -40.66 -2.45 12.71
N SER A 347 -40.78 -3.78 12.65
CA SER A 347 -42.02 -4.47 12.21
C SER A 347 -42.14 -5.86 12.83
N LYS A 348 -43.30 -6.17 13.41
CA LYS A 348 -43.53 -7.43 14.14
C LYS A 348 -43.80 -8.53 13.11
N PHE A 349 -44.48 -8.20 12.01
CA PHE A 349 -44.86 -9.14 10.94
C PHE A 349 -43.63 -9.86 10.40
N LEU A 350 -42.53 -9.15 10.29
CA LEU A 350 -41.28 -9.81 9.89
C LEU A 350 -40.63 -10.55 11.06
N GLN A 351 -40.96 -10.20 12.30
CA GLN A 351 -40.33 -10.85 13.48
C GLN A 351 -40.94 -12.24 13.64
N ASN A 352 -42.22 -12.36 13.29
CA ASN A 352 -42.92 -13.66 13.40
C ASN A 352 -42.28 -14.64 12.41
N LEU A 353 -41.90 -14.22 11.19
CA LEU A 353 -41.56 -15.17 10.11
C LEU A 353 -40.10 -15.53 10.24
N VAL A 354 -39.30 -14.52 10.20
CA VAL A 354 -37.85 -14.73 10.10
C VAL A 354 -37.32 -15.17 11.47
N PRO A 355 -36.70 -16.35 11.57
CA PRO A 355 -36.00 -16.74 12.79
C PRO A 355 -34.62 -16.08 12.92
N HIS A 356 -34.32 -15.70 14.16
CA HIS A 356 -33.28 -14.69 14.52
C HIS A 356 -31.90 -15.10 14.01
N ARG A 357 -31.45 -14.35 13.03
CA ARG A 357 -30.19 -14.66 12.33
C ARG A 357 -29.04 -13.93 13.02
N SER A 358 -27.89 -14.57 13.10
CA SER A 358 -26.68 -13.84 13.51
C SER A 358 -26.40 -12.86 12.40
N TYR A 359 -25.98 -11.66 12.78
CA TYR A 359 -25.60 -10.59 11.84
C TYR A 359 -24.09 -10.40 11.75
N VAL A 360 -23.69 -9.74 10.68
CA VAL A 360 -22.24 -9.60 10.34
C VAL A 360 -21.53 -8.84 11.44
N SER A 361 -22.20 -7.91 12.08
CA SER A 361 -21.70 -7.23 13.30
C SER A 361 -21.27 -8.20 14.39
N THR A 362 -22.11 -9.18 14.71
CA THR A 362 -21.77 -10.13 15.78
C THR A 362 -20.67 -11.09 15.34
N MET A 363 -20.63 -11.38 14.04
CA MET A 363 -19.60 -12.28 13.50
C MET A 363 -18.26 -11.61 13.57
N ILE A 364 -18.19 -10.32 13.20
CA ILE A 364 -16.91 -9.56 13.21
C ILE A 364 -16.40 -9.42 14.65
N LEU A 365 -17.31 -9.15 15.56
CA LEU A 365 -16.85 -9.00 16.93
C LEU A 365 -16.50 -10.35 17.50
N GLU A 366 -16.86 -11.45 16.84
CA GLU A 366 -16.41 -12.81 17.27
C GLU A 366 -15.01 -13.06 16.70
N VAL A 367 -14.74 -12.58 15.49
CA VAL A 367 -13.41 -12.69 14.87
C VAL A 367 -12.36 -12.00 15.75
N VAL A 368 -12.70 -10.85 16.29
CA VAL A 368 -11.75 -10.04 17.08
C VAL A 368 -11.48 -10.79 18.35
N LYS A 369 -12.49 -11.47 18.93
CA LYS A 369 -12.26 -12.30 20.14
C LYS A 369 -11.36 -13.48 19.81
N ASN A 370 -11.63 -14.11 18.67
CA ASN A 370 -10.94 -15.36 18.24
C ASN A 370 -9.47 -15.06 17.98
N SER A 371 -9.13 -13.84 17.58
CA SER A 371 -7.81 -13.55 17.00
C SER A 371 -6.76 -13.42 18.08
N VAL A 372 -7.16 -13.55 19.33
CA VAL A 372 -6.24 -13.32 20.46
C VAL A 372 -5.05 -14.26 20.33
N HIS A 373 -5.27 -15.52 19.93
CA HIS A 373 -4.27 -16.61 20.13
C HIS A 373 -3.00 -16.39 19.31
N SER A 374 -3.10 -16.51 17.98
CA SER A 374 -1.93 -16.52 17.07
C SER A 374 -2.25 -15.88 15.71
N TRP A 375 -3.42 -15.31 15.56
CA TRP A 375 -3.94 -14.95 14.22
C TRP A 375 -3.46 -13.58 13.76
N ASP A 376 -2.28 -13.07 14.19
CA ASP A 376 -1.73 -11.69 13.89
C ASP A 376 -1.99 -11.31 12.40
N HIS A 377 -2.09 -12.37 11.52
CA HIS A 377 -2.38 -12.21 10.07
C HIS A 377 -3.73 -11.57 9.87
N VAL A 378 -4.66 -11.94 10.71
CA VAL A 378 -6.02 -11.35 10.63
C VAL A 378 -6.05 -9.91 11.08
N THR A 379 -5.34 -9.57 12.18
CA THR A 379 -5.58 -8.34 12.94
C THR A 379 -5.08 -7.09 12.24
N GLN A 380 -4.15 -7.15 11.35
CA GLN A 380 -3.81 -5.98 10.53
C GLN A 380 -4.87 -5.73 9.48
N GLY A 381 -5.77 -6.64 9.26
CA GLY A 381 -6.89 -6.36 8.38
C GLY A 381 -8.10 -5.96 9.16
N LEU A 382 -8.18 -6.36 10.40
CA LEU A 382 -9.23 -5.81 11.28
C LEU A 382 -9.02 -4.29 11.42
N VAL A 383 -7.80 -3.84 11.65
CA VAL A 383 -7.53 -2.43 11.83
C VAL A 383 -7.91 -1.66 10.58
N GLU A 384 -7.65 -2.19 9.41
CA GLU A 384 -8.00 -1.47 8.18
C GLU A 384 -9.51 -1.45 7.97
N LEU A 385 -10.22 -2.46 8.40
CA LEU A 385 -11.68 -2.44 8.20
C LEU A 385 -12.24 -1.42 9.18
N GLY A 386 -11.71 -1.35 10.39
CA GLY A 386 -12.18 -0.42 11.40
C GLY A 386 -12.12 0.96 10.86
N PHE A 387 -11.00 1.35 10.31
CA PHE A 387 -10.82 2.75 9.95
C PHE A 387 -11.51 2.98 8.65
N ILE A 388 -11.81 1.96 7.82
CA ILE A 388 -12.63 2.16 6.58
C ILE A 388 -14.11 2.39 6.92
N LEU A 389 -14.60 1.68 7.90
CA LEU A 389 -15.97 1.89 8.40
C LEU A 389 -16.07 3.26 9.03
N MET A 390 -15.17 3.64 9.92
CA MET A 390 -15.26 4.98 10.53
C MET A 390 -15.03 6.08 9.49
N ASP A 391 -14.04 5.96 8.62
CA ASP A 391 -13.71 7.02 7.65
C ASP A 391 -14.86 7.21 6.68
N SER A 392 -15.54 6.15 6.29
CA SER A 392 -16.55 6.20 5.22
C SER A 392 -17.92 6.58 5.72
N TYR A 393 -18.25 6.21 6.95
CA TYR A 393 -19.60 6.42 7.53
C TYR A 393 -19.68 7.44 8.67
N GLY A 394 -18.63 8.18 8.94
CA GLY A 394 -18.70 9.20 9.98
C GLY A 394 -19.65 10.31 9.59
N PRO A 395 -20.01 11.16 10.55
CA PRO A 395 -20.97 12.20 10.26
C PRO A 395 -20.38 13.14 9.21
N LYS A 396 -21.30 13.91 8.62
CA LYS A 396 -21.00 15.20 7.96
C LYS A 396 -22.19 16.13 7.97
N LYS A 397 -23.42 15.58 8.11
CA LYS A 397 -24.73 16.27 7.84
C LYS A 397 -25.04 17.31 8.93
N VAL A 398 -24.49 17.09 10.14
CA VAL A 398 -24.34 18.13 11.20
C VAL A 398 -22.82 18.42 11.31
N LEU A 399 -22.46 19.70 11.15
CA LEU A 399 -21.06 20.17 11.12
C LEU A 399 -20.90 21.33 12.11
N PRO A 408 -34.15 12.00 9.87
CA PRO A 408 -33.74 11.01 8.87
C PRO A 408 -33.32 9.68 9.50
N SER A 409 -33.55 8.57 8.80
CA SER A 409 -33.29 7.21 9.31
C SER A 409 -32.30 6.47 8.42
N LEU A 410 -32.47 6.49 7.10
CA LEU A 410 -31.72 5.59 6.18
C LEU A 410 -30.28 6.07 5.96
N SER A 411 -30.08 7.36 5.75
CA SER A 411 -28.71 7.94 5.64
C SER A 411 -28.01 7.97 7.02
N ARG A 412 -28.80 7.92 8.13
CA ARG A 412 -28.31 8.13 9.51
C ARG A 412 -28.09 6.78 10.22
N MET A 413 -29.08 5.89 10.28
CA MET A 413 -29.07 4.85 11.33
C MET A 413 -28.30 3.64 10.87
N PRO A 414 -28.31 3.21 9.59
CA PRO A 414 -27.30 2.27 9.13
C PRO A 414 -25.92 2.85 8.77
N ASN A 415 -25.71 4.14 8.94
CA ASN A 415 -24.36 4.73 8.88
C ASN A 415 -23.86 5.08 10.25
N GLN A 416 -24.73 5.45 11.17
CA GLN A 416 -24.31 5.62 12.55
C GLN A 416 -23.89 4.27 13.12
N HIS A 417 -24.52 3.21 12.68
CA HIS A 417 -24.34 1.89 13.31
C HIS A 417 -23.10 1.24 12.75
N ALA A 418 -22.69 1.61 11.53
CA ALA A 418 -21.44 1.10 10.93
C ALA A 418 -20.25 1.84 11.53
N CYS A 419 -20.31 3.15 11.62
CA CYS A 419 -19.26 3.96 12.22
C CYS A 419 -19.01 3.66 13.68
N LYS A 420 -19.96 3.14 14.39
CA LYS A 420 -19.84 2.73 15.79
C LYS A 420 -19.51 1.29 15.86
N LEU A 421 -19.64 0.55 14.75
CA LEU A 421 -19.05 -0.81 14.62
C LEU A 421 -17.56 -0.65 14.42
N GLY A 422 -17.14 0.29 13.58
CA GLY A 422 -15.73 0.62 13.41
C GLY A 422 -15.06 0.89 14.73
N ALA A 423 -15.53 1.80 15.51
CA ALA A 423 -14.86 2.13 16.75
C ALA A 423 -14.85 0.95 17.67
N ASN A 424 -15.83 0.06 17.64
CA ASN A 424 -15.88 -1.16 18.46
C ASN A 424 -14.85 -2.17 18.02
N ILE A 425 -14.64 -2.31 16.70
CA ILE A 425 -13.56 -3.14 16.10
C ILE A 425 -12.21 -2.67 16.60
N LEU A 426 -11.95 -1.35 16.57
CA LEU A 426 -10.64 -0.76 16.90
C LEU A 426 -10.45 -0.73 18.39
N LEU A 427 -11.48 -0.58 19.15
CA LEU A 427 -11.32 -0.52 20.61
C LEU A 427 -11.15 -1.94 21.14
N GLU A 428 -11.82 -2.95 20.58
CA GLU A 428 -11.64 -4.33 21.07
C GLU A 428 -10.33 -4.90 20.53
N THR A 429 -9.90 -4.48 19.35
CA THR A 429 -8.62 -4.89 18.76
C THR A 429 -7.47 -4.24 19.51
N PHE A 430 -7.62 -3.03 19.97
CA PHE A 430 -6.61 -2.28 20.74
C PHE A 430 -6.38 -2.97 22.08
N LYS A 431 -7.39 -3.57 22.68
CA LYS A 431 -7.28 -4.03 24.07
C LYS A 431 -6.39 -5.25 24.15
N ILE A 432 -6.47 -6.18 23.21
CA ILE A 432 -5.90 -7.55 23.38
C ILE A 432 -4.63 -7.71 22.56
N HIS A 433 -4.57 -7.10 21.38
CA HIS A 433 -3.40 -7.13 20.48
C HIS A 433 -2.38 -6.05 20.89
N GLU A 434 -1.37 -6.46 21.65
CA GLU A 434 -0.40 -5.55 22.31
C GLU A 434 0.62 -4.97 21.35
N MET A 435 0.44 -5.15 20.04
CA MET A 435 1.43 -4.70 19.02
C MET A 435 0.81 -3.70 18.04
N ILE A 436 -0.51 -3.62 17.89
CA ILE A 436 -1.16 -2.57 17.06
C ILE A 436 -1.80 -1.51 17.95
N ARG A 437 -1.22 -1.30 19.11
CA ARG A 437 -1.19 0.01 19.75
C ARG A 437 -0.02 0.75 19.09
N GLN A 438 -0.15 2.04 18.91
CA GLN A 438 0.70 2.90 18.07
C GLN A 438 0.36 2.69 16.62
N GLU A 439 -0.57 1.89 16.24
CA GLU A 439 -0.96 1.90 14.82
C GLU A 439 -2.41 2.36 14.72
N ILE A 440 -3.17 2.06 15.76
CA ILE A 440 -4.48 2.68 15.97
C ILE A 440 -4.23 4.04 16.57
N LEU A 441 -3.45 4.11 17.65
CA LEU A 441 -3.31 5.36 18.42
C LEU A 441 -2.53 6.42 17.66
N GLU A 442 -1.54 6.13 16.83
CA GLU A 442 -1.04 7.22 15.97
C GLU A 442 -1.90 7.46 14.76
N GLN A 443 -2.84 6.62 14.41
CA GLN A 443 -3.75 6.93 13.31
C GLN A 443 -5.04 7.59 13.74
N VAL A 444 -5.46 7.39 14.98
CA VAL A 444 -6.61 8.11 15.54
C VAL A 444 -6.19 9.56 15.62
N LEU A 445 -5.01 9.82 16.21
CA LEU A 445 -4.46 11.15 16.49
C LEU A 445 -4.19 11.83 15.20
N ASN A 446 -3.70 11.15 14.22
CA ASN A 446 -3.40 11.71 12.91
C ASN A 446 -4.67 12.11 12.19
N ARG A 447 -5.85 11.66 12.60
CA ARG A 447 -7.11 12.05 11.93
C ARG A 447 -7.76 13.18 12.68
N VAL A 448 -7.49 13.24 13.99
CA VAL A 448 -8.00 14.29 14.92
C VAL A 448 -7.27 15.57 14.63
N VAL A 449 -5.96 15.51 14.63
CA VAL A 449 -5.07 16.68 14.39
C VAL A 449 -5.23 17.23 12.98
N THR A 450 -5.11 16.43 11.97
CA THR A 450 -4.88 16.97 10.63
C THR A 450 -6.16 17.32 9.89
N ARG A 451 -7.30 16.79 10.29
CA ARG A 451 -8.52 16.98 9.44
C ARG A 451 -9.25 18.25 9.84
N ALA A 452 -9.71 18.32 11.12
CA ALA A 452 -10.03 19.58 11.89
C ALA A 452 -10.99 20.58 11.16
N SER A 453 -11.53 20.18 10.00
CA SER A 453 -12.47 20.94 9.14
C SER A 453 -13.74 20.10 8.91
N SER A 454 -13.54 18.84 8.46
CA SER A 454 -14.52 17.74 8.52
C SER A 454 -14.77 17.35 9.98
N PRO A 455 -16.01 16.96 10.32
CA PRO A 455 -16.31 16.55 11.71
C PRO A 455 -15.58 15.29 12.13
N ILE A 456 -14.99 15.36 13.31
CA ILE A 456 -14.14 14.30 13.82
C ILE A 456 -14.54 13.95 15.23
N SER A 457 -15.81 14.04 15.54
CA SER A 457 -16.26 13.73 16.90
C SER A 457 -16.07 12.26 17.21
N HIS A 458 -16.19 11.40 16.19
CA HIS A 458 -16.15 9.93 16.34
C HIS A 458 -14.79 9.48 16.73
N PHE A 459 -13.75 10.14 16.23
CA PHE A 459 -12.35 9.83 16.56
C PHE A 459 -12.03 10.34 17.94
N LEU A 460 -12.65 11.43 18.39
CA LEU A 460 -12.41 11.92 19.77
C LEU A 460 -13.15 11.01 20.74
N ASP A 461 -14.30 10.47 20.35
CA ASP A 461 -14.99 9.46 21.15
C ASP A 461 -14.11 8.23 21.29
N LEU A 462 -13.56 7.75 20.17
CA LEU A 462 -12.75 6.54 20.16
C LEU A 462 -11.52 6.81 20.96
N LEU A 463 -10.88 7.97 20.83
CA LEU A 463 -9.62 8.27 21.58
C LEU A 463 -9.89 8.39 23.08
N SER A 464 -11.05 8.91 23.45
CA SER A 464 -11.51 8.98 24.84
C SER A 464 -11.66 7.57 25.39
N ASN A 465 -12.28 6.67 24.63
CA ASN A 465 -12.52 5.24 25.02
C ASN A 465 -11.18 4.53 25.20
N ILE A 466 -10.31 4.70 24.23
CA ILE A 466 -8.98 4.04 24.18
C ILE A 466 -8.17 4.47 25.39
N VAL A 467 -8.15 5.78 25.69
CA VAL A 467 -7.38 6.35 26.82
C VAL A 467 -7.98 5.86 28.14
N MET A 468 -9.27 6.11 28.28
CA MET A 468 -10.03 5.93 29.53
C MET A 468 -10.01 4.48 29.93
N TYR A 469 -9.90 3.61 28.93
CA TYR A 469 -9.97 2.15 29.15
C TYR A 469 -8.75 1.78 29.97
N ALA A 470 -7.59 2.12 29.42
CA ALA A 470 -6.36 1.87 30.18
C ALA A 470 -5.32 2.87 29.73
N PRO A 471 -5.14 3.93 30.54
CA PRO A 471 -3.88 4.66 30.51
C PRO A 471 -2.76 3.83 31.13
N LEU A 472 -3.08 2.77 31.86
CA LEU A 472 -2.00 1.86 32.29
C LEU A 472 -1.42 1.12 31.07
N VAL A 473 -2.24 0.80 30.05
CA VAL A 473 -1.72 0.17 28.81
C VAL A 473 -1.32 1.25 27.79
N LEU A 474 -1.62 2.52 28.02
CA LEU A 474 -1.05 3.59 27.15
C LEU A 474 0.25 4.20 27.62
N GLN A 475 0.77 3.91 28.80
CA GLN A 475 2.12 4.41 29.12
C GLN A 475 3.22 3.55 28.50
N ASN A 476 2.86 2.53 27.72
CA ASN A 476 3.81 1.76 26.89
C ASN A 476 3.77 2.19 25.41
N CYS A 477 2.88 3.14 25.07
CA CYS A 477 2.66 3.69 23.69
C CYS A 477 2.20 5.15 23.75
N SER A 478 2.93 5.92 24.59
CA SER A 478 2.59 7.28 25.09
C SER A 478 3.15 8.38 24.20
N SER A 479 4.35 8.21 23.64
CA SER A 479 5.02 9.23 22.81
C SER A 479 4.22 9.54 21.54
N LYS A 480 3.29 8.72 21.16
CA LYS A 480 2.43 9.04 20.03
C LYS A 480 1.47 10.14 20.41
N VAL A 481 1.27 10.35 21.72
CA VAL A 481 0.34 11.40 22.28
C VAL A 481 1.13 12.71 22.29
N THR A 482 2.28 12.71 22.93
CA THR A 482 3.08 13.91 23.16
C THR A 482 3.76 14.45 21.91
N GLU A 483 3.60 13.80 20.77
CA GLU A 483 3.98 14.34 19.47
C GLU A 483 2.76 15.00 18.88
N ALA A 484 1.57 14.81 19.38
CA ALA A 484 0.44 15.59 18.86
C ALA A 484 0.19 16.81 19.72
N PHE A 485 0.89 16.94 20.84
CA PHE A 485 0.89 18.16 21.68
C PHE A 485 1.57 19.29 20.94
N ASP A 486 2.56 18.99 20.14
CA ASP A 486 3.29 20.04 19.41
C ASP A 486 2.44 20.61 18.30
N TYR A 487 1.29 20.05 17.97
CA TYR A 487 0.44 20.51 16.86
C TYR A 487 -0.79 21.21 17.43
N LEU A 488 -0.80 21.50 18.73
CA LEU A 488 -2.03 21.90 19.49
C LEU A 488 -2.35 23.36 19.22
N SER A 489 -1.34 24.15 18.89
CA SER A 489 -1.49 25.58 18.60
C SER A 489 -2.38 25.77 17.39
N PHE A 490 -2.14 25.01 16.32
CA PHE A 490 -2.75 25.29 14.99
C PHE A 490 -4.15 24.72 14.87
N LEU A 491 -4.64 24.02 15.87
CA LEU A 491 -5.98 23.43 15.81
C LEU A 491 -7.01 24.50 16.13
N PRO A 492 -8.26 24.36 15.63
CA PRO A 492 -9.37 25.13 16.17
C PRO A 492 -9.58 24.84 17.64
N LEU A 493 -10.30 25.75 18.31
CA LEU A 493 -10.33 25.78 19.78
C LEU A 493 -11.15 24.63 20.31
N GLN A 494 -12.30 24.35 19.68
CA GLN A 494 -13.16 23.24 20.19
C GLN A 494 -12.42 21.88 20.09
N THR A 495 -11.61 21.67 19.07
CA THR A 495 -10.84 20.44 18.94
C THR A 495 -9.82 20.41 20.04
N VAL A 496 -9.28 21.53 20.47
CA VAL A 496 -8.23 21.55 21.52
C VAL A 496 -8.89 21.24 22.85
N GLN A 497 -10.10 21.80 23.07
CA GLN A 497 -10.79 21.56 24.35
C GLN A 497 -11.18 20.11 24.42
N ARG A 498 -11.61 19.55 23.29
CA ARG A 498 -12.15 18.17 23.23
C ARG A 498 -11.03 17.15 23.31
N LEU A 499 -9.93 17.44 22.69
CA LEU A 499 -8.76 16.55 22.69
C LEU A 499 -8.13 16.58 24.06
N LEU A 500 -8.12 17.72 24.75
CA LEU A 500 -7.53 17.77 26.11
C LEU A 500 -8.46 17.07 27.09
N LYS A 501 -9.77 17.22 26.92
CA LYS A 501 -10.70 16.53 27.81
C LYS A 501 -10.53 15.01 27.64
N ALA A 502 -10.39 14.55 26.39
CA ALA A 502 -10.31 13.12 26.00
C ALA A 502 -9.07 12.48 26.53
N VAL A 503 -7.97 13.17 26.41
CA VAL A 503 -6.65 12.69 26.84
C VAL A 503 -6.40 12.94 28.32
N GLN A 504 -7.37 13.48 29.03
CA GLN A 504 -7.22 13.83 30.46
C GLN A 504 -6.93 12.61 31.38
N PRO A 505 -7.51 11.42 31.22
CA PRO A 505 -7.08 10.28 32.00
C PRO A 505 -5.63 9.83 31.84
N LEU A 506 -4.98 10.18 30.77
CA LEU A 506 -3.52 10.00 30.66
C LEU A 506 -2.80 11.04 31.50
N LEU A 507 -3.34 12.26 31.59
CA LEU A 507 -2.70 13.34 32.33
C LEU A 507 -2.86 13.12 33.81
N LYS A 508 -3.87 12.38 34.25
CA LYS A 508 -3.99 12.06 35.70
C LYS A 508 -2.83 11.21 36.18
N VAL A 509 -2.54 10.13 35.48
CA VAL A 509 -1.63 9.08 35.99
C VAL A 509 -0.17 9.43 35.68
N SER A 510 0.08 9.97 34.48
CA SER A 510 1.45 10.26 33.96
C SER A 510 1.86 11.69 34.32
N MET A 511 3.01 11.83 34.97
CA MET A 511 3.58 13.15 35.35
C MET A 511 4.45 13.69 34.21
N SER A 512 5.14 12.80 33.48
CA SER A 512 6.00 13.23 32.35
C SER A 512 5.14 13.80 31.23
N MET A 513 3.95 13.23 31.02
CA MET A 513 3.05 13.74 29.99
C MET A 513 2.43 15.08 30.41
N ARG A 514 2.21 15.28 31.70
CA ARG A 514 1.72 16.59 32.18
C ARG A 514 2.80 17.66 32.03
N ASP A 515 4.03 17.32 32.38
CA ASP A 515 5.15 18.28 32.26
C ASP A 515 5.61 18.41 30.81
N CYS A 516 5.11 17.58 29.90
CA CYS A 516 5.33 17.77 28.45
C CYS A 516 4.22 18.64 27.89
N LEU A 517 3.03 18.65 28.46
CA LEU A 517 1.99 19.57 27.99
C LEU A 517 2.28 20.98 28.49
N ILE A 518 2.84 21.11 29.68
CA ILE A 518 3.05 22.44 30.28
C ILE A 518 4.03 23.21 29.42
N LEU A 519 5.07 22.57 28.90
CA LEU A 519 6.04 23.27 28.02
C LEU A 519 5.42 23.74 26.72
N VAL A 520 4.46 23.00 26.21
CA VAL A 520 3.77 23.40 24.97
C VAL A 520 2.85 24.54 25.26
N LEU A 521 2.16 24.51 26.36
CA LEU A 521 1.14 25.55 26.65
C LEU A 521 1.84 26.84 26.99
N ARG A 522 2.95 26.76 27.73
CA ARG A 522 3.73 27.94 28.10
C ARG A 522 4.38 28.51 26.86
N LYS A 523 4.84 27.70 25.94
CA LYS A 523 5.43 28.23 24.70
C LYS A 523 4.35 28.90 23.85
N ALA A 524 3.14 28.38 23.80
CA ALA A 524 2.09 28.89 22.89
C ALA A 524 1.33 29.98 23.56
N MET A 525 1.61 30.24 24.83
CA MET A 525 0.99 31.38 25.57
C MET A 525 1.34 32.70 24.88
N PHE A 526 2.51 32.79 24.24
CA PHE A 526 3.01 34.03 23.62
C PHE A 526 2.94 34.00 22.10
N ALA A 527 2.48 32.92 21.48
CA ALA A 527 2.55 32.79 20.01
C ALA A 527 1.66 33.83 19.33
N ASN A 528 2.00 34.17 18.08
CA ASN A 528 1.53 35.41 17.41
C ASN A 528 0.14 35.21 16.78
N GLN A 529 -0.22 33.96 16.48
CA GLN A 529 -1.59 33.63 16.04
C GLN A 529 -2.54 33.95 17.21
N LEU A 530 -3.84 34.08 16.91
CA LEU A 530 -4.87 34.29 17.98
C LEU A 530 -5.20 32.95 18.63
N ASP A 531 -5.39 31.90 17.85
CA ASP A 531 -5.93 30.66 18.47
C ASP A 531 -4.92 30.00 19.38
N ALA A 532 -3.63 30.33 19.27
CA ALA A 532 -2.60 29.69 20.09
C ALA A 532 -2.73 30.17 21.52
N ARG A 533 -3.10 31.43 21.70
CA ARG A 533 -3.24 32.01 23.06
C ARG A 533 -4.53 31.48 23.67
N LYS A 534 -5.56 31.29 22.87
CA LYS A 534 -6.80 30.66 23.38
C LYS A 534 -6.57 29.19 23.83
N SER A 535 -5.85 28.42 23.05
CA SER A 535 -5.51 27.05 23.37
C SER A 535 -4.61 27.01 24.57
N ALA A 536 -3.80 28.01 24.80
CA ALA A 536 -2.96 28.01 26.01
C ALA A 536 -3.79 28.27 27.23
N VAL A 537 -4.74 29.18 27.07
CA VAL A 537 -5.64 29.54 28.18
C VAL A 537 -6.48 28.34 28.56
N ALA A 538 -7.11 27.68 27.59
CA ALA A 538 -7.89 26.43 27.77
C ALA A 538 -7.10 25.31 28.44
N GLY A 539 -5.91 25.08 27.99
CA GLY A 539 -5.09 24.07 28.59
C GLY A 539 -4.68 24.43 29.99
N PHE A 540 -4.41 25.70 30.29
CA PHE A 540 -4.00 26.05 31.68
C PHE A 540 -5.19 26.02 32.63
N LEU A 541 -6.36 26.45 32.16
CA LEU A 541 -7.59 26.34 32.97
C LEU A 541 -7.91 24.89 33.24
N LEU A 542 -7.75 24.01 32.29
CA LEU A 542 -8.01 22.58 32.51
C LEU A 542 -6.95 21.96 33.40
N LEU A 543 -5.71 22.35 33.32
CA LEU A 543 -4.71 21.84 34.27
C LEU A 543 -4.96 22.39 35.68
N LEU A 544 -5.50 23.59 35.83
CA LEU A 544 -5.84 24.10 37.19
C LEU A 544 -7.13 23.47 37.69
N LYS A 545 -8.10 23.21 36.80
CA LYS A 545 -9.39 22.58 37.15
C LYS A 545 -9.19 21.16 37.65
N ASN A 546 -8.41 20.37 36.96
CA ASN A 546 -8.43 18.93 37.22
C ASN A 546 -7.29 18.55 38.15
N PHE A 547 -6.42 19.47 38.53
CA PHE A 547 -5.19 19.05 39.22
C PHE A 547 -4.86 19.99 40.36
N LYS A 548 -4.18 19.41 41.33
CA LYS A 548 -3.63 20.11 42.49
C LYS A 548 -2.15 20.29 42.23
N VAL A 549 -1.44 19.17 42.00
CA VAL A 549 0.03 19.13 41.79
C VAL A 549 0.28 19.43 40.29
N LEU A 550 1.28 20.26 40.02
CA LEU A 550 1.76 20.55 38.64
C LEU A 550 3.30 20.58 38.65
N TYR A 575 10.35 15.84 45.68
CA TYR A 575 10.03 17.27 45.34
C TYR A 575 9.12 17.88 46.41
N ASN A 576 9.42 19.10 46.85
CA ASN A 576 8.69 19.74 47.97
C ASN A 576 7.42 20.37 47.41
N SER A 577 6.33 20.30 48.18
CA SER A 577 4.99 20.82 47.81
C SER A 577 4.83 22.27 48.28
N VAL A 578 5.88 23.09 48.16
CA VAL A 578 5.81 24.56 48.26
C VAL A 578 5.85 25.12 46.83
N ALA A 579 6.64 24.49 45.96
CA ALA A 579 6.85 24.91 44.58
C ALA A 579 5.62 24.65 43.73
N ASN A 580 4.78 23.69 44.12
CA ASN A 580 3.53 23.46 43.37
C ASN A 580 2.61 24.64 43.58
N GLU A 581 2.63 25.21 44.79
CA GLU A 581 1.78 26.38 45.09
C GLU A 581 2.29 27.58 44.29
N THR A 582 3.61 27.80 44.24
CA THR A 582 4.14 28.98 43.51
C THR A 582 3.98 28.73 42.01
N PHE A 583 3.91 27.48 41.56
CA PHE A 583 3.64 27.22 40.14
C PHE A 583 2.19 27.55 39.81
N CYS A 584 1.26 27.19 40.68
CA CYS A 584 -0.15 27.57 40.51
C CYS A 584 -0.26 29.10 40.51
N LEU A 585 0.50 29.78 41.38
CA LEU A 585 0.44 31.25 41.47
C LEU A 585 1.04 31.86 40.20
N GLU A 586 2.04 31.23 39.60
CA GLU A 586 2.66 31.78 38.37
C GLU A 586 1.73 31.56 37.18
N ILE A 587 1.10 30.41 37.10
CA ILE A 587 0.10 30.18 36.03
C ILE A 587 -1.01 31.19 36.19
N MET A 588 -1.46 31.41 37.41
CA MET A 588 -2.56 32.34 37.67
C MET A 588 -2.11 33.77 37.34
N ASP A 589 -0.84 34.12 37.51
CA ASP A 589 -0.34 35.44 37.10
C ASP A 589 -0.35 35.57 35.57
N SER A 590 -0.02 34.50 34.85
CA SER A 590 -0.05 34.54 33.37
C SER A 590 -1.48 34.69 32.87
N LEU A 591 -2.42 34.04 33.54
CA LEU A 591 -3.82 34.17 33.16
C LEU A 591 -4.34 35.54 33.53
N ARG A 592 -3.83 36.14 34.61
CA ARG A 592 -4.15 37.54 34.99
C ARG A 592 -3.62 38.47 33.91
N ARG A 593 -2.48 38.18 33.31
CA ARG A 593 -1.99 39.01 32.19
C ARG A 593 -2.89 38.84 30.96
N CYS A 594 -3.29 37.61 30.66
CA CYS A 594 -4.21 37.31 29.51
C CYS A 594 -5.57 37.99 29.69
N LEU A 595 -5.88 38.42 30.91
CA LEU A 595 -7.11 39.19 31.16
C LEU A 595 -7.13 40.55 30.47
N SER A 596 -6.03 41.03 29.92
CA SER A 596 -6.01 42.35 29.22
C SER A 596 -5.99 42.19 27.69
N GLN A 597 -6.17 40.98 27.19
CA GLN A 597 -6.27 40.69 25.73
C GLN A 597 -7.71 41.02 25.24
N GLN A 598 -8.12 40.30 24.19
CA GLN A 598 -9.40 40.48 23.49
C GLN A 598 -10.53 39.83 24.27
N ALA A 599 -11.76 40.02 23.78
CA ALA A 599 -13.02 39.76 24.51
C ALA A 599 -13.20 38.27 24.78
N ASP A 600 -12.94 37.43 23.78
CA ASP A 600 -13.23 35.97 23.92
C ASP A 600 -12.28 35.30 24.91
N VAL A 601 -11.04 35.73 24.98
CA VAL A 601 -10.10 35.12 25.94
C VAL A 601 -10.50 35.55 27.34
N ARG A 602 -10.98 36.78 27.48
CA ARG A 602 -11.54 37.23 28.76
C ARG A 602 -12.74 36.37 29.14
N LEU A 603 -13.58 36.06 28.16
CA LEU A 603 -14.82 35.30 28.42
C LEU A 603 -14.52 33.85 28.85
N MET A 604 -13.52 33.25 28.21
CA MET A 604 -13.01 31.92 28.57
C MET A 604 -12.50 31.94 30.01
N LEU A 605 -11.80 33.00 30.40
CA LEU A 605 -11.31 33.10 31.80
C LEU A 605 -12.47 33.21 32.77
N TYR A 606 -13.52 33.93 32.39
CA TYR A 606 -14.65 34.17 33.32
C TYR A 606 -15.46 32.91 33.56
N GLU A 607 -15.67 32.11 32.51
CA GLU A 607 -16.31 30.79 32.72
C GLU A 607 -15.40 29.89 33.54
N GLY A 608 -14.10 29.93 33.32
CA GLY A 608 -13.19 28.98 33.96
C GLY A 608 -12.88 29.26 35.41
N PHE A 609 -12.86 30.50 35.86
CA PHE A 609 -12.38 30.83 37.23
C PHE A 609 -13.26 30.22 38.30
N TYR A 610 -14.55 30.09 38.03
CA TYR A 610 -15.48 29.46 38.97
C TYR A 610 -15.05 28.02 39.25
N ASP A 611 -14.82 27.24 38.21
CA ASP A 611 -14.42 25.83 38.38
C ASP A 611 -13.00 25.74 38.90
N VAL A 612 -12.19 26.75 38.69
CA VAL A 612 -10.83 26.78 39.29
C VAL A 612 -10.98 26.89 40.79
N LEU A 613 -11.84 27.78 41.27
CA LEU A 613 -12.14 27.90 42.71
C LEU A 613 -12.63 26.58 43.26
N ARG A 614 -13.64 26.04 42.59
CA ARG A 614 -14.51 24.98 43.14
C ARG A 614 -13.72 23.69 43.25
N ARG A 615 -12.60 23.55 42.54
CA ARG A 615 -11.70 22.42 42.77
C ARG A 615 -10.59 22.82 43.74
N ASN A 616 -9.74 23.74 43.35
CA ASN A 616 -8.62 24.16 44.22
C ASN A 616 -9.09 25.36 45.03
N SER A 617 -9.53 25.12 46.26
CA SER A 617 -10.09 26.18 47.13
C SER A 617 -9.00 27.17 47.53
N GLN A 618 -7.75 26.67 47.61
CA GLN A 618 -6.58 27.43 48.09
C GLN A 618 -6.32 28.64 47.20
N LEU A 619 -6.69 28.57 45.93
CA LEU A 619 -6.52 29.74 45.04
C LEU A 619 -7.61 30.79 45.23
N ALA A 620 -8.43 30.71 46.28
CA ALA A 620 -9.62 31.57 46.47
C ALA A 620 -9.29 33.05 46.25
N ASN A 621 -8.39 33.57 47.09
CA ASN A 621 -8.04 35.01 47.14
C ASN A 621 -7.37 35.43 45.83
N SER A 622 -6.58 34.52 45.27
CA SER A 622 -5.80 34.79 44.04
C SER A 622 -6.71 34.84 42.81
N VAL A 623 -7.91 34.29 42.89
CA VAL A 623 -8.94 34.49 41.84
C VAL A 623 -9.68 35.78 42.15
N MET A 624 -10.10 35.93 43.40
CA MET A 624 -11.16 36.91 43.72
C MET A 624 -10.64 38.34 43.60
N GLN A 625 -9.43 38.63 44.09
CA GLN A 625 -8.76 39.92 43.87
C GLN A 625 -8.60 40.17 42.37
N THR A 626 -8.24 39.11 41.63
CA THR A 626 -8.10 39.12 40.16
C THR A 626 -9.38 39.56 39.48
N LEU A 627 -10.53 39.28 40.06
CA LEU A 627 -11.79 39.78 39.49
C LEU A 627 -12.05 41.17 40.05
N LEU A 628 -11.82 41.37 41.35
CA LEU A 628 -12.25 42.62 42.03
C LEU A 628 -11.51 43.83 41.44
N SER A 629 -10.19 43.74 41.25
CA SER A 629 -9.41 44.77 40.54
C SER A 629 -9.96 44.95 39.13
N GLN A 630 -10.26 43.84 38.47
CA GLN A 630 -10.85 43.87 37.12
C GLN A 630 -12.25 44.48 37.17
N LEU A 631 -12.97 44.34 38.28
CA LEU A 631 -14.28 45.00 38.42
C LEU A 631 -14.08 46.51 38.57
N LYS A 632 -13.01 46.93 39.25
CA LYS A 632 -12.85 48.34 39.63
C LYS A 632 -12.39 49.21 38.46
N GLN A 633 -12.00 48.63 37.32
CA GLN A 633 -11.73 49.45 36.11
C GLN A 633 -13.06 50.02 35.58
N PHE A 634 -14.16 49.28 35.74
CA PHE A 634 -15.46 49.61 35.10
C PHE A 634 -16.53 50.01 36.11
N TYR A 635 -16.15 50.14 37.38
CA TYR A 635 -17.04 50.55 38.48
C TYR A 635 -16.68 51.98 38.87
N GLU A 636 -17.67 52.79 39.21
CA GLU A 636 -17.41 54.13 39.80
C GLU A 636 -17.83 54.04 41.26
N PRO A 637 -16.88 54.10 42.23
CA PRO A 637 -17.22 53.87 43.62
C PRO A 637 -17.58 55.16 44.36
N GLU A 638 -18.51 55.94 43.79
CA GLU A 638 -19.15 57.07 44.50
C GLU A 638 -20.66 56.92 44.34
N PRO A 639 -21.45 57.14 45.41
CA PRO A 639 -22.90 57.20 45.28
C PRO A 639 -23.42 58.43 44.54
N ASP A 640 -24.69 58.36 44.15
CA ASP A 640 -25.45 59.43 43.45
C ASP A 640 -24.78 59.75 42.11
N LEU A 641 -24.24 58.74 41.43
CA LEU A 641 -23.69 58.87 40.06
C LEU A 641 -24.29 57.75 39.20
N LEU A 642 -25.22 58.15 38.34
CA LEU A 642 -26.39 57.34 37.98
C LEU A 642 -26.07 56.22 36.99
N PRO A 643 -25.15 56.35 36.01
CA PRO A 643 -24.70 55.15 35.27
C PRO A 643 -23.60 54.42 36.03
N PRO A 644 -23.92 53.46 36.94
CA PRO A 644 -22.95 53.00 37.93
C PRO A 644 -21.94 51.99 37.37
N LEU A 645 -21.88 51.86 36.06
CA LEU A 645 -20.81 51.16 35.34
C LEU A 645 -20.38 52.02 34.15
N LYS A 646 -19.09 52.11 33.91
CA LYS A 646 -18.54 52.89 32.77
C LYS A 646 -18.63 52.01 31.54
N LEU A 647 -19.67 52.21 30.74
CA LEU A 647 -19.92 51.32 29.57
C LEU A 647 -19.06 51.73 28.36
N GLU A 648 -18.45 52.95 28.40
CA GLU A 648 -17.64 53.46 27.27
C GLU A 648 -16.38 52.60 27.15
N ALA A 649 -15.72 52.29 28.28
CA ALA A 649 -14.42 51.58 28.30
C ALA A 649 -14.55 50.15 27.79
N CYS A 650 -15.76 49.61 27.71
CA CYS A 650 -16.01 48.21 27.27
C CYS A 650 -15.95 48.06 25.75
N ILE A 651 -15.98 49.18 25.02
CA ILE A 651 -15.97 49.15 23.53
C ILE A 651 -14.74 49.92 23.05
N LEU A 652 -13.95 49.26 22.19
CA LEU A 652 -12.80 49.93 21.53
C LEU A 652 -13.06 50.07 20.03
N THR A 653 -12.62 51.22 19.50
CA THR A 653 -12.77 51.55 18.06
C THR A 653 -11.41 51.99 17.50
N GLN A 654 -11.02 51.38 16.37
CA GLN A 654 -9.79 51.76 15.63
C GLN A 654 -10.12 51.88 14.14
N GLY A 655 -10.54 53.07 13.70
CA GLY A 655 -10.87 53.32 12.29
C GLY A 655 -12.07 52.50 11.87
N ASP A 656 -13.23 52.80 12.48
CA ASP A 656 -14.60 52.36 12.10
C ASP A 656 -14.81 50.86 12.31
N GLN A 657 -13.76 50.07 12.58
CA GLN A 657 -13.93 48.72 13.17
C GLN A 657 -14.13 48.91 14.67
N ILE A 658 -15.22 48.37 15.19
CA ILE A 658 -15.74 48.69 16.55
C ILE A 658 -16.11 47.38 17.21
N SER A 659 -15.55 47.13 18.38
CA SER A 659 -15.61 45.78 18.99
C SER A 659 -15.61 45.88 20.51
N LEU A 660 -16.00 44.77 21.14
CA LEU A 660 -16.16 44.69 22.60
C LEU A 660 -14.85 44.20 23.20
N GLN A 661 -14.60 44.65 24.42
CA GLN A 661 -13.61 44.03 25.30
C GLN A 661 -14.08 44.22 26.74
N GLU A 662 -13.89 43.18 27.56
CA GLU A 662 -14.45 43.09 28.93
C GLU A 662 -15.98 43.12 28.87
N PRO A 663 -16.62 41.95 28.63
CA PRO A 663 -18.06 41.83 28.91
C PRO A 663 -18.36 41.89 30.40
N LEU A 664 -19.01 42.98 30.84
CA LEU A 664 -19.38 43.24 32.26
C LEU A 664 -20.34 42.20 32.79
N ASP A 665 -21.23 41.70 31.93
CA ASP A 665 -22.28 40.74 32.32
C ASP A 665 -21.66 39.43 32.78
N TYR A 666 -20.73 38.89 32.01
CA TYR A 666 -20.11 37.61 32.38
C TYR A 666 -19.17 37.83 33.53
N LEU A 667 -18.56 39.00 33.63
CA LEU A 667 -17.67 39.32 34.76
C LEU A 667 -18.48 39.31 36.04
N LEU A 668 -19.59 40.03 36.05
CA LEU A 668 -20.46 40.11 37.24
C LEU A 668 -20.98 38.73 37.57
N CYS A 669 -21.33 37.94 36.56
CA CYS A 669 -21.88 36.60 36.76
C CYS A 669 -20.84 35.74 37.46
N CYS A 670 -19.60 35.77 36.98
CA CYS A 670 -18.51 34.98 37.59
C CYS A 670 -18.25 35.44 39.00
N ILE A 671 -18.28 36.75 39.22
CA ILE A 671 -18.08 37.35 40.57
C ILE A 671 -19.15 36.84 41.50
N GLN A 672 -20.41 36.87 41.05
CA GLN A 672 -21.56 36.57 41.92
C GLN A 672 -21.62 35.08 42.22
N HIS A 673 -21.31 34.23 41.24
CA HIS A 673 -21.24 32.77 41.48
C HIS A 673 -20.14 32.45 42.47
N CYS A 674 -18.94 33.00 42.25
CA CYS A 674 -17.78 32.75 43.13
C CYS A 674 -18.07 33.29 44.52
N LEU A 675 -18.80 34.40 44.59
CA LEU A 675 -19.16 35.03 45.89
C LEU A 675 -20.18 34.18 46.63
N ALA A 676 -21.13 33.59 45.92
CA ALA A 676 -22.11 32.69 46.54
C ALA A 676 -21.41 31.45 47.04
N TRP A 677 -20.49 30.89 46.26
CA TRP A 677 -19.74 29.71 46.72
C TRP A 677 -18.81 30.08 47.87
N TYR A 678 -18.34 31.31 47.91
CA TYR A 678 -17.50 31.81 49.01
C TYR A 678 -18.32 31.90 50.31
N LYS A 679 -19.56 32.35 50.20
CA LYS A 679 -20.44 32.44 51.39
C LYS A 679 -20.82 31.06 51.89
N ASN A 680 -21.32 30.21 51.00
CA ASN A 680 -22.02 28.98 51.42
C ASN A 680 -21.02 27.91 51.89
N THR A 681 -19.83 27.88 51.33
CA THR A 681 -18.90 26.74 51.52
C THR A 681 -17.72 27.16 52.40
N VAL A 682 -17.05 28.27 52.07
CA VAL A 682 -15.75 28.64 52.70
C VAL A 682 -15.98 29.08 54.16
N ILE A 683 -17.03 29.84 54.44
CA ILE A 683 -17.25 30.40 55.80
C ILE A 683 -17.77 29.34 56.76
N PRO A 684 -18.72 28.43 56.39
CA PRO A 684 -18.98 27.31 57.29
C PRO A 684 -17.98 26.18 57.00
N GLU A 696 -11.08 37.35 55.82
CA GLU A 696 -12.36 37.47 56.57
C GLU A 696 -13.12 38.72 56.11
N ALA A 697 -12.47 39.90 56.22
CA ALA A 697 -13.06 41.21 55.86
C ALA A 697 -12.75 41.55 54.40
N PHE A 698 -13.08 40.65 53.47
CA PHE A 698 -12.88 40.88 52.02
C PHE A 698 -14.21 40.80 51.27
N TYR A 699 -14.98 39.73 51.49
CA TYR A 699 -16.19 39.43 50.70
C TYR A 699 -17.30 40.45 50.98
N GLU A 700 -17.28 41.09 52.16
CA GLU A 700 -18.26 42.13 52.51
C GLU A 700 -18.05 43.36 51.61
N ASP A 701 -16.81 43.64 51.21
CA ASP A 701 -16.50 44.74 50.27
C ASP A 701 -17.19 44.48 48.93
N LEU A 702 -17.06 43.27 48.42
CA LEU A 702 -17.63 42.93 47.11
C LEU A 702 -19.16 42.83 47.23
N ASP A 703 -19.66 42.39 48.38
CA ASP A 703 -21.12 42.39 48.69
C ASP A 703 -21.67 43.79 48.58
N ASP A 704 -21.04 44.75 49.24
CA ASP A 704 -21.57 46.13 49.27
C ASP A 704 -21.33 46.80 47.92
N ILE A 705 -20.31 46.40 47.17
CA ILE A 705 -20.14 46.88 45.77
C ILE A 705 -21.35 46.42 44.95
N LEU A 706 -21.67 45.13 45.03
CA LEU A 706 -22.79 44.57 44.25
C LEU A 706 -24.11 45.21 44.69
N GLU A 707 -24.27 45.45 45.99
CA GLU A 707 -25.49 46.07 46.54
C GLU A 707 -25.60 47.51 46.06
N SER A 708 -24.49 48.23 45.94
CA SER A 708 -24.49 49.60 45.39
C SER A 708 -24.87 49.55 43.90
N ILE A 709 -24.40 48.52 43.19
CA ILE A 709 -24.75 48.36 41.76
C ILE A 709 -26.25 48.13 41.62
N THR A 710 -26.83 47.31 42.49
CA THR A 710 -28.30 47.06 42.49
C THR A 710 -29.04 48.35 42.82
N ASN A 711 -28.61 49.05 43.87
CA ASN A 711 -29.32 50.23 44.39
C ASN A 711 -29.31 51.36 43.37
N ARG A 712 -28.23 51.49 42.59
CA ARG A 712 -28.16 52.55 41.56
C ARG A 712 -28.74 52.06 40.24
N MET A 713 -28.74 50.75 39.97
CA MET A 713 -29.35 50.22 38.72
C MET A 713 -30.88 50.26 38.81
N ILE A 714 -31.44 50.31 40.02
CA ILE A 714 -32.90 50.49 40.21
C ILE A 714 -33.29 51.89 39.76
N LYS A 715 -32.59 52.91 40.26
CA LYS A 715 -32.94 54.33 40.02
C LYS A 715 -32.11 54.93 38.89
N SER A 716 -31.51 54.09 38.05
CA SER A 716 -31.04 54.51 36.71
C SER A 716 -32.21 54.33 35.75
N GLU A 717 -32.23 55.14 34.69
CA GLU A 717 -33.21 54.93 33.59
C GLU A 717 -32.63 55.52 32.30
N LEU A 718 -31.89 54.70 31.56
CA LEU A 718 -31.93 54.64 30.06
C LEU A 718 -31.27 55.84 29.37
N GLU A 719 -31.15 57.02 30.00
CA GLU A 719 -30.36 58.14 29.44
C GLU A 719 -29.02 58.30 30.15
N ASP A 720 -28.78 57.48 31.18
CA ASP A 720 -27.48 57.34 31.85
C ASP A 720 -26.57 56.47 30.96
N PHE A 721 -27.16 55.57 30.18
CA PHE A 721 -26.44 54.79 29.13
C PHE A 721 -26.83 55.28 27.73
N GLU A 722 -27.46 56.47 27.63
CA GLU A 722 -28.02 57.16 26.43
C GLU A 722 -28.75 56.20 25.48
N LEU A 723 -29.71 55.44 25.99
CA LEU A 723 -30.46 54.43 25.22
C LEU A 723 -31.82 54.98 24.83
N ASP A 724 -32.28 54.65 23.61
CA ASP A 724 -33.66 54.81 23.07
C ASP A 724 -33.95 56.26 22.66
N LYS A 725 -33.18 57.24 23.14
CA LYS A 725 -33.48 58.68 22.94
C LYS A 725 -32.50 59.28 21.93
N SER A 726 -31.19 59.12 22.16
CA SER A 726 -30.10 59.73 21.34
C SER A 726 -29.68 58.80 20.21
N ALA A 727 -29.66 57.48 20.45
CA ALA A 727 -29.30 56.46 19.44
C ALA A 727 -30.43 55.44 19.33
N ASP A 728 -30.86 55.17 18.09
CA ASP A 728 -31.90 54.17 17.78
C ASP A 728 -31.26 52.84 17.36
N PHE A 729 -30.09 52.50 17.95
CA PHE A 729 -29.46 51.15 17.93
C PHE A 729 -29.32 50.62 16.51
N SER A 730 -29.03 51.52 15.58
CA SER A 730 -29.05 51.23 14.12
C SER A 730 -27.84 50.37 13.78
N GLN A 731 -28.04 49.34 12.96
CA GLN A 731 -26.93 48.49 12.44
C GLN A 731 -26.44 49.04 11.08
N SER A 732 -26.29 50.37 11.02
CA SER A 732 -25.68 51.11 9.89
C SER A 732 -24.42 51.81 10.40
N THR A 733 -24.56 52.54 11.50
CA THR A 733 -23.50 53.40 12.08
C THR A 733 -22.79 52.65 13.21
N SER A 734 -21.67 53.21 13.64
CA SER A 734 -20.87 52.72 14.78
C SER A 734 -21.56 53.05 16.10
N ILE A 735 -22.30 54.16 16.14
CA ILE A 735 -22.91 54.67 17.40
C ILE A 735 -24.06 53.73 17.80
N GLY A 736 -24.86 53.30 16.83
CA GLY A 736 -25.92 52.32 17.08
C GLY A 736 -25.36 50.97 17.51
N ILE A 737 -24.23 50.56 16.94
CA ILE A 737 -23.50 49.34 17.36
C ILE A 737 -23.12 49.49 18.82
N LYS A 738 -22.54 50.63 19.17
CA LYS A 738 -22.09 50.93 20.54
C LYS A 738 -23.27 50.85 21.50
N ASN A 739 -24.39 51.44 21.12
CA ASN A 739 -25.57 51.48 22.01
C ASN A 739 -26.21 50.09 22.09
N ASN A 740 -26.14 49.28 21.05
CA ASN A 740 -26.71 47.91 21.05
C ASN A 740 -25.91 47.03 21.99
N ILE A 741 -24.60 47.10 21.86
CA ILE A 741 -23.65 46.43 22.79
C ILE A 741 -23.93 46.88 24.21
N SER A 742 -24.15 48.19 24.41
CA SER A 742 -24.46 48.76 25.73
C SER A 742 -25.74 48.16 26.29
N ALA A 743 -26.76 48.01 25.44
CA ALA A 743 -28.08 47.50 25.83
C ALA A 743 -27.97 46.04 26.27
N PHE A 744 -27.22 45.23 25.52
CA PHE A 744 -27.01 43.82 25.89
C PHE A 744 -26.25 43.73 27.20
N LEU A 745 -25.29 44.62 27.40
CA LEU A 745 -24.51 44.64 28.66
C LEU A 745 -25.41 44.93 29.85
N VAL A 746 -26.31 45.91 29.70
CA VAL A 746 -27.22 46.27 30.81
C VAL A 746 -28.22 45.13 31.05
N MET A 747 -28.68 44.46 29.99
CA MET A 747 -29.61 43.32 30.13
C MET A 747 -28.93 42.21 30.94
N GLY A 748 -27.67 41.90 30.61
CA GLY A 748 -26.92 40.84 31.31
C GLY A 748 -26.68 41.21 32.75
N VAL A 749 -26.40 42.48 32.99
CA VAL A 749 -26.16 42.97 34.38
C VAL A 749 -27.44 42.79 35.19
N CYS A 750 -28.58 43.14 34.62
CA CYS A 750 -29.86 43.05 35.35
C CYS A 750 -30.21 41.59 35.63
N GLU A 751 -29.90 40.68 34.71
CA GLU A 751 -30.18 39.24 34.95
C GLU A 751 -29.30 38.73 36.09
N VAL A 752 -28.04 39.10 36.09
CA VAL A 752 -27.12 38.67 37.17
C VAL A 752 -27.61 39.23 38.49
N LEU A 753 -28.07 40.47 38.52
CA LEU A 753 -28.49 41.06 39.80
C LEU A 753 -29.84 40.50 40.25
N ILE A 754 -30.68 40.03 39.33
CA ILE A 754 -31.91 39.28 39.68
C ILE A 754 -31.51 38.02 40.46
N GLU A 755 -30.55 37.28 39.92
CA GLU A 755 -30.11 36.01 40.54
C GLU A 755 -29.48 36.32 41.90
N TYR A 756 -28.75 37.44 41.98
CA TYR A 756 -28.08 37.84 43.23
C TYR A 756 -29.13 38.16 44.29
N ASN A 757 -30.11 39.00 43.97
CA ASN A 757 -31.09 39.49 44.96
C ASN A 757 -31.97 38.34 45.43
N PHE A 758 -32.23 37.36 44.57
CA PHE A 758 -32.92 36.12 45.01
C PHE A 758 -32.03 35.38 45.99
N SER A 759 -30.73 35.33 45.71
CA SER A 759 -29.79 34.45 46.45
C SER A 759 -29.50 35.00 47.85
N ILE A 760 -29.68 36.31 48.07
CA ILE A 760 -29.23 37.01 49.31
C ILE A 760 -29.94 36.43 50.52
N SER A 761 -31.26 36.62 50.57
CA SER A 761 -32.06 36.49 51.80
C SER A 761 -33.00 35.29 51.72
N SER A 762 -33.67 35.04 52.84
CA SER A 762 -34.79 34.07 52.95
C SER A 762 -36.10 34.82 52.66
N PHE A 763 -36.29 35.15 51.38
CA PHE A 763 -37.54 35.69 50.79
C PHE A 763 -37.97 37.00 51.47
N SER A 764 -37.09 37.99 51.46
CA SER A 764 -37.44 39.36 51.94
C SER A 764 -38.27 40.05 50.87
N LYS A 765 -39.18 40.92 51.31
CA LYS A 765 -40.10 41.63 50.39
C LYS A 765 -39.33 42.68 49.59
N ASN A 766 -38.40 43.36 50.25
CA ASN A 766 -37.67 44.50 49.65
C ASN A 766 -36.83 44.01 48.47
N ARG A 767 -36.14 42.89 48.66
CA ARG A 767 -35.29 42.32 47.61
C ARG A 767 -36.13 41.81 46.46
N PHE A 768 -37.36 41.34 46.72
CA PHE A 768 -38.27 40.96 45.62
C PHE A 768 -38.78 42.18 44.87
N GLU A 769 -38.94 43.31 45.56
CA GLU A 769 -39.26 44.59 44.88
C GLU A 769 -38.10 44.99 43.97
N ASP A 770 -36.86 44.79 44.42
CA ASP A 770 -35.67 45.12 43.60
C ASP A 770 -35.58 44.16 42.41
N ILE A 771 -35.94 42.89 42.63
CA ILE A 771 -36.00 41.88 41.54
C ILE A 771 -36.99 42.35 40.48
N LEU A 772 -38.15 42.80 40.93
CA LEU A 772 -39.20 43.27 40.01
C LEU A 772 -38.70 44.51 39.25
N SER A 773 -38.01 45.42 39.94
CA SER A 773 -37.55 46.68 39.31
C SER A 773 -36.45 46.39 38.27
N LEU A 774 -35.54 45.49 38.61
CA LEU A 774 -34.47 45.05 37.68
C LEU A 774 -35.09 44.33 36.47
N PHE A 775 -36.07 43.47 36.71
CA PHE A 775 -36.74 42.76 35.60
C PHE A 775 -37.51 43.76 34.74
N MET A 776 -38.07 44.80 35.36
CA MET A 776 -38.80 45.84 34.58
C MET A 776 -37.81 46.61 33.71
N CYS A 777 -36.60 46.86 34.21
CA CYS A 777 -35.53 47.49 33.40
C CYS A 777 -35.15 46.58 32.23
N TYR A 778 -34.95 45.29 32.52
CA TYR A 778 -34.58 44.28 31.51
C TYR A 778 -35.69 44.15 30.46
N LYS A 779 -36.93 44.17 30.91
CA LYS A 779 -38.09 44.00 30.02
C LYS A 779 -38.28 45.27 29.18
N LYS A 780 -37.95 46.43 29.73
CA LYS A 780 -38.00 47.69 28.96
C LYS A 780 -36.96 47.64 27.85
N LEU A 781 -35.76 47.17 28.16
CA LEU A 781 -34.70 47.06 27.13
C LEU A 781 -35.03 45.99 26.10
N SER A 782 -35.72 44.93 26.51
CA SER A 782 -36.14 43.87 25.57
C SER A 782 -37.24 44.40 24.64
N ASP A 783 -38.19 45.18 25.17
CA ASP A 783 -39.25 45.77 24.32
C ASP A 783 -38.68 46.87 23.43
N ILE A 784 -37.57 47.50 23.85
CA ILE A 784 -36.82 48.41 22.95
C ILE A 784 -36.25 47.59 21.80
N LEU A 785 -35.54 46.51 22.12
CA LEU A 785 -34.77 45.76 21.11
C LEU A 785 -35.69 44.97 20.18
N ASN A 786 -36.89 44.64 20.63
CA ASN A 786 -37.82 43.82 19.82
C ASN A 786 -38.47 44.68 18.73
N GLU A 787 -38.75 45.95 19.04
CA GLU A 787 -39.35 46.88 18.05
C GLU A 787 -38.31 47.23 16.97
N LYS A 788 -37.03 47.28 17.32
CA LYS A 788 -35.95 47.59 16.36
C LYS A 788 -35.67 46.40 15.44
N ALA A 789 -36.02 45.19 15.87
CA ALA A 789 -36.11 43.99 15.00
C ALA A 789 -37.49 43.91 14.31
N GLY A 790 -38.29 44.98 14.35
CA GLY A 790 -39.63 45.07 13.74
C GLY A 790 -39.66 45.83 12.42
N LYS A 791 -38.69 46.71 12.17
CA LYS A 791 -38.55 47.44 10.88
C LYS A 791 -37.88 46.53 9.87
N ALA A 792 -36.70 46.00 10.23
CA ALA A 792 -36.01 44.93 9.50
C ALA A 792 -36.48 43.58 10.09
N LYS A 793 -35.84 42.49 9.67
CA LYS A 793 -36.20 41.13 10.14
C LYS A 793 -35.41 40.78 11.39
N THR A 794 -35.81 39.67 12.02
CA THR A 794 -35.12 39.05 13.18
C THR A 794 -34.17 37.99 12.63
N LYS A 795 -33.22 38.44 11.81
CA LYS A 795 -32.15 37.59 11.22
C LYS A 795 -31.03 37.39 12.25
N MET A 796 -30.89 38.34 13.19
CA MET A 796 -29.88 38.27 14.26
C MET A 796 -30.37 37.31 15.36
N ALA A 797 -29.51 36.37 15.77
CA ALA A 797 -29.73 35.48 16.93
C ALA A 797 -28.94 36.00 18.13
N ASN A 798 -29.14 37.27 18.50
CA ASN A 798 -28.40 37.92 19.62
C ASN A 798 -29.31 38.37 20.77
N LYS A 799 -30.63 38.45 20.57
CA LYS A 799 -31.58 38.65 21.69
C LYS A 799 -32.01 37.32 22.30
N THR A 800 -32.01 36.25 21.49
CA THR A 800 -32.22 34.85 21.94
C THR A 800 -30.88 34.28 22.48
N SER A 801 -29.79 35.08 22.42
CA SER A 801 -28.49 34.77 23.05
C SER A 801 -28.65 34.60 24.57
N ASP A 802 -27.72 33.87 25.14
CA ASP A 802 -27.91 33.05 26.35
C ASP A 802 -28.26 33.99 27.50
N SER A 803 -29.11 33.50 28.38
CA SER A 803 -29.34 34.13 29.68
C SER A 803 -28.20 33.79 30.61
N LEU A 804 -28.04 34.61 31.63
CA LEU A 804 -26.96 34.46 32.62
C LEU A 804 -27.49 33.88 33.92
N LEU A 805 -28.66 33.25 33.88
CA LEU A 805 -29.16 32.52 35.04
C LEU A 805 -28.72 31.07 34.90
N SER A 806 -28.17 30.52 35.96
CA SER A 806 -27.78 29.10 35.98
C SER A 806 -29.04 28.25 35.89
N MET A 807 -28.92 27.01 35.46
CA MET A 807 -30.08 26.11 35.43
C MET A 807 -30.53 25.75 36.84
N LYS A 808 -29.60 25.71 37.79
CA LYS A 808 -29.94 25.50 39.21
C LYS A 808 -30.89 26.61 39.68
N PHE A 809 -30.58 27.84 39.32
CA PHE A 809 -31.38 28.99 39.79
C PHE A 809 -32.75 28.93 39.13
N VAL A 810 -32.85 28.55 37.88
CA VAL A 810 -34.18 28.58 37.20
C VAL A 810 -35.07 27.47 37.78
N SER A 811 -34.49 26.31 38.04
CA SER A 811 -35.16 25.22 38.79
C SER A 811 -35.66 25.74 40.16
N SER A 812 -34.78 26.36 40.94
CA SER A 812 -35.13 26.84 42.31
C SER A 812 -36.19 27.94 42.23
N LEU A 813 -36.10 28.79 41.22
CA LEU A 813 -37.01 29.92 41.06
C LEU A 813 -38.39 29.39 40.71
N LEU A 814 -38.49 28.38 39.84
CA LEU A 814 -39.83 27.86 39.45
C LEU A 814 -40.41 26.99 40.55
N THR A 815 -39.57 26.29 41.33
CA THR A 815 -40.06 25.56 42.50
C THR A 815 -40.63 26.55 43.52
N ALA A 816 -39.96 27.68 43.71
CA ALA A 816 -40.40 28.70 44.69
C ALA A 816 -41.62 29.43 44.16
N LEU A 817 -41.73 29.64 42.85
CA LEU A 817 -42.84 30.45 42.32
C LEU A 817 -44.16 29.69 42.38
N PHE A 818 -44.21 28.47 41.82
CA PHE A 818 -45.46 27.70 41.59
C PHE A 818 -45.84 26.87 42.81
N ARG A 819 -44.94 25.97 43.20
CA ARG A 819 -45.28 24.89 44.16
C ARG A 819 -45.33 25.45 45.58
N ASP A 820 -44.42 26.38 45.89
CA ASP A 820 -44.17 26.78 47.30
C ASP A 820 -45.42 27.43 47.91
N SER A 821 -45.87 26.90 49.03
CA SER A 821 -47.03 27.40 49.79
C SER A 821 -46.71 27.39 51.28
N ILE A 822 -45.53 27.88 51.64
CA ILE A 822 -45.11 28.09 53.05
C ILE A 822 -45.40 29.54 53.41
N GLN A 823 -46.15 29.75 54.50
CA GLN A 823 -46.80 31.03 54.82
C GLN A 823 -45.77 32.14 55.06
N SER A 824 -44.54 31.80 55.49
CA SER A 824 -43.46 32.78 55.72
C SER A 824 -42.93 33.37 54.41
N HIS A 825 -43.15 32.70 53.29
CA HIS A 825 -42.66 33.16 51.97
C HIS A 825 -43.80 33.67 51.08
N GLN A 826 -45.07 33.51 51.49
CA GLN A 826 -46.21 33.79 50.58
C GLN A 826 -46.32 35.29 50.35
N GLU A 827 -46.20 36.08 51.41
CA GLU A 827 -46.38 37.54 51.35
C GLU A 827 -45.29 38.18 50.47
N SER A 828 -44.12 37.54 50.38
CA SER A 828 -43.00 38.05 49.58
C SER A 828 -43.05 37.50 48.15
N LEU A 829 -43.46 36.24 47.97
CA LEU A 829 -43.60 35.65 46.62
C LEU A 829 -44.81 36.23 45.90
N SER A 830 -45.82 36.72 46.64
CA SER A 830 -47.08 37.23 46.06
C SER A 830 -46.84 38.49 45.20
N VAL A 831 -45.73 39.20 45.40
CA VAL A 831 -45.36 40.33 44.50
C VAL A 831 -44.79 39.77 43.19
N LEU A 832 -44.18 38.58 43.23
CA LEU A 832 -43.66 37.92 42.01
C LEU A 832 -44.77 37.20 41.26
N ARG A 833 -45.68 36.54 41.97
CA ARG A 833 -46.78 35.78 41.32
C ARG A 833 -47.69 36.75 40.59
N SER A 834 -47.96 37.93 41.18
CA SER A 834 -48.82 38.98 40.59
C SER A 834 -48.23 39.50 39.27
N SER A 835 -46.93 39.39 39.08
CA SER A 835 -46.26 39.74 37.80
C SER A 835 -46.28 38.51 36.90
N ASN A 836 -47.21 38.45 35.96
CA ASN A 836 -47.38 37.30 35.05
C ASN A 836 -46.23 37.29 34.04
N GLU A 837 -45.80 38.48 33.62
CA GLU A 837 -44.71 38.63 32.63
C GLU A 837 -43.38 38.12 33.21
N PHE A 838 -43.19 38.25 34.52
CA PHE A 838 -42.00 37.70 35.19
C PHE A 838 -42.04 36.16 35.11
N MET A 839 -43.20 35.58 35.35
CA MET A 839 -43.33 34.11 35.36
C MET A 839 -43.16 33.56 33.94
N ARG A 840 -43.65 34.29 32.94
CA ARG A 840 -43.45 33.82 31.56
C ARG A 840 -42.00 34.01 31.13
N TYR A 841 -41.29 35.01 31.65
CA TYR A 841 -39.83 35.16 31.43
C TYR A 841 -39.09 33.97 32.05
N ALA A 842 -39.53 33.57 33.24
CA ALA A 842 -38.88 32.47 33.98
C ALA A 842 -39.03 31.16 33.22
N VAL A 843 -40.23 30.85 32.77
CA VAL A 843 -40.42 29.58 32.03
C VAL A 843 -39.77 29.70 30.66
N ASN A 844 -39.68 30.89 30.07
CA ASN A 844 -38.95 31.07 28.80
C ASN A 844 -37.48 30.68 29.01
N VAL A 845 -36.90 31.10 30.12
CA VAL A 845 -35.47 30.83 30.40
C VAL A 845 -35.29 29.33 30.62
N ALA A 846 -36.22 28.69 31.30
CA ALA A 846 -36.14 27.23 31.49
C ALA A 846 -36.23 26.51 30.15
N LEU A 847 -37.15 26.92 29.28
CA LEU A 847 -37.27 26.33 27.94
C LEU A 847 -35.98 26.53 27.17
N GLN A 848 -35.31 27.68 27.32
CA GLN A 848 -34.04 27.97 26.61
C GLN A 848 -32.94 27.02 27.09
N LYS A 849 -32.90 26.72 28.38
CA LYS A 849 -31.88 25.80 28.91
C LYS A 849 -32.12 24.39 28.42
N VAL A 850 -33.36 23.97 28.25
CA VAL A 850 -33.65 22.60 27.72
C VAL A 850 -33.33 22.56 26.23
N GLN A 851 -33.61 23.65 25.52
CA GLN A 851 -33.29 23.73 24.08
C GLN A 851 -31.78 23.69 23.89
N GLN A 852 -31.03 24.33 24.77
CA GLN A 852 -29.54 24.30 24.68
C GLN A 852 -29.04 22.91 25.01
N LEU A 853 -29.69 22.20 25.91
CA LEU A 853 -29.25 20.84 26.24
C LEU A 853 -29.49 19.94 25.04
N LYS A 854 -30.57 20.16 24.30
CA LYS A 854 -30.86 19.34 23.11
C LYS A 854 -29.88 19.67 21.99
N GLU A 855 -29.64 20.93 21.72
CA GLU A 855 -28.97 21.33 20.46
C GLU A 855 -27.48 21.04 20.52
N THR A 856 -26.80 21.55 21.52
CA THR A 856 -25.43 21.11 21.88
C THR A 856 -25.61 19.92 22.80
N GLY A 857 -24.55 19.46 23.45
CA GLY A 857 -24.71 18.33 24.38
C GLY A 857 -25.22 18.77 25.73
N HIS A 858 -25.01 20.06 26.04
CA HIS A 858 -25.08 20.61 27.41
C HIS A 858 -25.32 22.10 27.39
N VAL A 859 -25.59 22.67 28.56
CA VAL A 859 -26.12 24.04 28.68
C VAL A 859 -25.01 25.00 29.05
N SER A 860 -25.32 26.27 29.08
CA SER A 860 -24.33 27.35 29.00
C SER A 860 -23.82 27.76 30.38
N GLY A 861 -24.65 27.69 31.40
CA GLY A 861 -24.29 28.30 32.68
C GLY A 861 -23.21 27.54 33.45
N PRO A 862 -23.04 27.89 34.73
CA PRO A 862 -22.24 27.08 35.64
C PRO A 862 -22.85 25.71 35.93
N ASP A 863 -21.99 24.72 36.14
CA ASP A 863 -22.31 23.28 36.28
C ASP A 863 -23.08 22.75 35.07
N GLY A 864 -22.95 23.41 33.92
CA GLY A 864 -23.66 23.03 32.70
C GLY A 864 -22.79 22.21 31.78
N GLN A 865 -21.73 21.58 32.27
CA GLN A 865 -20.87 20.65 31.49
C GLN A 865 -20.73 19.34 32.25
N ASN A 866 -21.38 19.20 33.40
CA ASN A 866 -21.39 17.95 34.17
C ASN A 866 -22.72 17.29 33.87
N PRO A 867 -22.79 16.06 33.34
CA PRO A 867 -24.08 15.50 32.93
C PRO A 867 -25.01 15.21 34.11
N GLU A 868 -24.46 14.83 35.27
CA GLU A 868 -25.28 14.50 36.44
C GLU A 868 -26.01 15.74 36.96
N LYS A 869 -25.37 16.90 36.90
CA LYS A 869 -26.02 18.13 37.36
C LYS A 869 -27.14 18.53 36.41
N ILE A 870 -26.97 18.34 35.11
CA ILE A 870 -28.04 18.67 34.16
C ILE A 870 -29.16 17.64 34.32
N PHE A 871 -28.83 16.41 34.73
CA PHE A 871 -29.86 15.38 34.95
C PHE A 871 -30.71 15.76 36.15
N GLN A 872 -30.07 16.14 37.24
CA GLN A 872 -30.82 16.49 38.46
C GLN A 872 -31.68 17.73 38.21
N ASN A 873 -31.18 18.71 37.46
CA ASN A 873 -31.99 19.89 37.15
C ASN A 873 -33.09 19.57 36.15
N LEU A 874 -32.89 18.57 35.30
CA LEU A 874 -33.95 18.11 34.38
C LEU A 874 -35.10 17.48 35.16
N CYS A 875 -34.78 16.62 36.12
CA CYS A 875 -35.80 15.99 36.99
C CYS A 875 -36.62 17.07 37.71
N ASP A 876 -35.94 18.10 38.22
CA ASP A 876 -36.59 19.12 39.05
C ASP A 876 -37.48 20.01 38.18
N LEU A 877 -37.01 20.41 37.01
CA LEU A 877 -37.89 21.13 36.07
C LEU A 877 -39.09 20.26 35.65
N THR A 878 -38.88 18.96 35.45
CA THR A 878 -39.99 18.07 35.04
C THR A 878 -41.07 18.06 36.11
N ARG A 879 -40.65 17.94 37.36
CA ARG A 879 -41.58 17.87 38.49
C ARG A 879 -42.38 19.16 38.57
N VAL A 880 -41.71 20.29 38.43
CA VAL A 880 -42.39 21.59 38.61
C VAL A 880 -43.37 21.82 37.47
N LEU A 881 -42.95 21.55 36.24
CA LEU A 881 -43.82 21.82 35.07
C LEU A 881 -44.98 20.82 35.06
N LEU A 882 -44.78 19.61 35.55
CA LEU A 882 -45.89 18.63 35.66
C LEU A 882 -46.91 19.12 36.69
N TRP A 883 -46.42 19.61 37.83
CA TRP A 883 -47.34 20.09 38.88
C TRP A 883 -48.13 21.29 38.37
N ARG A 884 -47.50 22.17 37.62
CA ARG A 884 -48.23 23.35 37.13
C ARG A 884 -49.17 22.95 36.01
N TYR A 885 -48.82 21.93 35.21
CA TYR A 885 -49.68 21.57 34.08
C TYR A 885 -50.97 20.84 34.53
N THR A 886 -50.81 19.84 35.40
CA THR A 886 -51.91 18.91 35.76
C THR A 886 -52.85 19.57 36.76
N SER A 887 -52.29 20.20 37.79
CA SER A 887 -53.05 20.79 38.92
C SER A 887 -53.90 21.96 38.44
N ILE A 888 -53.23 23.02 37.99
CA ILE A 888 -53.93 24.19 37.41
C ILE A 888 -54.23 23.82 35.97
N PRO A 889 -55.53 23.83 35.57
CA PRO A 889 -55.86 23.50 34.18
C PRO A 889 -55.40 24.58 33.18
N THR A 890 -55.93 24.49 31.96
CA THR A 890 -55.77 25.53 30.92
C THR A 890 -56.86 26.61 31.07
N SER A 891 -58.12 26.24 31.39
CA SER A 891 -59.29 27.14 31.34
C SER A 891 -59.36 28.08 32.56
N VAL A 892 -58.28 28.83 32.83
CA VAL A 892 -58.21 29.91 33.87
C VAL A 892 -57.75 31.22 33.20
N GLU A 893 -57.91 31.32 31.87
CA GLU A 893 -57.32 32.40 31.05
C GLU A 893 -58.20 33.64 31.28
N GLU A 894 -57.72 34.53 32.15
CA GLU A 894 -58.39 35.82 32.48
C GLU A 894 -57.44 37.00 32.25
N SER A 895 -56.62 36.94 31.20
CA SER A 895 -55.61 37.98 30.83
C SER A 895 -56.06 38.69 29.54
N GLY A 896 -56.05 37.99 28.41
CA GLY A 896 -56.30 38.60 27.09
C GLY A 896 -56.11 37.61 25.96
N LYS A 897 -56.78 37.87 24.84
CA LYS A 897 -56.91 36.93 23.70
C LYS A 897 -55.64 36.87 22.85
N LYS A 898 -54.68 37.76 23.08
CA LYS A 898 -53.29 37.64 22.56
C LYS A 898 -52.47 36.61 23.33
N GLU A 899 -52.89 36.22 24.55
CA GLU A 899 -52.11 35.29 25.42
C GLU A 899 -52.56 33.82 25.30
N LYS A 900 -53.35 33.48 24.26
CA LYS A 900 -53.96 32.13 24.11
C LYS A 900 -53.01 31.11 23.45
N GLY A 901 -52.03 31.57 22.66
CA GLY A 901 -50.86 30.76 22.25
C GLY A 901 -49.62 31.00 23.10
N LYS A 902 -49.71 31.87 24.12
CA LYS A 902 -48.56 32.26 24.96
C LYS A 902 -48.86 32.00 26.44
N SER A 903 -49.90 31.22 26.77
CA SER A 903 -50.27 30.96 28.18
C SER A 903 -49.19 30.14 28.88
N ILE A 904 -49.21 30.15 30.21
CA ILE A 904 -48.16 29.52 31.05
C ILE A 904 -48.39 28.02 31.10
N SER A 905 -49.66 27.61 31.14
CA SER A 905 -50.03 26.18 31.11
C SER A 905 -49.77 25.58 29.73
N LEU A 906 -49.55 26.39 28.70
CA LEU A 906 -49.09 25.86 27.40
C LEU A 906 -47.57 25.71 27.41
N LEU A 907 -46.88 26.71 27.94
CA LEU A 907 -45.42 26.70 27.93
C LEU A 907 -44.90 25.58 28.82
N CYS A 908 -45.64 25.26 29.88
CA CYS A 908 -45.21 24.17 30.78
C CYS A 908 -45.26 22.85 30.03
N LEU A 909 -46.28 22.65 29.21
CA LEU A 909 -46.42 21.42 28.40
C LEU A 909 -45.33 21.37 27.35
N GLU A 910 -44.99 22.51 26.77
CA GLU A 910 -43.92 22.58 25.76
C GLU A 910 -42.56 22.22 26.39
N GLY A 911 -42.29 22.75 27.56
CA GLY A 911 -41.07 22.39 28.29
C GLY A 911 -41.06 20.94 28.71
N LEU A 912 -42.23 20.37 28.97
CA LEU A 912 -42.35 18.93 29.28
C LEU A 912 -41.97 18.10 28.06
N GLN A 913 -42.40 18.54 26.90
CA GLN A 913 -42.11 17.80 25.66
C GLN A 913 -40.61 17.80 25.38
N LYS A 914 -39.98 18.96 25.50
CA LYS A 914 -38.52 19.10 25.30
C LYS A 914 -37.74 18.28 26.31
N ILE A 915 -38.20 18.27 27.54
CA ILE A 915 -37.51 17.51 28.59
C ILE A 915 -37.57 16.02 28.28
N PHE A 916 -38.74 15.50 27.90
CA PHE A 916 -38.90 14.04 27.66
C PHE A 916 -38.09 13.62 26.45
N SER A 917 -38.06 14.44 25.40
CA SER A 917 -37.23 14.16 24.22
C SER A 917 -35.75 14.13 24.62
N ALA A 918 -35.30 15.13 25.35
CA ALA A 918 -33.88 15.26 25.69
C ALA A 918 -33.47 14.17 26.64
N VAL A 919 -34.38 13.66 27.45
CA VAL A 919 -33.99 12.63 28.44
C VAL A 919 -33.98 11.28 27.75
N GLN A 920 -34.75 11.12 26.66
CA GLN A 920 -34.68 9.87 25.87
C GLN A 920 -33.37 9.86 25.09
N GLN A 921 -32.92 11.02 24.63
CA GLN A 921 -31.71 11.08 23.75
C GLN A 921 -30.42 10.95 24.59
N PHE A 922 -30.20 11.82 25.54
CA PHE A 922 -28.91 11.95 26.25
C PHE A 922 -28.80 11.02 27.46
N TYR A 923 -29.87 10.90 28.25
CA TYR A 923 -29.88 10.12 29.52
C TYR A 923 -30.63 8.80 29.36
N GLN A 924 -30.41 8.12 28.23
CA GLN A 924 -31.03 6.83 27.90
C GLN A 924 -30.79 5.79 28.98
N PRO A 925 -29.59 5.60 29.58
CA PRO A 925 -29.46 4.60 30.64
C PRO A 925 -30.11 4.91 31.98
N LYS A 926 -30.79 6.04 32.14
CA LYS A 926 -31.27 6.46 33.48
C LYS A 926 -32.79 6.64 33.52
N ILE A 927 -33.54 6.16 32.53
CA ILE A 927 -34.95 6.60 32.32
C ILE A 927 -35.80 6.09 33.46
N GLN A 928 -35.40 4.94 34.01
CA GLN A 928 -35.99 4.37 35.24
C GLN A 928 -35.86 5.37 36.39
N GLN A 929 -34.63 5.84 36.65
CA GLN A 929 -34.41 6.82 37.75
C GLN A 929 -34.75 8.25 37.31
N PHE A 930 -35.15 8.48 36.06
CA PHE A 930 -35.84 9.72 35.65
C PHE A 930 -37.32 9.65 36.04
N LEU A 931 -37.92 8.49 35.88
CA LEU A 931 -39.37 8.37 36.12
C LEU A 931 -39.63 8.22 37.63
N ARG A 932 -38.70 7.64 38.39
CA ARG A 932 -38.86 7.43 39.87
C ARG A 932 -38.96 8.77 40.59
N ALA A 933 -38.27 9.78 40.07
CA ALA A 933 -38.32 11.15 40.63
C ALA A 933 -39.69 11.82 40.37
N LEU A 934 -40.49 11.35 39.41
CA LEU A 934 -41.86 11.88 39.19
C LEU A 934 -42.88 11.12 40.06
N VAL A 949 -40.56 -2.51 40.43
CA VAL A 949 -41.41 -1.79 39.44
C VAL A 949 -40.52 -1.38 38.25
N SER A 950 -40.99 -1.63 37.02
CA SER A 950 -40.24 -1.34 35.78
C SER A 950 -40.64 0.04 35.26
N VAL A 951 -40.11 0.37 34.08
CA VAL A 951 -40.38 1.65 33.37
C VAL A 951 -41.78 1.62 32.80
N THR A 952 -42.37 0.44 32.64
CA THR A 952 -43.67 0.29 31.97
C THR A 952 -44.79 0.85 32.85
N GLN A 953 -44.76 0.56 34.14
CA GLN A 953 -45.84 1.00 35.05
C GLN A 953 -45.75 2.51 35.26
N ARG A 954 -44.54 3.04 35.40
CA ARG A 954 -44.31 4.48 35.61
C ARG A 954 -44.77 5.25 34.37
N THR A 955 -44.37 4.75 33.21
CA THR A 955 -44.74 5.35 31.92
C THR A 955 -46.25 5.25 31.72
N ALA A 956 -46.85 4.16 32.16
CA ALA A 956 -48.30 3.95 32.04
C ALA A 956 -49.05 4.97 32.91
N PHE A 957 -48.54 5.23 34.11
CA PHE A 957 -49.18 6.21 35.01
C PHE A 957 -49.07 7.62 34.40
N GLN A 958 -47.90 7.94 33.83
CA GLN A 958 -47.70 9.27 33.21
C GLN A 958 -48.62 9.40 31.98
N ILE A 959 -48.75 8.32 31.21
CA ILE A 959 -49.63 8.31 30.02
C ILE A 959 -51.08 8.45 30.47
N ARG A 960 -51.44 7.87 31.61
CA ARG A 960 -52.79 8.02 32.18
C ARG A 960 -53.06 9.49 32.49
N GLN A 961 -52.09 10.19 33.07
CA GLN A 961 -52.21 11.64 33.34
C GLN A 961 -52.40 12.41 32.02
N PHE A 962 -51.52 12.17 31.06
CA PHE A 962 -51.49 12.98 29.83
C PHE A 962 -52.71 12.66 28.97
N GLN A 963 -53.14 11.41 28.96
CA GLN A 963 -54.26 11.00 28.07
C GLN A 963 -55.59 11.36 28.75
N ARG A 964 -55.63 11.43 30.07
CA ARG A 964 -56.78 12.02 30.77
C ARG A 964 -56.87 13.51 30.41
N SER A 965 -55.72 14.19 30.36
CA SER A 965 -55.64 15.62 29.97
C SER A 965 -56.19 15.80 28.56
N LEU A 966 -55.75 14.93 27.65
CA LEU A 966 -56.21 15.00 26.25
C LEU A 966 -57.70 14.68 26.19
N LEU A 967 -58.18 13.78 27.04
CA LEU A 967 -59.60 13.39 27.02
C LEU A 967 -60.48 14.55 27.46
N ASN A 968 -60.11 15.22 28.55
CA ASN A 968 -60.92 16.36 29.05
C ASN A 968 -60.76 17.56 28.09
N LEU A 969 -59.63 17.64 27.39
CA LEU A 969 -59.43 18.68 26.35
C LEU A 969 -60.39 18.42 25.18
N LEU A 970 -60.60 17.15 24.87
CA LEU A 970 -61.43 16.76 23.72
C LEU A 970 -62.90 16.88 24.07
N SER A 971 -63.34 16.22 25.15
CA SER A 971 -64.78 16.07 25.48
C SER A 971 -65.37 17.38 26.02
N SER A 972 -64.56 18.41 26.25
CA SER A 972 -65.05 19.77 26.60
C SER A 972 -65.87 20.35 25.43
N GLN A 973 -65.51 19.99 24.19
CA GLN A 973 -66.19 20.41 22.93
C GLN A 973 -66.14 21.93 22.83
N GLU A 974 -64.93 22.44 22.69
CA GLU A 974 -64.64 23.89 22.58
C GLU A 974 -64.66 24.22 21.09
N GLU A 975 -65.34 25.31 20.72
CA GLU A 975 -65.47 25.73 19.31
C GLU A 975 -64.24 26.50 18.86
N ASP A 976 -63.59 27.24 19.78
CA ASP A 976 -62.29 27.91 19.51
C ASP A 976 -61.20 26.86 19.32
N PHE A 977 -61.15 25.87 20.21
CA PHE A 977 -60.35 24.63 20.08
C PHE A 977 -58.86 24.93 19.88
N ASN A 978 -58.14 25.16 20.98
CA ASN A 978 -56.66 25.26 20.95
C ASN A 978 -56.10 23.92 20.48
N SER A 979 -55.68 23.89 19.22
CA SER A 979 -55.08 22.69 18.59
C SER A 979 -53.58 22.63 18.92
N LYS A 980 -52.99 23.71 19.42
CA LYS A 980 -51.58 23.70 19.82
C LYS A 980 -51.39 22.77 21.01
N GLU A 981 -52.30 22.87 21.99
CA GLU A 981 -52.20 22.02 23.18
C GLU A 981 -52.45 20.56 22.80
N ALA A 982 -53.31 20.33 21.81
CA ALA A 982 -53.60 18.96 21.35
C ALA A 982 -52.35 18.41 20.66
N LEU A 983 -51.69 19.21 19.83
CA LEU A 983 -50.48 18.75 19.11
C LEU A 983 -49.39 18.43 20.10
N LEU A 984 -49.24 19.25 21.13
CA LEU A 984 -48.19 19.01 22.14
C LEU A 984 -48.52 17.78 22.96
N LEU A 985 -49.81 17.53 23.19
CA LEU A 985 -50.20 16.35 23.99
C LEU A 985 -49.97 15.06 23.20
N VAL A 986 -50.27 15.06 21.91
CA VAL A 986 -50.05 13.82 21.12
C VAL A 986 -48.56 13.65 20.86
N THR A 987 -47.80 14.75 20.83
CA THR A 987 -46.32 14.69 20.67
C THR A 987 -45.70 14.11 21.93
N VAL A 988 -46.15 14.53 23.09
CA VAL A 988 -45.60 14.01 24.36
C VAL A 988 -46.05 12.56 24.56
N LEU A 989 -47.23 12.20 24.05
CA LEU A 989 -47.69 10.78 24.14
C LEU A 989 -46.89 9.91 23.18
N THR A 990 -46.54 10.43 22.00
CA THR A 990 -45.69 9.71 21.04
C THR A 990 -44.29 9.54 21.62
N SER A 991 -43.79 10.53 22.35
CA SER A 991 -42.49 10.46 23.03
C SER A 991 -42.56 9.39 24.10
N LEU A 992 -43.66 9.37 24.85
CA LEU A 992 -43.76 8.51 26.05
C LEU A 992 -43.97 7.07 25.64
N SER A 993 -44.76 6.83 24.59
CA SER A 993 -45.20 5.47 24.20
C SER A 993 -44.05 4.66 23.62
N LYS A 994 -42.88 5.23 23.43
CA LYS A 994 -41.68 4.48 22.98
C LYS A 994 -41.01 3.78 24.15
N LEU A 995 -41.50 3.91 25.37
CA LEU A 995 -40.88 3.26 26.54
C LEU A 995 -41.60 1.97 26.95
N LEU A 996 -42.85 1.82 26.54
CA LEU A 996 -43.68 0.63 26.84
C LEU A 996 -43.22 -0.51 25.93
N GLU A 997 -42.88 -1.64 26.53
CA GLU A 997 -42.40 -2.83 25.78
C GLU A 997 -43.56 -3.34 24.92
N PRO A 998 -43.29 -3.75 23.68
CA PRO A 998 -44.37 -4.07 22.74
C PRO A 998 -45.20 -5.33 23.02
N SER A 999 -44.85 -6.13 24.05
CA SER A 999 -45.65 -7.30 24.48
C SER A 999 -46.37 -7.04 25.81
N SER A 1000 -46.11 -5.90 26.47
CA SER A 1000 -46.71 -5.57 27.78
C SER A 1000 -48.22 -5.36 27.61
N PRO A 1001 -49.03 -5.55 28.67
CA PRO A 1001 -50.43 -5.13 28.63
C PRO A 1001 -50.62 -3.61 28.56
N GLN A 1002 -49.65 -2.82 28.99
CA GLN A 1002 -49.77 -1.34 28.96
C GLN A 1002 -49.65 -0.84 27.52
N PHE A 1003 -48.88 -1.55 26.69
CA PHE A 1003 -48.84 -1.34 25.24
C PHE A 1003 -50.24 -1.51 24.64
N VAL A 1004 -50.93 -2.57 25.05
CA VAL A 1004 -52.26 -2.90 24.49
C VAL A 1004 -53.27 -1.89 25.03
N GLN A 1005 -53.06 -1.42 26.26
CA GLN A 1005 -53.94 -0.39 26.87
C GLN A 1005 -53.80 0.91 26.07
N MET A 1006 -52.56 1.26 25.74
CA MET A 1006 -52.28 2.51 24.99
C MET A 1006 -52.83 2.38 23.56
N LEU A 1007 -52.71 1.20 22.97
CA LEU A 1007 -53.19 0.97 21.59
C LEU A 1007 -54.73 1.02 21.56
N SER A 1008 -55.36 0.44 22.57
CA SER A 1008 -56.85 0.46 22.67
C SER A 1008 -57.32 1.89 22.92
N TRP A 1009 -56.60 2.66 23.73
CA TRP A 1009 -57.00 4.05 24.02
C TRP A 1009 -56.88 4.89 22.75
N THR A 1010 -55.76 4.74 22.05
CA THR A 1010 -55.51 5.49 20.80
C THR A 1010 -56.60 5.15 19.79
N SER A 1011 -56.95 3.87 19.68
CA SER A 1011 -57.95 3.41 18.71
C SER A 1011 -59.33 3.95 19.09
N LYS A 1012 -59.62 4.06 20.38
CA LYS A 1012 -60.93 4.56 20.84
C LYS A 1012 -61.05 6.05 20.52
N ILE A 1013 -59.97 6.81 20.73
CA ILE A 1013 -59.94 8.24 20.34
C ILE A 1013 -60.09 8.38 18.83
N CYS A 1014 -59.49 7.45 18.09
CA CYS A 1014 -59.63 7.42 16.63
C CYS A 1014 -61.05 7.05 16.21
N LYS A 1015 -61.78 6.31 17.04
CA LYS A 1015 -63.13 5.84 16.68
C LYS A 1015 -64.24 6.81 17.11
N GLU A 1016 -63.95 7.83 17.93
CA GLU A 1016 -65.02 8.72 18.47
C GLU A 1016 -64.87 10.17 18.00
N ASN A 1017 -63.71 10.80 18.20
CA ASN A 1017 -63.58 12.28 18.21
C ASN A 1017 -63.15 12.79 16.83
N SER A 1018 -63.88 13.78 16.31
CA SER A 1018 -63.81 14.23 14.90
C SER A 1018 -62.65 15.21 14.68
N ARG A 1019 -62.72 16.39 15.30
CA ARG A 1019 -61.64 17.41 15.36
C ARG A 1019 -61.12 17.77 13.97
N GLU A 1020 -61.84 18.64 13.26
CA GLU A 1020 -61.48 19.09 11.91
C GLU A 1020 -60.31 20.06 11.99
N ASP A 1021 -59.10 19.49 12.09
CA ASP A 1021 -57.82 20.21 11.95
C ASP A 1021 -56.73 19.22 11.54
N ALA A 1022 -56.14 19.46 10.37
CA ALA A 1022 -55.36 18.46 9.61
C ALA A 1022 -54.15 17.99 10.42
N LEU A 1023 -53.49 18.89 11.14
CA LEU A 1023 -52.25 18.55 11.84
C LEU A 1023 -52.55 17.59 13.00
N PHE A 1024 -53.68 17.80 13.69
CA PHE A 1024 -54.06 16.96 14.85
C PHE A 1024 -54.38 15.54 14.37
N CYS A 1025 -55.15 15.42 13.31
CA CYS A 1025 -55.51 14.11 12.73
C CYS A 1025 -54.24 13.41 12.24
N LYS A 1026 -53.34 14.16 11.61
CA LYS A 1026 -52.12 13.58 11.02
C LYS A 1026 -51.23 13.02 12.13
N SER A 1027 -51.00 13.79 13.18
CA SER A 1027 -50.12 13.36 14.28
C SER A 1027 -50.77 12.23 15.08
N LEU A 1028 -52.09 12.25 15.21
CA LEU A 1028 -52.77 11.21 16.01
C LEU A 1028 -52.81 9.88 15.24
N MET A 1029 -53.02 9.95 13.93
CA MET A 1029 -52.95 8.75 13.08
C MET A 1029 -51.53 8.21 13.08
N ASN A 1030 -50.53 9.09 13.09
CA ASN A 1030 -49.12 8.65 13.13
C ASN A 1030 -48.82 7.98 14.45
N LEU A 1031 -49.37 8.48 15.56
CA LEU A 1031 -49.21 7.81 16.87
C LEU A 1031 -49.82 6.41 16.81
N LEU A 1032 -51.02 6.33 16.26
CA LEU A 1032 -51.77 5.05 16.20
C LEU A 1032 -50.97 4.05 15.37
N PHE A 1033 -50.48 4.47 14.20
CA PHE A 1033 -49.76 3.58 13.28
C PHE A 1033 -48.47 3.13 13.92
N SER A 1034 -47.78 4.05 14.58
CA SER A 1034 -46.47 3.75 15.19
C SER A 1034 -46.64 2.71 16.28
N LEU A 1035 -47.78 2.78 16.98
CA LEU A 1035 -48.07 1.77 18.02
C LEU A 1035 -48.46 0.45 17.38
N HIS A 1036 -49.23 0.50 16.31
CA HIS A 1036 -49.89 -0.69 15.73
C HIS A 1036 -48.85 -1.60 15.09
N VAL A 1037 -47.96 -1.03 14.27
CA VAL A 1037 -47.01 -1.76 13.39
C VAL A 1037 -45.95 -2.48 14.23
N SER A 1038 -45.68 -2.02 15.45
CA SER A 1038 -44.83 -2.74 16.41
C SER A 1038 -45.59 -3.82 17.18
N TYR A 1039 -46.87 -4.06 16.88
CA TYR A 1039 -47.70 -5.08 17.57
C TYR A 1039 -48.18 -6.15 16.60
N LYS A 1040 -48.90 -5.74 15.56
CA LYS A 1040 -49.28 -6.63 14.43
C LYS A 1040 -49.39 -5.83 13.12
N SER A 1041 -49.45 -6.53 12.01
CA SER A 1041 -49.46 -5.96 10.66
C SER A 1041 -50.63 -5.02 10.49
N PRO A 1042 -50.44 -3.84 9.89
CA PRO A 1042 -51.48 -2.81 9.91
C PRO A 1042 -52.58 -2.93 8.86
N VAL A 1043 -52.56 -3.99 8.07
CA VAL A 1043 -53.31 -4.09 6.79
C VAL A 1043 -54.83 -4.01 7.01
N ILE A 1044 -55.31 -4.45 8.16
CA ILE A 1044 -56.75 -4.34 8.50
C ILE A 1044 -57.07 -2.84 8.67
N LEU A 1045 -56.21 -2.12 9.38
CA LEU A 1045 -56.41 -0.69 9.68
C LEU A 1045 -56.30 0.11 8.38
N LEU A 1046 -55.38 -0.26 7.51
CA LEU A 1046 -55.23 0.39 6.20
C LEU A 1046 -56.49 0.12 5.37
N ARG A 1047 -57.03 -1.08 5.46
CA ARG A 1047 -58.24 -1.46 4.69
C ARG A 1047 -59.42 -0.60 5.15
N ASP A 1048 -59.61 -0.50 6.46
CA ASP A 1048 -60.75 0.27 7.02
C ASP A 1048 -60.60 1.74 6.67
N LEU A 1049 -59.38 2.28 6.76
CA LEU A 1049 -59.14 3.71 6.46
C LEU A 1049 -59.35 3.98 4.98
N SER A 1050 -58.99 3.05 4.11
CA SER A 1050 -59.28 3.19 2.67
C SER A 1050 -60.80 3.18 2.44
N GLN A 1051 -61.51 2.35 3.18
CA GLN A 1051 -62.99 2.32 3.09
C GLN A 1051 -63.57 3.68 3.52
N ASP A 1052 -63.03 4.27 4.56
CA ASP A 1052 -63.49 5.60 5.02
C ASP A 1052 -63.19 6.65 3.96
N ILE A 1053 -62.00 6.60 3.38
CA ILE A 1053 -61.60 7.59 2.34
C ILE A 1053 -62.54 7.44 1.14
N HIS A 1054 -62.88 6.21 0.79
CA HIS A 1054 -63.79 5.91 -0.35
C HIS A 1054 -65.21 6.41 -0.04
N GLY A 1055 -65.65 6.25 1.20
CA GLY A 1055 -67.00 6.66 1.60
C GLY A 1055 -67.13 8.17 1.64
N HIS A 1056 -66.10 8.85 2.12
CA HIS A 1056 -66.13 10.33 2.24
C HIS A 1056 -65.97 10.97 0.86
N LEU A 1057 -64.94 10.56 0.11
CA LEU A 1057 -64.55 11.24 -1.15
C LEU A 1057 -65.53 10.88 -2.26
N GLY A 1058 -65.90 9.61 -2.37
CA GLY A 1058 -66.82 9.13 -3.41
C GLY A 1058 -66.10 8.32 -4.48
N ASP A 1059 -66.75 8.18 -5.63
CA ASP A 1059 -66.30 7.30 -6.73
C ASP A 1059 -66.08 8.18 -7.97
N ILE A 1060 -65.49 7.58 -8.99
CA ILE A 1060 -65.18 8.27 -10.28
C ILE A 1060 -66.42 8.33 -11.17
N ASP A 1061 -67.33 7.34 -11.05
CA ASP A 1061 -68.49 7.17 -11.95
C ASP A 1061 -69.73 7.94 -11.44
N GLN A 1062 -69.62 8.58 -10.27
CA GLN A 1062 -70.63 9.47 -9.61
C GLN A 1062 -72.01 8.81 -9.46
N ASP A 1063 -72.08 7.46 -9.43
CA ASP A 1063 -73.34 6.72 -9.19
C ASP A 1063 -73.07 5.53 -8.27
N VAL A 1064 -72.21 5.72 -7.28
CA VAL A 1064 -71.96 4.72 -6.22
C VAL A 1064 -72.17 5.42 -4.88
N GLU A 1065 -73.21 5.01 -4.15
CA GLU A 1065 -73.60 5.62 -2.87
C GLU A 1065 -73.05 4.74 -1.74
N VAL A 1066 -71.87 5.06 -1.25
CA VAL A 1066 -71.18 4.25 -0.21
C VAL A 1066 -70.79 5.18 0.93
N GLU A 1067 -71.18 4.82 2.16
CA GLU A 1067 -70.85 5.58 3.38
C GLU A 1067 -70.54 4.57 4.48
N LYS A 1068 -69.31 4.57 4.97
CA LYS A 1068 -68.83 3.60 5.98
C LYS A 1068 -68.21 4.37 7.14
N THR A 1069 -68.96 5.34 7.66
CA THR A 1069 -68.48 6.33 8.64
C THR A 1069 -68.23 5.67 10.00
N ASN A 1070 -68.84 4.50 10.23
CA ASN A 1070 -68.74 3.69 11.47
C ASN A 1070 -67.29 3.32 11.82
N HIS A 1071 -66.40 3.21 10.82
CA HIS A 1071 -65.07 2.61 11.04
C HIS A 1071 -64.21 3.52 11.92
N PHE A 1072 -63.91 4.73 11.45
CA PHE A 1072 -62.94 5.63 12.10
C PHE A 1072 -63.43 7.07 12.02
N ALA A 1073 -63.63 7.68 13.17
CA ALA A 1073 -64.33 8.97 13.30
C ALA A 1073 -63.47 10.13 12.78
N ILE A 1074 -62.13 9.99 12.80
CA ILE A 1074 -61.22 11.09 12.39
C ILE A 1074 -61.01 11.00 10.89
N VAL A 1075 -62.09 11.28 10.17
CA VAL A 1075 -62.16 11.27 8.69
C VAL A 1075 -63.14 12.38 8.33
N ASN A 1076 -62.64 13.43 7.69
CA ASN A 1076 -63.45 14.62 7.35
C ASN A 1076 -63.21 14.97 5.90
N LEU A 1077 -64.07 15.82 5.35
CA LEU A 1077 -63.95 16.26 3.94
C LEU A 1077 -62.71 17.13 3.78
N ARG A 1078 -62.31 17.84 4.83
CA ARG A 1078 -61.11 18.70 4.85
C ARG A 1078 -59.89 17.98 5.44
N THR A 1079 -60.08 16.80 6.03
CA THR A 1079 -58.98 16.02 6.66
C THR A 1079 -58.56 14.88 5.74
N ALA A 1080 -59.50 14.03 5.32
CA ALA A 1080 -59.20 12.77 4.61
C ALA A 1080 -58.75 13.00 3.17
N ALA A 1081 -59.04 14.17 2.59
CA ALA A 1081 -58.70 14.43 1.17
C ALA A 1081 -57.23 14.83 1.01
N PRO A 1082 -56.66 15.84 1.74
CA PRO A 1082 -55.24 16.17 1.52
C PRO A 1082 -54.21 15.29 2.26
N THR A 1083 -54.50 14.87 3.49
CA THR A 1083 -53.48 14.50 4.52
C THR A 1083 -53.50 13.00 4.83
N VAL A 1084 -54.68 12.39 4.94
CA VAL A 1084 -54.77 10.99 5.44
C VAL A 1084 -54.32 10.02 4.35
N CYS A 1085 -54.63 10.35 3.10
CA CYS A 1085 -54.28 9.56 1.90
C CYS A 1085 -52.77 9.35 1.81
N LEU A 1086 -51.99 10.41 2.03
CA LEU A 1086 -50.51 10.34 1.95
C LEU A 1086 -49.99 9.41 3.03
N LEU A 1087 -50.59 9.45 4.21
CA LEU A 1087 -50.13 8.64 5.35
C LEU A 1087 -50.45 7.15 5.12
N VAL A 1088 -51.66 6.86 4.66
CA VAL A 1088 -52.05 5.45 4.42
C VAL A 1088 -51.26 4.89 3.23
N LEU A 1089 -50.94 5.72 2.23
CA LEU A 1089 -50.12 5.25 1.10
C LEU A 1089 -48.68 5.06 1.54
N SER A 1090 -48.19 5.88 2.47
CA SER A 1090 -46.80 5.74 2.94
C SER A 1090 -46.65 4.46 3.76
N GLN A 1091 -47.63 4.17 4.60
CA GLN A 1091 -47.56 2.93 5.39
C GLN A 1091 -47.71 1.72 4.46
N ALA A 1092 -48.52 1.82 3.41
CA ALA A 1092 -48.68 0.74 2.42
C ALA A 1092 -47.35 0.52 1.69
N GLU A 1093 -46.63 1.59 1.37
CA GLU A 1093 -45.28 1.54 0.76
C GLU A 1093 -44.32 0.77 1.68
N LYS A 1094 -44.41 1.03 2.98
CA LYS A 1094 -43.59 0.31 3.98
C LYS A 1094 -43.92 -1.17 3.98
N VAL A 1095 -45.20 -1.54 3.91
CA VAL A 1095 -45.59 -2.98 3.90
C VAL A 1095 -45.11 -3.64 2.61
N LEU A 1096 -45.15 -2.91 1.51
CA LEU A 1096 -44.64 -3.44 0.24
C LEU A 1096 -43.12 -3.63 0.31
N GLU A 1097 -42.40 -2.74 1.00
CA GLU A 1097 -40.96 -2.94 1.17
C GLU A 1097 -40.70 -4.20 1.98
N GLU A 1098 -41.51 -4.45 3.00
CA GLU A 1098 -41.31 -5.62 3.86
C GLU A 1098 -41.52 -6.92 3.07
N VAL A 1099 -42.56 -6.98 2.24
CA VAL A 1099 -42.80 -8.21 1.44
C VAL A 1099 -41.78 -8.30 0.32
N ASP A 1100 -41.26 -7.18 -0.18
CA ASP A 1100 -40.17 -7.21 -1.18
C ASP A 1100 -38.92 -7.86 -0.56
N TRP A 1101 -38.59 -7.48 0.66
CA TRP A 1101 -37.47 -8.08 1.39
C TRP A 1101 -37.70 -9.58 1.57
N LEU A 1102 -38.93 -9.98 1.89
CA LEU A 1102 -39.25 -11.41 2.05
C LEU A 1102 -39.10 -12.14 0.72
N ILE A 1103 -39.55 -11.53 -0.35
CA ILE A 1103 -39.53 -12.17 -1.71
C ILE A 1103 -38.08 -12.34 -2.14
N THR A 1104 -37.24 -11.34 -1.91
CA THR A 1104 -35.83 -11.42 -2.32
C THR A 1104 -35.10 -12.49 -1.52
N LYS A 1105 -35.39 -12.60 -0.24
CA LYS A 1105 -34.75 -13.64 0.58
C LYS A 1105 -35.29 -15.02 0.21
N LEU A 1106 -36.54 -15.10 -0.27
CA LEU A 1106 -37.09 -16.40 -0.72
C LEU A 1106 -36.51 -16.83 -2.07
N LYS A 1107 -36.22 -15.88 -2.94
CA LYS A 1107 -35.51 -16.17 -4.20
C LYS A 1107 -34.10 -16.65 -3.90
N GLY A 1108 -33.39 -15.94 -3.02
CA GLY A 1108 -32.01 -16.30 -2.67
C GLY A 1108 -31.92 -17.58 -1.84
N GLN A 1109 -33.02 -17.98 -1.20
CA GLN A 1109 -33.06 -19.17 -0.34
C GLN A 1109 -32.87 -20.43 -1.19
N VAL A 1110 -33.46 -20.47 -2.39
CA VAL A 1110 -33.32 -21.62 -3.31
C VAL A 1110 -32.41 -21.22 -4.47
N PRO A 1126 -40.66 -22.09 7.45
CA PRO A 1126 -39.51 -21.47 6.78
C PRO A 1126 -39.64 -21.35 5.26
N ASN A 1127 -40.48 -22.18 4.63
CA ASN A 1127 -40.80 -22.07 3.19
C ASN A 1127 -42.29 -21.81 2.99
N GLN A 1128 -43.15 -22.70 3.49
CA GLN A 1128 -44.60 -22.65 3.17
C GLN A 1128 -45.33 -21.58 3.97
N PRO A 1129 -45.25 -21.48 5.33
CA PRO A 1129 -45.98 -20.43 6.04
C PRO A 1129 -45.51 -19.01 5.69
N VAL A 1130 -44.25 -18.89 5.28
CA VAL A 1130 -43.68 -17.60 4.82
C VAL A 1130 -44.48 -17.11 3.60
N GLU A 1131 -44.58 -17.95 2.57
CA GLU A 1131 -45.30 -17.54 1.34
C GLU A 1131 -46.79 -17.43 1.61
N LYS A 1132 -47.33 -18.19 2.56
CA LYS A 1132 -48.75 -18.06 2.93
C LYS A 1132 -49.00 -16.68 3.55
N ALA A 1133 -48.13 -16.24 4.44
CA ALA A 1133 -48.26 -14.91 5.07
C ALA A 1133 -48.07 -13.83 4.00
N ILE A 1134 -47.17 -14.07 3.05
CA ILE A 1134 -46.87 -13.08 1.99
C ILE A 1134 -48.13 -12.88 1.14
N ILE A 1135 -48.76 -13.96 0.72
CA ILE A 1135 -49.96 -13.84 -0.15
C ILE A 1135 -51.15 -13.34 0.67
N MET A 1136 -51.17 -13.58 1.98
CA MET A 1136 -52.24 -13.01 2.85
C MET A 1136 -52.12 -11.49 2.91
N GLN A 1137 -50.91 -10.99 3.17
CA GLN A 1137 -50.65 -9.54 3.23
C GLN A 1137 -50.94 -8.93 1.86
N LEU A 1138 -50.56 -9.62 0.79
CA LEU A 1138 -50.76 -9.10 -0.58
C LEU A 1138 -52.25 -9.08 -0.91
N GLY A 1139 -53.01 -10.05 -0.43
CA GLY A 1139 -54.46 -10.08 -0.66
C GLY A 1139 -55.16 -8.98 0.09
N THR A 1140 -54.77 -8.75 1.34
CA THR A 1140 -55.40 -7.70 2.15
C THR A 1140 -55.06 -6.32 1.58
N LEU A 1141 -53.80 -6.14 1.19
CA LEU A 1141 -53.37 -4.89 0.54
C LEU A 1141 -54.06 -4.76 -0.81
N LEU A 1142 -54.37 -5.87 -1.46
CA LEU A 1142 -55.05 -5.82 -2.78
C LEU A 1142 -56.47 -5.30 -2.61
N THR A 1143 -57.18 -5.75 -1.57
CA THR A 1143 -58.54 -5.24 -1.27
C THR A 1143 -58.46 -3.76 -0.86
N PHE A 1144 -57.42 -3.42 -0.09
CA PHE A 1144 -57.14 -2.03 0.32
C PHE A 1144 -57.00 -1.13 -0.91
N PHE A 1145 -56.14 -1.52 -1.85
CA PHE A 1145 -55.87 -0.74 -3.07
C PHE A 1145 -57.13 -0.71 -3.93
N HIS A 1146 -57.89 -1.80 -3.95
CA HIS A 1146 -59.16 -1.91 -4.69
C HIS A 1146 -60.13 -0.84 -4.22
N GLU A 1147 -60.14 -0.58 -2.93
CA GLU A 1147 -61.06 0.45 -2.36
C GLU A 1147 -60.63 1.85 -2.79
N LEU A 1148 -59.34 2.08 -2.99
CA LEU A 1148 -58.82 3.46 -3.22
C LEU A 1148 -58.81 3.82 -4.69
N VAL A 1149 -58.62 2.86 -5.60
CA VAL A 1149 -58.47 3.14 -7.05
C VAL A 1149 -59.79 3.69 -7.61
N GLN A 1150 -60.93 3.28 -7.05
CA GLN A 1150 -62.26 3.74 -7.53
C GLN A 1150 -62.57 5.16 -7.07
N THR A 1151 -61.81 5.71 -6.11
CA THR A 1151 -62.13 7.02 -5.49
C THR A 1151 -61.67 8.16 -6.40
N ALA A 1152 -62.10 9.36 -6.04
CA ALA A 1152 -61.67 10.63 -6.67
C ALA A 1152 -60.80 11.39 -5.67
N LEU A 1153 -59.49 11.37 -5.87
CA LEU A 1153 -58.54 12.14 -5.04
C LEU A 1153 -58.33 13.51 -5.65
N PRO A 1154 -57.90 14.52 -4.85
CA PRO A 1154 -57.41 15.78 -5.42
C PRO A 1154 -56.10 15.60 -6.19
N SER A 1155 -55.86 16.52 -7.11
CA SER A 1155 -54.79 16.41 -8.13
C SER A 1155 -53.46 16.97 -7.59
N GLY A 1156 -53.27 16.97 -6.27
CA GLY A 1156 -51.99 17.36 -5.65
C GLY A 1156 -50.98 16.22 -5.72
N SER A 1157 -50.28 15.97 -4.62
CA SER A 1157 -49.29 14.87 -4.52
C SER A 1157 -49.98 13.50 -4.43
N CYS A 1158 -51.28 13.47 -4.13
CA CYS A 1158 -52.01 12.25 -3.75
C CYS A 1158 -52.10 11.29 -4.93
N VAL A 1159 -52.44 11.81 -6.11
CA VAL A 1159 -52.74 10.96 -7.29
C VAL A 1159 -51.45 10.31 -7.80
N ASP A 1160 -50.37 11.08 -7.89
CA ASP A 1160 -49.08 10.55 -8.37
C ASP A 1160 -48.48 9.63 -7.30
N THR A 1161 -48.74 9.88 -6.02
CA THR A 1161 -48.32 8.95 -4.95
C THR A 1161 -49.08 7.63 -5.11
N LEU A 1162 -50.37 7.69 -5.44
CA LEU A 1162 -51.18 6.48 -5.68
C LEU A 1162 -50.64 5.72 -6.89
N LEU A 1163 -50.23 6.43 -7.94
CA LEU A 1163 -49.64 5.79 -9.13
C LEU A 1163 -48.33 5.11 -8.75
N LYS A 1164 -47.49 5.78 -7.97
CA LYS A 1164 -46.17 5.22 -7.61
C LYS A 1164 -46.36 3.97 -6.75
N ASP A 1165 -47.27 4.02 -5.80
CA ASP A 1165 -47.50 2.88 -4.89
C ASP A 1165 -48.18 1.74 -5.64
N LEU A 1166 -49.02 2.04 -6.63
CA LEU A 1166 -49.61 0.98 -7.47
C LEU A 1166 -48.53 0.33 -8.34
N CYS A 1167 -47.58 1.13 -8.81
CA CYS A 1167 -46.42 0.61 -9.56
C CYS A 1167 -45.61 -0.33 -8.66
N LYS A 1168 -45.48 0.04 -7.39
CA LYS A 1168 -44.77 -0.80 -6.41
C LYS A 1168 -45.54 -2.10 -6.13
N MET A 1169 -46.87 -2.01 -6.10
CA MET A 1169 -47.76 -3.17 -5.90
C MET A 1169 -47.59 -4.15 -7.05
N TYR A 1170 -47.67 -3.65 -8.27
CA TYR A 1170 -47.55 -4.51 -9.46
C TYR A 1170 -46.12 -5.03 -9.58
N THR A 1171 -45.14 -4.26 -9.15
CA THR A 1171 -43.72 -4.71 -9.16
C THR A 1171 -43.53 -5.87 -8.20
N THR A 1172 -44.15 -5.79 -7.02
CA THR A 1172 -44.08 -6.87 -6.03
C THR A 1172 -44.78 -8.11 -6.57
N LEU A 1173 -45.91 -7.94 -7.24
CA LEU A 1173 -46.62 -9.08 -7.87
C LEU A 1173 -45.74 -9.72 -8.95
N THR A 1174 -45.07 -8.90 -9.75
CA THR A 1174 -44.18 -9.36 -10.84
C THR A 1174 -43.01 -10.14 -10.24
N ALA A 1175 -42.43 -9.64 -9.15
CA ALA A 1175 -41.31 -10.33 -8.48
C ALA A 1175 -41.81 -11.64 -7.86
N LEU A 1176 -43.06 -11.66 -7.39
CA LEU A 1176 -43.61 -12.88 -6.79
C LEU A 1176 -43.79 -13.96 -7.85
N VAL A 1177 -44.36 -13.61 -8.99
CA VAL A 1177 -44.56 -14.62 -10.06
C VAL A 1177 -43.20 -14.98 -10.68
N ARG A 1178 -42.21 -14.11 -10.58
CA ARG A 1178 -40.83 -14.45 -10.99
C ARG A 1178 -40.27 -15.54 -10.08
N TYR A 1179 -40.46 -15.40 -8.78
CA TYR A 1179 -40.04 -16.46 -7.82
C TYR A 1179 -40.81 -17.75 -8.11
N TYR A 1180 -42.09 -17.63 -8.46
CA TYR A 1180 -42.91 -18.80 -8.84
C TYR A 1180 -42.39 -19.45 -10.12
N LEU A 1181 -41.87 -18.65 -11.05
CA LEU A 1181 -41.22 -19.18 -12.27
C LEU A 1181 -39.92 -19.89 -11.90
N GLN A 1182 -39.23 -19.41 -10.87
CA GLN A 1182 -37.98 -20.03 -10.43
C GLN A 1182 -38.27 -21.39 -9.80
N VAL A 1183 -39.36 -21.50 -9.05
CA VAL A 1183 -39.55 -22.66 -8.11
C VAL A 1183 -40.35 -23.77 -8.78
N CYS A 1184 -41.12 -23.47 -9.84
CA CYS A 1184 -42.19 -24.36 -10.37
C CYS A 1184 -41.63 -25.63 -11.05
N GLN A 1185 -40.33 -25.69 -11.38
CA GLN A 1185 -39.71 -26.86 -12.04
C GLN A 1185 -39.42 -27.98 -11.04
N SER A 1186 -38.95 -27.63 -9.83
CA SER A 1186 -38.48 -28.61 -8.82
C SER A 1186 -39.68 -29.34 -8.20
N SER A 1187 -40.63 -28.59 -7.63
CA SER A 1187 -41.84 -29.16 -6.98
C SER A 1187 -42.86 -29.57 -8.05
N GLY A 1188 -43.42 -28.60 -8.77
CA GLY A 1188 -44.44 -28.83 -9.81
C GLY A 1188 -45.83 -28.55 -9.28
N GLY A 1189 -46.34 -27.36 -9.58
CA GLY A 1189 -47.69 -26.92 -9.17
C GLY A 1189 -47.65 -25.58 -8.47
N ILE A 1190 -48.82 -24.94 -8.45
CA ILE A 1190 -49.04 -23.62 -7.82
C ILE A 1190 -49.95 -23.85 -6.62
N PRO A 1191 -49.64 -23.29 -5.43
CA PRO A 1191 -50.57 -23.33 -4.31
C PRO A 1191 -51.85 -22.56 -4.59
N LYS A 1192 -52.94 -23.03 -4.00
CA LYS A 1192 -54.32 -22.63 -4.36
C LYS A 1192 -54.57 -21.17 -3.95
N ASN A 1193 -53.93 -20.73 -2.86
CA ASN A 1193 -54.07 -19.35 -2.36
C ASN A 1193 -53.48 -18.37 -3.38
N MET A 1194 -52.41 -18.77 -4.04
CA MET A 1194 -51.83 -17.97 -5.13
C MET A 1194 -52.83 -17.86 -6.30
N GLU A 1195 -53.59 -18.92 -6.57
CA GLU A 1195 -54.56 -18.92 -7.68
C GLU A 1195 -55.68 -17.91 -7.36
N LYS A 1196 -56.16 -17.93 -6.11
CA LYS A 1196 -57.18 -16.95 -5.69
C LYS A 1196 -56.58 -15.53 -5.76
N LEU A 1197 -55.31 -15.38 -5.40
CA LEU A 1197 -54.67 -14.04 -5.38
C LEU A 1197 -54.56 -13.51 -6.81
N VAL A 1198 -54.18 -14.36 -7.76
CA VAL A 1198 -54.01 -13.89 -9.15
C VAL A 1198 -55.38 -13.67 -9.79
N LYS A 1199 -56.40 -14.42 -9.36
CA LYS A 1199 -57.79 -14.13 -9.78
C LYS A 1199 -58.20 -12.74 -9.29
N LEU A 1200 -57.92 -12.45 -8.02
CA LEU A 1200 -58.32 -11.16 -7.41
C LEU A 1200 -57.55 -10.01 -8.07
N SER A 1201 -56.28 -10.23 -8.44
CA SER A 1201 -55.47 -9.16 -9.05
C SER A 1201 -55.93 -8.92 -10.49
N GLY A 1202 -56.25 -9.98 -11.22
CA GLY A 1202 -56.73 -9.85 -12.61
C GLY A 1202 -58.11 -9.23 -12.68
N SER A 1203 -59.04 -9.70 -11.85
CA SER A 1203 -60.48 -9.32 -11.95
C SER A 1203 -60.73 -7.96 -11.29
N HIS A 1204 -60.25 -7.77 -10.05
CA HIS A 1204 -60.64 -6.61 -9.21
C HIS A 1204 -59.75 -5.40 -9.48
N LEU A 1205 -58.42 -5.55 -9.53
CA LEU A 1205 -57.51 -4.38 -9.52
C LEU A 1205 -57.38 -3.77 -10.91
N THR A 1206 -56.88 -4.54 -11.87
CA THR A 1206 -56.37 -4.00 -13.16
C THR A 1206 -57.44 -3.30 -14.00
N PRO A 1207 -58.72 -3.76 -14.10
CA PRO A 1207 -59.71 -3.00 -14.87
C PRO A 1207 -60.00 -1.62 -14.26
N LEU A 1208 -60.10 -1.55 -12.94
CA LEU A 1208 -60.35 -0.27 -12.26
C LEU A 1208 -59.08 0.58 -12.31
N CYS A 1209 -57.89 -0.03 -12.38
CA CYS A 1209 -56.63 0.73 -12.59
C CYS A 1209 -56.68 1.41 -13.96
N TYR A 1210 -57.11 0.68 -14.98
CA TYR A 1210 -57.27 1.26 -16.34
C TYR A 1210 -58.30 2.38 -16.32
N SER A 1211 -59.41 2.16 -15.62
CA SER A 1211 -60.48 3.17 -15.51
C SER A 1211 -59.98 4.41 -14.76
N PHE A 1212 -59.10 4.22 -13.79
CA PHE A 1212 -58.51 5.34 -13.03
C PHE A 1212 -57.53 6.11 -13.90
N ILE A 1213 -56.77 5.41 -14.75
CA ILE A 1213 -55.87 6.08 -15.72
C ILE A 1213 -56.72 6.95 -16.65
N SER A 1214 -57.84 6.42 -17.13
CA SER A 1214 -58.75 7.16 -18.03
C SER A 1214 -59.33 8.37 -17.28
N TYR A 1215 -59.63 8.21 -15.99
CA TYR A 1215 -60.24 9.26 -15.17
C TYR A 1215 -59.24 10.41 -14.94
N VAL A 1216 -57.99 10.08 -14.66
CA VAL A 1216 -56.97 11.13 -14.39
C VAL A 1216 -56.55 11.76 -15.72
N GLN A 1217 -56.60 11.01 -16.81
CA GLN A 1217 -56.16 11.50 -18.13
C GLN A 1217 -57.21 12.44 -18.73
N ASN A 1218 -58.51 12.14 -18.52
CA ASN A 1218 -59.60 12.90 -19.20
C ASN A 1218 -59.75 14.30 -18.59
N LYS A 1219 -59.48 14.46 -17.29
CA LYS A 1219 -59.62 15.76 -16.61
C LYS A 1219 -58.45 16.67 -16.99
N SER A 1220 -58.75 17.82 -17.59
CA SER A 1220 -57.75 18.82 -18.06
C SER A 1220 -58.31 20.24 -17.87
N THR A 1247 -45.71 13.56 -15.95
CA THR A 1247 -45.79 12.85 -17.25
C THR A 1247 -45.16 11.45 -17.16
N LYS A 1248 -44.30 11.22 -16.17
CA LYS A 1248 -43.50 9.99 -15.98
C LYS A 1248 -44.23 8.84 -15.28
N PRO A 1249 -45.00 9.02 -14.17
CA PRO A 1249 -45.51 7.85 -13.44
C PRO A 1249 -46.46 6.91 -14.21
N ILE A 1250 -47.25 7.44 -15.14
CA ILE A 1250 -48.27 6.62 -15.84
C ILE A 1250 -47.59 5.70 -16.84
N PRO A 1251 -46.56 6.13 -17.64
CA PRO A 1251 -45.75 5.16 -18.38
C PRO A 1251 -45.09 4.07 -17.51
N ASN A 1252 -44.60 4.44 -16.34
CA ASN A 1252 -44.00 3.48 -15.39
C ASN A 1252 -45.05 2.43 -15.00
N LEU A 1253 -46.27 2.90 -14.73
CA LEU A 1253 -47.35 2.03 -14.24
C LEU A 1253 -47.81 1.09 -15.35
N ILE A 1254 -47.97 1.61 -16.57
CA ILE A 1254 -48.46 0.75 -17.68
C ILE A 1254 -47.35 -0.23 -18.07
N PHE A 1255 -46.09 0.17 -17.97
CA PHE A 1255 -44.97 -0.75 -18.23
C PHE A 1255 -44.93 -1.84 -17.15
N ALA A 1256 -45.19 -1.48 -15.90
CA ALA A 1256 -45.20 -2.42 -14.78
C ALA A 1256 -46.33 -3.44 -14.98
N ILE A 1257 -47.51 -2.98 -15.37
CA ILE A 1257 -48.68 -3.89 -15.50
C ILE A 1257 -48.48 -4.80 -16.73
N GLU A 1258 -47.87 -4.27 -17.80
CA GLU A 1258 -47.67 -5.13 -19.00
C GLU A 1258 -46.57 -6.15 -18.72
N GLN A 1259 -45.56 -5.78 -17.93
CA GLN A 1259 -44.50 -6.75 -17.54
C GLN A 1259 -45.11 -7.82 -16.64
N TYR A 1260 -46.04 -7.42 -15.78
CA TYR A 1260 -46.79 -8.37 -14.92
C TYR A 1260 -47.53 -9.36 -15.80
N GLU A 1261 -48.20 -8.87 -16.84
CA GLU A 1261 -48.97 -9.74 -17.75
C GLU A 1261 -48.03 -10.65 -18.53
N LYS A 1262 -46.85 -10.15 -18.92
CA LYS A 1262 -45.89 -10.95 -19.73
C LYS A 1262 -45.31 -12.08 -18.88
N PHE A 1263 -44.89 -11.77 -17.65
CA PHE A 1263 -44.41 -12.81 -16.73
C PHE A 1263 -45.54 -13.77 -16.38
N LEU A 1264 -46.79 -13.30 -16.37
CA LEU A 1264 -47.94 -14.20 -16.11
C LEU A 1264 -48.17 -15.11 -17.31
N ILE A 1265 -47.93 -14.64 -18.53
CA ILE A 1265 -47.97 -15.49 -19.76
C ILE A 1265 -46.94 -16.62 -19.59
N HIS A 1266 -45.71 -16.26 -19.24
CA HIS A 1266 -44.62 -17.24 -19.12
C HIS A 1266 -44.93 -18.23 -17.99
N LEU A 1267 -45.53 -17.75 -16.90
CA LEU A 1267 -45.90 -18.62 -15.77
C LEU A 1267 -47.03 -19.56 -16.18
N SER A 1268 -48.04 -19.05 -16.88
CA SER A 1268 -49.22 -19.86 -17.28
C SER A 1268 -48.80 -20.89 -18.32
N LYS A 1269 -47.76 -20.61 -19.09
CA LYS A 1269 -47.19 -21.64 -20.00
C LYS A 1269 -46.39 -22.68 -19.20
N LYS A 1270 -45.48 -22.24 -18.31
CA LYS A 1270 -44.56 -23.13 -17.56
C LYS A 1270 -45.17 -23.63 -16.24
N SER A 1271 -46.49 -23.52 -16.05
CA SER A 1271 -47.18 -24.01 -14.83
C SER A 1271 -48.30 -25.01 -15.16
N LYS A 1272 -48.63 -25.23 -16.43
CA LYS A 1272 -49.70 -26.15 -16.91
C LYS A 1272 -51.06 -25.75 -16.34
N VAL A 1273 -51.29 -24.45 -16.17
CA VAL A 1273 -52.59 -23.91 -15.67
C VAL A 1273 -52.85 -22.58 -16.40
N SER A 1274 -54.11 -22.37 -16.77
CA SER A 1274 -54.58 -21.20 -17.53
C SER A 1274 -55.01 -20.13 -16.52
N LEU A 1275 -54.16 -19.12 -16.28
CA LEU A 1275 -54.46 -18.01 -15.36
C LEU A 1275 -55.02 -16.78 -16.10
N MET A 1276 -55.15 -16.86 -17.44
CA MET A 1276 -55.71 -15.77 -18.27
C MET A 1276 -57.24 -15.84 -18.41
N GLN A 1277 -57.86 -16.99 -18.11
CA GLN A 1277 -59.34 -17.07 -17.99
C GLN A 1277 -59.80 -16.30 -16.73
N HIS A 1278 -58.96 -16.23 -15.70
CA HIS A 1278 -59.16 -15.33 -14.53
C HIS A 1278 -58.93 -13.87 -14.93
N MET A 1279 -57.99 -13.63 -15.86
CA MET A 1279 -57.66 -12.26 -16.34
C MET A 1279 -58.68 -11.79 -17.39
N LYS A 1280 -58.73 -10.47 -17.58
CA LYS A 1280 -59.66 -9.79 -18.52
C LYS A 1280 -58.85 -9.17 -19.67
N ASP B 45 16.46 45.88 64.52
CA ASP B 45 17.01 47.22 64.88
C ASP B 45 17.24 48.10 63.64
N SER B 46 17.47 47.51 62.46
CA SER B 46 17.59 48.24 61.18
C SER B 46 16.22 48.80 60.79
N ILE B 47 16.25 49.84 59.95
CA ILE B 47 15.03 50.57 59.51
C ILE B 47 14.15 49.62 58.69
N PHE B 48 14.78 48.74 57.91
CA PHE B 48 14.07 47.78 57.02
C PHE B 48 13.20 46.82 57.84
N VAL B 49 13.80 46.18 58.83
CA VAL B 49 13.10 45.14 59.63
C VAL B 49 12.02 45.80 60.49
N LYS B 50 12.25 47.03 60.96
CA LYS B 50 11.22 47.75 61.75
C LYS B 50 10.03 48.09 60.86
N LEU B 51 10.29 48.60 59.66
CA LEU B 51 9.20 48.96 58.72
C LEU B 51 8.45 47.71 58.28
N LEU B 52 9.16 46.57 58.14
CA LEU B 52 8.49 45.32 57.74
C LEU B 52 7.68 44.74 58.89
N LYS B 53 8.12 44.95 60.14
CA LYS B 53 7.37 44.46 61.30
C LYS B 53 6.10 45.29 61.48
N ILE B 54 6.19 46.61 61.31
CA ILE B 54 4.99 47.47 61.46
C ILE B 54 4.12 47.38 60.19
N SER B 55 4.64 46.85 59.08
CA SER B 55 3.85 46.62 57.86
C SER B 55 3.00 45.35 58.01
N GLY B 56 3.57 44.32 58.65
CA GLY B 56 2.82 43.12 59.04
C GLY B 56 3.37 41.82 58.50
N ILE B 57 4.69 41.71 58.29
CA ILE B 57 5.36 40.43 57.94
C ILE B 57 6.36 40.10 59.04
N ILE B 58 6.21 38.93 59.64
CA ILE B 58 7.18 38.38 60.62
C ILE B 58 8.38 37.86 59.81
N LEU B 59 9.55 38.42 60.07
CA LEU B 59 10.81 38.00 59.42
C LEU B 59 11.35 36.80 60.18
N LYS B 60 11.42 35.65 59.51
CA LYS B 60 11.96 34.41 60.10
C LYS B 60 13.49 34.49 60.06
N THR B 61 14.13 33.83 61.01
CA THR B 61 15.61 33.84 61.20
C THR B 61 16.34 33.04 60.13
N GLY B 62 15.64 32.21 59.34
CA GLY B 62 16.23 31.51 58.19
C GLY B 62 16.21 30.00 58.29
N GLU B 63 15.07 29.40 58.64
CA GLU B 63 14.79 27.97 58.37
C GLU B 63 13.46 27.87 57.62
N SER B 64 12.36 28.25 58.26
CA SER B 64 11.00 28.16 57.71
C SER B 64 10.61 29.49 57.07
N GLN B 65 9.42 29.51 56.49
CA GLN B 65 8.95 30.62 55.65
C GLN B 65 8.54 31.80 56.54
N ASN B 66 8.50 32.98 55.94
CA ASN B 66 8.07 34.22 56.62
C ASN B 66 6.56 34.20 56.76
N GLN B 67 6.05 34.72 57.87
CA GLN B 67 4.60 34.70 58.17
C GLN B 67 3.98 36.02 57.69
N LEU B 68 2.67 35.99 57.51
CA LEU B 68 1.87 37.16 57.06
C LEU B 68 0.72 37.38 58.04
N ALA B 69 0.58 38.61 58.54
CA ALA B 69 -0.53 38.99 59.43
C ALA B 69 -1.73 39.46 58.62
N VAL B 70 -1.50 40.26 57.57
CA VAL B 70 -2.56 40.85 56.74
C VAL B 70 -2.51 40.20 55.36
N ASP B 71 -3.35 40.67 54.44
CA ASP B 71 -3.38 40.20 53.05
C ASP B 71 -2.19 40.80 52.28
N GLN B 72 -2.07 40.48 50.99
CA GLN B 72 -0.92 40.91 50.15
C GLN B 72 -1.10 42.39 49.80
N ILE B 73 -2.27 42.72 49.27
CA ILE B 73 -2.58 44.09 48.81
C ILE B 73 -2.58 45.03 50.02
N ALA B 74 -3.08 44.54 51.16
CA ALA B 74 -3.11 45.31 52.42
C ALA B 74 -1.68 45.65 52.86
N PHE B 75 -0.78 44.67 52.85
CA PHE B 75 0.63 44.88 53.24
C PHE B 75 1.29 45.84 52.25
N GLN B 76 1.02 45.68 50.97
CA GLN B 76 1.69 46.49 49.93
C GLN B 76 1.26 47.95 50.05
N LYS B 77 -0.03 48.21 50.17
CA LYS B 77 -0.54 49.59 50.31
C LYS B 77 -0.12 50.16 51.66
N LYS B 78 0.00 49.31 52.68
CA LYS B 78 0.42 49.73 54.03
C LYS B 78 1.86 50.23 54.00
N LEU B 79 2.77 49.45 53.40
CA LEU B 79 4.19 49.85 53.30
C LEU B 79 4.32 51.03 52.35
N PHE B 80 3.45 51.13 51.35
CA PHE B 80 3.46 52.27 50.41
C PHE B 80 3.13 53.56 51.16
N GLN B 81 2.04 53.57 51.92
CA GLN B 81 1.66 54.79 52.67
C GLN B 81 2.61 55.04 53.84
N THR B 82 3.25 53.99 54.36
CA THR B 82 4.25 54.12 55.44
C THR B 82 5.47 54.87 54.91
N LEU B 83 5.97 54.48 53.74
CA LEU B 83 7.12 55.18 53.12
C LEU B 83 6.67 56.53 52.55
N ARG B 84 5.39 56.70 52.27
CA ARG B 84 4.89 57.98 51.72
C ARG B 84 4.86 59.05 52.80
N ARG B 85 4.13 58.82 53.88
CA ARG B 85 3.86 59.86 54.89
C ARG B 85 5.07 60.05 55.81
N HIS B 86 6.08 59.17 55.74
CA HIS B 86 7.29 59.31 56.58
C HIS B 86 8.10 60.51 56.09
N PRO B 87 8.63 61.35 56.99
CA PRO B 87 9.53 62.43 56.58
C PRO B 87 10.87 61.92 56.03
N SER B 88 11.65 62.86 55.48
CA SER B 88 12.94 62.63 54.80
C SER B 88 12.74 61.66 53.62
N TYR B 89 11.89 62.06 52.67
CA TYR B 89 11.30 61.18 51.62
C TYR B 89 12.33 60.64 50.63
N PRO B 90 13.27 61.42 50.02
CA PRO B 90 14.19 60.82 49.05
C PRO B 90 15.42 60.07 49.62
N LYS B 91 15.47 59.75 50.91
CA LYS B 91 16.62 59.02 51.51
C LYS B 91 16.20 57.74 52.25
N ILE B 92 14.96 57.64 52.69
CA ILE B 92 14.47 56.44 53.41
C ILE B 92 14.44 55.24 52.45
N ILE B 93 14.28 55.48 51.15
CA ILE B 93 14.35 54.39 50.14
C ILE B 93 15.77 53.82 50.11
N GLU B 94 16.78 54.68 50.06
CA GLU B 94 18.18 54.22 49.98
C GLU B 94 18.58 53.57 51.32
N GLU B 95 18.12 54.14 52.44
CA GLU B 95 18.36 53.54 53.78
C GLU B 95 17.68 52.16 53.87
N PHE B 96 16.48 52.06 53.30
CA PHE B 96 15.68 50.82 53.29
C PHE B 96 16.40 49.73 52.50
N VAL B 97 16.89 50.07 51.32
CA VAL B 97 17.51 49.05 50.44
C VAL B 97 18.93 48.72 50.94
N SER B 98 19.61 49.65 51.63
CA SER B 98 20.92 49.33 52.26
C SER B 98 20.71 48.37 53.44
N GLY B 99 19.66 48.60 54.24
CA GLY B 99 19.25 47.64 55.27
C GLY B 99 18.85 46.30 54.66
N LEU B 100 18.22 46.34 53.49
CA LEU B 100 17.77 45.11 52.79
C LEU B 100 18.99 44.29 52.36
N GLU B 101 19.97 44.93 51.71
CA GLU B 101 21.16 44.19 51.23
C GLU B 101 21.99 43.71 52.42
N SER B 102 22.04 44.50 53.50
CA SER B 102 22.74 44.10 54.74
C SER B 102 22.03 42.92 55.40
N TYR B 103 20.71 42.81 55.23
CA TYR B 103 19.94 41.65 55.74
C TYR B 103 20.18 40.42 54.86
N ILE B 104 20.27 40.59 53.54
CA ILE B 104 20.38 39.45 52.60
C ILE B 104 21.85 39.14 52.27
N GLU B 105 22.81 39.67 53.05
CA GLU B 105 24.19 39.16 53.02
C GLU B 105 24.20 37.68 53.43
N ASP B 106 23.37 37.30 54.41
CA ASP B 106 23.29 35.90 54.90
C ASP B 106 22.62 35.03 53.83
N GLU B 107 23.03 33.76 53.79
CA GLU B 107 22.55 32.79 52.78
C GLU B 107 21.12 32.38 53.10
N ASP B 108 20.86 32.02 54.35
CA ASP B 108 19.54 31.49 54.75
C ASP B 108 18.49 32.61 54.70
N SER B 109 18.86 33.81 55.13
CA SER B 109 17.93 34.96 55.18
C SER B 109 17.50 35.34 53.76
N PHE B 110 18.47 35.41 52.85
CA PHE B 110 18.18 35.73 51.45
C PHE B 110 17.42 34.59 50.79
N ARG B 111 17.77 33.35 51.12
CA ARG B 111 17.13 32.16 50.52
C ARG B 111 15.66 32.11 50.93
N ASN B 112 15.34 32.53 52.15
CA ASN B 112 13.94 32.57 52.63
C ASN B 112 13.25 33.82 52.06
N CYS B 113 13.98 34.89 51.84
CA CYS B 113 13.42 36.12 51.24
C CYS B 113 13.00 35.86 49.80
N LEU B 114 13.73 35.00 49.08
CA LEU B 114 13.33 34.59 47.72
C LEU B 114 12.10 33.68 47.79
N LEU B 115 12.05 32.76 48.73
CA LEU B 115 10.93 31.81 48.85
C LEU B 115 9.68 32.53 49.33
N SER B 116 8.56 31.85 49.18
CA SER B 116 7.21 32.44 49.33
C SER B 116 6.76 32.39 50.80
N CYS B 117 5.94 33.36 51.17
CA CYS B 117 5.52 33.60 52.56
C CYS B 117 4.45 32.59 52.99
N GLU B 118 4.04 32.68 54.25
CA GLU B 118 3.01 31.80 54.85
C GLU B 118 1.85 32.64 55.34
N ARG B 119 0.63 32.18 55.05
CA ARG B 119 -0.60 32.81 55.55
C ARG B 119 -0.94 32.25 56.93
N LEU B 120 -1.19 33.13 57.89
CA LEU B 120 -1.56 32.74 59.27
C LEU B 120 -3.06 32.42 59.35
N GLN B 121 -3.88 33.17 58.60
CA GLN B 121 -5.35 33.03 58.57
C GLN B 121 -5.74 31.74 57.84
N SER B 130 -4.35 28.79 51.47
CA SER B 130 -3.63 29.09 52.74
C SER B 130 -2.13 29.32 52.52
N TYR B 131 -1.72 29.77 51.32
CA TYR B 131 -0.31 29.98 50.93
C TYR B 131 -0.22 30.98 49.77
N SER B 132 0.70 31.95 49.91
CA SER B 132 0.80 33.12 49.02
C SER B 132 2.22 33.29 48.52
N LYS B 133 2.52 34.48 48.01
CA LYS B 133 3.73 34.77 47.21
C LYS B 133 4.91 35.06 48.13
N SER B 134 5.98 35.63 47.56
CA SER B 134 7.24 35.94 48.26
C SER B 134 7.30 37.41 48.65
N LEU B 135 8.22 37.71 49.56
CA LEU B 135 8.47 39.07 50.05
C LEU B 135 9.11 39.89 48.94
N ILE B 136 9.96 39.28 48.12
CA ILE B 136 10.68 40.02 47.06
C ILE B 136 9.69 40.43 45.96
N LYS B 137 8.80 39.54 45.59
CA LYS B 137 7.77 39.87 44.57
C LYS B 137 6.83 40.94 45.11
N LEU B 138 6.43 40.81 46.37
CA LEU B 138 5.52 41.79 47.01
C LEU B 138 6.22 43.14 47.12
N LEU B 139 7.52 43.13 47.39
CA LEU B 139 8.32 44.35 47.58
C LEU B 139 8.56 44.99 46.21
N LEU B 140 8.71 44.19 45.16
CA LEU B 140 8.85 44.68 43.77
C LEU B 140 7.49 45.05 43.17
N GLY B 141 6.38 44.74 43.85
CA GLY B 141 5.05 45.22 43.43
C GLY B 141 4.92 46.73 43.55
N ILE B 142 5.73 47.34 44.42
CA ILE B 142 5.73 48.81 44.66
C ILE B 142 6.75 49.44 43.72
N ASP B 143 6.29 50.41 42.93
CA ASP B 143 7.06 50.99 41.80
C ASP B 143 8.22 51.85 42.30
N ILE B 144 8.05 52.53 43.43
CA ILE B 144 9.09 53.44 43.99
C ILE B 144 10.23 52.66 44.63
N LEU B 145 10.01 51.38 44.95
CA LEU B 145 11.07 50.49 45.49
C LEU B 145 11.77 49.70 44.37
N GLN B 146 11.11 49.53 43.21
CA GLN B 146 11.44 48.53 42.15
C GLN B 146 12.89 48.57 41.67
N PRO B 147 13.44 49.72 41.19
CA PRO B 147 14.73 49.67 40.49
C PRO B 147 15.91 49.40 41.45
N ALA B 148 15.80 49.81 42.71
CA ALA B 148 16.83 49.54 43.72
C ALA B 148 16.90 48.04 44.01
N ILE B 149 15.77 47.38 44.12
CA ILE B 149 15.75 45.92 44.39
C ILE B 149 16.18 45.20 43.12
N ILE B 150 15.89 45.76 41.95
CA ILE B 150 16.39 45.21 40.65
C ILE B 150 17.91 45.23 40.66
N LYS B 151 18.50 46.36 41.05
CA LYS B 151 19.96 46.56 40.99
C LYS B 151 20.66 45.65 42.01
N THR B 152 20.17 45.61 43.25
CA THR B 152 20.75 44.80 44.34
C THR B 152 20.27 43.35 44.25
N LEU B 153 19.43 43.02 43.27
CA LEU B 153 19.12 41.61 42.90
C LEU B 153 20.13 41.12 41.86
N PHE B 154 20.58 42.01 40.98
CA PHE B 154 21.52 41.63 39.90
C PHE B 154 22.97 41.76 40.34
N GLU B 155 23.27 42.62 41.30
CA GLU B 155 24.67 42.80 41.76
C GLU B 155 25.15 41.54 42.48
N LYS B 156 24.24 40.83 43.16
CA LYS B 156 24.59 39.64 43.97
C LYS B 156 24.33 38.34 43.22
N LEU B 157 23.94 38.38 41.95
CA LEU B 157 23.71 37.17 41.13
C LEU B 157 25.04 36.54 40.69
N PRO B 158 26.10 37.29 40.27
CA PRO B 158 27.43 36.67 40.11
C PRO B 158 28.09 36.03 41.34
N GLU B 159 27.53 36.24 42.53
CA GLU B 159 27.94 35.50 43.75
C GLU B 159 27.56 34.02 43.67
N TYR B 160 26.53 33.66 42.90
CA TYR B 160 25.96 32.29 42.85
C TYR B 160 26.19 31.62 41.48
N PHE B 161 27.34 31.88 40.86
CA PHE B 161 27.70 31.24 39.58
C PHE B 161 28.13 29.80 39.82
N PHE B 162 29.13 29.60 40.67
CA PHE B 162 29.70 28.27 40.96
C PHE B 162 28.97 27.57 42.11
N GLU B 163 28.07 28.28 42.81
CA GLU B 163 27.22 27.68 43.87
C GLU B 163 26.07 26.95 43.19
N ASN B 164 25.84 25.68 43.55
CA ASN B 164 24.83 24.81 42.91
C ASN B 164 24.42 23.67 43.86
N LYS B 165 23.19 23.77 44.41
CA LYS B 165 22.46 22.68 45.10
C LYS B 165 23.26 22.12 46.29
N ASN B 166 23.40 22.90 47.36
CA ASN B 166 24.23 22.52 48.52
C ASN B 166 23.44 21.60 49.46
N SER B 167 22.37 22.13 50.07
CA SER B 167 21.66 21.49 51.21
C SER B 167 20.22 21.11 50.85
N ASP B 168 19.37 22.08 50.50
CA ASP B 168 17.91 21.85 50.25
C ASP B 168 17.61 21.63 48.76
N GLU B 169 18.64 21.55 47.90
CA GLU B 169 18.52 21.32 46.44
C GLU B 169 17.65 22.41 45.78
N ILE B 170 17.79 23.64 46.28
CA ILE B 170 17.11 24.84 45.74
C ILE B 170 18.18 25.69 45.08
N ASN B 171 18.24 25.63 43.74
CA ASN B 171 19.24 26.36 42.93
C ASN B 171 18.92 27.86 42.98
N ILE B 172 19.89 28.66 43.42
CA ILE B 172 19.66 30.08 43.80
C ILE B 172 19.41 30.98 42.59
N PRO B 173 20.24 31.03 41.52
CA PRO B 173 20.06 32.09 40.52
C PRO B 173 18.79 31.93 39.67
N ARG B 174 18.30 30.71 39.52
CA ARG B 174 16.97 30.52 38.89
C ARG B 174 15.89 31.06 39.82
N LEU B 175 16.07 30.95 41.13
CA LEU B 175 15.14 31.58 42.10
C LEU B 175 15.27 33.10 42.05
N ILE B 176 16.44 33.62 41.72
CA ILE B 176 16.63 35.10 41.62
C ILE B 176 15.88 35.59 40.40
N VAL B 177 16.03 34.91 39.27
CA VAL B 177 15.34 35.34 38.03
C VAL B 177 13.88 34.93 38.05
N SER B 178 13.46 34.07 38.98
CA SER B 178 12.04 33.69 39.12
C SER B 178 11.19 34.88 39.59
N GLN B 179 11.79 35.81 40.34
CA GLN B 179 11.05 36.93 40.96
C GLN B 179 10.77 38.03 39.94
N LEU B 180 11.33 37.97 38.74
CA LEU B 180 11.11 39.02 37.72
C LEU B 180 10.02 38.62 36.74
N LYS B 181 9.55 37.38 36.79
CA LYS B 181 8.52 36.90 35.85
C LYS B 181 7.18 37.54 36.19
N TRP B 182 6.47 38.01 35.17
CA TRP B 182 5.11 38.55 35.27
C TRP B 182 5.05 39.71 36.25
N LEU B 183 5.94 40.68 36.11
CA LEU B 183 5.80 41.92 36.89
C LEU B 183 4.56 42.66 36.40
N ASP B 184 3.76 43.17 37.33
CA ASP B 184 2.55 43.94 37.01
C ASP B 184 2.95 45.27 36.36
N ARG B 185 3.95 45.94 36.91
CA ARG B 185 4.48 47.23 36.42
C ARG B 185 5.99 47.10 36.29
N VAL B 186 6.52 47.58 35.17
CA VAL B 186 7.98 47.74 34.95
C VAL B 186 8.24 49.24 34.75
N VAL B 187 9.22 49.76 35.49
CA VAL B 187 9.45 51.23 35.58
C VAL B 187 10.11 51.69 34.26
N ASP B 188 12.64 49.52 35.39
CA ASP B 188 13.23 50.35 34.31
C ASP B 188 13.50 49.43 33.13
N GLY B 189 12.60 49.41 32.14
CA GLY B 189 12.53 48.35 31.11
C GLY B 189 13.78 48.27 30.26
N LYS B 190 14.27 49.42 29.79
CA LYS B 190 15.53 49.48 29.04
C LYS B 190 16.69 49.09 29.96
N ASP B 191 16.70 49.61 31.19
CA ASP B 191 17.78 49.31 32.16
C ASP B 191 17.74 47.83 32.55
N LEU B 192 16.55 47.29 32.79
CA LEU B 192 16.39 45.85 33.11
C LEU B 192 16.90 45.02 31.93
N THR B 193 16.58 45.45 30.70
CA THR B 193 17.05 44.74 29.49
C THR B 193 18.58 44.76 29.42
N THR B 194 19.22 45.91 29.65
CA THR B 194 20.69 45.99 29.56
C THR B 194 21.34 45.18 30.70
N LYS B 195 20.70 45.15 31.86
CA LYS B 195 21.22 44.36 33.00
C LYS B 195 21.16 42.87 32.68
N ILE B 196 20.06 42.39 32.09
CA ILE B 196 20.00 40.95 31.74
C ILE B 196 20.88 40.67 30.53
N MET B 197 21.20 41.66 29.70
CA MET B 197 22.16 41.40 28.60
C MET B 197 23.57 41.23 29.14
N GLN B 198 23.96 42.07 30.10
CA GLN B 198 25.27 41.87 30.77
C GLN B 198 25.27 40.51 31.47
N LEU B 199 24.17 40.15 32.12
CA LEU B 199 24.09 38.85 32.83
C LEU B 199 24.14 37.70 31.82
N ILE B 200 23.42 37.83 30.71
CA ILE B 200 23.29 36.72 29.73
C ILE B 200 24.61 36.54 28.98
N SER B 201 25.46 37.58 28.98
CA SER B 201 26.84 37.44 28.46
C SER B 201 27.72 36.71 29.47
N ILE B 202 27.79 37.18 30.72
CA ILE B 202 28.86 36.76 31.66
C ILE B 202 28.53 35.42 32.32
N ALA B 203 27.33 34.86 32.09
CA ALA B 203 26.81 33.75 32.89
C ALA B 203 27.58 32.47 32.58
N PRO B 204 27.50 31.44 33.46
CA PRO B 204 27.74 30.06 33.05
C PRO B 204 26.75 29.57 31.97
N GLU B 205 27.11 28.48 31.31
CA GLU B 205 26.39 27.99 30.10
C GLU B 205 25.02 27.44 30.49
N ASN B 206 24.94 26.70 31.59
CA ASN B 206 23.64 26.17 32.07
C ASN B 206 22.77 27.32 32.55
N LEU B 207 23.39 28.28 33.25
CA LEU B 207 22.64 29.42 33.83
C LEU B 207 22.16 30.32 32.71
N GLN B 208 22.97 30.55 31.68
CA GLN B 208 22.52 31.40 30.56
C GLN B 208 21.48 30.66 29.70
N HIS B 209 21.57 29.33 29.61
CA HIS B 209 20.50 28.53 28.99
C HIS B 209 19.21 28.67 29.78
N ASP B 210 19.32 28.80 31.10
CA ASP B 210 18.15 28.86 32.00
C ASP B 210 17.50 30.23 31.92
N ILE B 211 18.29 31.30 31.90
CA ILE B 211 17.69 32.66 31.96
C ILE B 211 17.22 33.07 30.57
N ILE B 212 17.76 32.41 29.54
CA ILE B 212 17.48 32.83 28.15
C ILE B 212 16.07 32.40 27.80
N THR B 213 15.58 31.34 28.42
CA THR B 213 14.26 30.77 28.08
C THR B 213 13.16 31.47 28.89
N SER B 214 13.51 32.03 30.05
CA SER B 214 12.57 32.84 30.88
C SER B 214 12.51 34.30 30.42
N LEU B 215 13.06 34.62 29.25
CA LEU B 215 13.01 35.98 28.66
C LEU B 215 11.60 36.47 28.34
N PRO B 216 10.66 35.74 27.72
CA PRO B 216 9.39 36.37 27.37
C PRO B 216 8.48 36.60 28.57
N GLU B 217 8.68 35.82 29.63
CA GLU B 217 7.98 36.01 30.92
C GLU B 217 8.48 37.33 31.50
N ILE B 218 9.80 37.58 31.46
CA ILE B 218 10.46 38.71 32.17
C ILE B 218 10.11 40.02 31.50
N LEU B 219 10.30 40.10 30.19
CA LEU B 219 10.09 41.36 29.44
C LEU B 219 8.61 41.56 29.19
N GLY B 220 8.22 42.81 28.97
CA GLY B 220 6.84 43.18 28.66
C GLY B 220 6.50 42.90 27.20
N ASP B 221 5.98 43.92 26.50
CA ASP B 221 5.58 43.83 25.07
C ASP B 221 6.14 44.98 24.24
N SER B 222 7.22 45.64 24.66
CA SER B 222 7.79 46.81 23.94
C SER B 222 9.12 46.43 23.27
N GLN B 223 10.07 45.93 24.08
CA GLN B 223 11.52 46.08 23.86
C GLN B 223 12.09 44.88 23.09
N HIS B 224 11.32 44.25 22.22
CA HIS B 224 11.71 42.92 21.67
C HIS B 224 12.72 43.05 20.53
N ALA B 225 12.88 44.24 19.95
CA ALA B 225 13.69 44.42 18.73
C ALA B 225 15.18 44.27 19.06
N ASP B 226 15.68 45.06 20.00
CA ASP B 226 17.12 45.04 20.38
C ASP B 226 17.46 43.72 21.07
N VAL B 227 16.49 43.14 21.78
CA VAL B 227 16.67 41.78 22.38
C VAL B 227 16.83 40.77 21.24
N GLY B 228 16.02 40.86 20.19
CA GLY B 228 16.14 39.96 19.04
C GLY B 228 17.49 40.10 18.35
N LYS B 229 17.94 41.35 18.19
CA LYS B 229 19.22 41.62 17.52
C LYS B 229 20.37 41.05 18.35
N GLU B 230 20.36 41.31 19.67
CA GLU B 230 21.46 40.84 20.54
C GLU B 230 21.44 39.32 20.63
N LEU B 231 20.27 38.71 20.61
CA LEU B 231 20.17 37.23 20.68
C LEU B 231 20.70 36.61 19.40
N SER B 232 20.39 37.19 18.25
CA SER B 232 20.93 36.68 16.97
C SER B 232 22.45 36.89 16.94
N ASP B 233 22.95 37.99 17.48
CA ASP B 233 24.41 38.24 17.51
C ASP B 233 25.10 37.28 18.49
N LEU B 234 24.39 36.82 19.53
CA LEU B 234 24.91 35.76 20.41
C LEU B 234 24.84 34.42 19.69
N LEU B 235 23.87 34.26 18.79
CA LEU B 235 23.64 32.99 18.08
C LEU B 235 24.74 32.77 17.04
N ILE B 236 25.18 33.84 16.38
CA ILE B 236 26.20 33.71 15.30
C ILE B 236 27.55 33.31 15.91
N GLU B 237 27.79 33.64 17.19
CA GLU B 237 29.07 33.31 17.85
C GLU B 237 28.94 31.93 18.48
N ASN B 238 28.03 31.81 19.45
CA ASN B 238 27.89 30.59 20.27
C ASN B 238 26.94 29.65 19.54
N THR B 239 27.39 28.42 19.28
CA THR B 239 26.59 27.36 18.65
C THR B 239 26.11 26.35 19.69
N SER B 240 26.63 26.39 20.92
CA SER B 240 26.10 25.58 22.04
C SER B 240 24.68 26.03 22.39
N LEU B 241 24.35 27.32 22.21
CA LEU B 241 23.03 27.89 22.60
C LEU B 241 22.09 28.05 21.41
N THR B 242 22.22 27.21 20.39
CA THR B 242 21.34 27.31 19.21
C THR B 242 19.93 26.90 19.60
N VAL B 243 19.80 25.92 20.49
CA VAL B 243 18.51 25.24 20.75
C VAL B 243 17.55 26.16 21.52
N PRO B 244 17.91 26.87 22.64
CA PRO B 244 16.92 27.71 23.30
C PRO B 244 16.62 29.03 22.59
N ILE B 245 17.58 29.61 21.89
CA ILE B 245 17.43 30.97 21.32
C ILE B 245 16.34 30.98 20.25
N LEU B 246 16.33 29.99 19.36
CA LEU B 246 15.28 29.86 18.35
C LEU B 246 13.96 29.62 19.05
N ASP B 247 14.00 28.83 20.13
CA ASP B 247 12.83 28.55 20.99
C ASP B 247 12.20 29.87 21.43
N VAL B 248 13.03 30.83 21.80
CA VAL B 248 12.57 32.11 22.38
C VAL B 248 12.17 33.07 21.27
N LEU B 249 12.81 32.97 20.11
CA LEU B 249 12.68 34.03 19.08
C LEU B 249 11.30 34.01 18.43
N SER B 250 10.67 32.85 18.33
CA SER B 250 9.27 32.77 17.89
C SER B 250 8.35 33.21 19.03
N SER B 251 8.80 32.98 20.27
CA SER B 251 8.03 33.24 21.50
C SER B 251 8.10 34.72 21.94
N LEU B 252 9.01 35.53 21.39
CA LEU B 252 8.97 37.01 21.56
C LEU B 252 7.96 37.54 20.56
N ARG B 253 8.04 38.81 20.23
CA ARG B 253 7.26 39.34 19.11
C ARG B 253 8.21 40.00 18.12
N LEU B 254 8.80 39.19 17.26
CA LEU B 254 9.70 39.70 16.22
C LEU B 254 8.93 39.83 14.91
N ASP B 255 9.52 40.58 13.98
CA ASP B 255 9.03 40.73 12.59
C ASP B 255 9.43 39.49 11.81
N PRO B 256 8.55 38.96 10.91
CA PRO B 256 8.82 37.68 10.25
C PRO B 256 10.09 37.63 9.39
N ASN B 257 10.49 38.76 8.83
CA ASN B 257 11.69 38.82 7.98
C ASN B 257 12.96 38.79 8.84
N PHE B 258 12.84 38.94 10.16
CA PHE B 258 13.96 38.63 11.08
C PHE B 258 14.04 37.13 11.26
N LEU B 259 12.89 36.48 11.39
CA LEU B 259 12.82 35.01 11.66
C LEU B 259 13.32 34.23 10.46
N LEU B 260 12.97 34.65 9.24
CA LEU B 260 13.45 33.96 8.03
C LEU B 260 14.96 34.12 7.87
N LYS B 261 15.48 35.27 8.28
CA LYS B 261 16.94 35.50 8.26
C LYS B 261 17.64 34.58 9.27
N VAL B 262 17.06 34.44 10.46
CA VAL B 262 17.65 33.57 11.51
C VAL B 262 17.52 32.11 11.09
N ARG B 263 16.45 31.77 10.37
CA ARG B 263 16.26 30.40 9.86
C ARG B 263 17.30 30.07 8.81
N GLN B 264 17.58 31.01 7.90
CA GLN B 264 18.65 30.81 6.89
C GLN B 264 20.00 30.71 7.61
N LEU B 265 20.21 31.51 8.65
CA LEU B 265 21.46 31.53 9.42
C LEU B 265 21.70 30.18 10.09
N VAL B 266 20.66 29.55 10.61
CA VAL B 266 20.84 28.28 11.35
C VAL B 266 20.91 27.13 10.35
N MET B 267 20.27 27.25 9.17
CA MET B 267 20.42 26.21 8.12
C MET B 267 21.82 26.28 7.49
N ASP B 268 22.45 27.45 7.47
CA ASP B 268 23.81 27.58 6.91
C ASP B 268 24.80 26.76 7.74
N LYS B 269 24.72 26.84 9.07
CA LYS B 269 25.73 26.24 9.97
C LYS B 269 25.18 24.94 10.56
N LEU B 270 24.41 24.21 9.76
CA LEU B 270 23.70 22.98 10.20
C LEU B 270 24.67 21.83 10.47
N SER B 271 25.86 21.84 9.86
CA SER B 271 26.87 20.78 10.01
C SER B 271 27.61 20.89 11.34
N SER B 272 27.63 22.08 11.97
CA SER B 272 28.47 22.39 13.14
C SER B 272 27.71 22.26 14.46
N ILE B 273 26.67 21.43 14.51
CA ILE B 273 25.80 21.28 15.70
C ILE B 273 26.05 19.92 16.30
N ARG B 274 26.18 19.89 17.62
CA ARG B 274 26.36 18.64 18.38
C ARG B 274 25.14 17.74 18.18
N LEU B 275 25.32 16.47 18.52
CA LEU B 275 24.38 15.38 18.14
C LEU B 275 23.08 15.45 18.93
N GLU B 276 23.13 15.95 20.17
CA GLU B 276 21.96 15.97 21.07
C GLU B 276 20.97 17.05 20.63
N ASP B 277 21.43 18.08 19.92
CA ASP B 277 20.59 19.25 19.58
C ASP B 277 20.04 19.14 18.15
N LEU B 278 20.41 18.11 17.40
CA LEU B 278 20.11 18.09 15.95
C LEU B 278 18.66 17.77 15.67
N PRO B 279 18.01 16.76 16.29
CA PRO B 279 16.60 16.55 16.03
C PRO B 279 15.71 17.70 16.50
N VAL B 280 16.14 18.44 17.51
CA VAL B 280 15.37 19.60 18.03
C VAL B 280 15.43 20.73 17.01
N ILE B 281 16.59 20.96 16.41
CA ILE B 281 16.74 22.06 15.43
C ILE B 281 16.01 21.71 14.15
N ILE B 282 16.06 20.46 13.73
CA ILE B 282 15.34 20.02 12.49
C ILE B 282 13.84 20.04 12.76
N LYS B 283 13.46 19.77 14.00
CA LYS B 283 12.06 19.87 14.45
C LYS B 283 11.61 21.31 14.31
N PHE B 284 12.43 22.27 14.72
CA PHE B 284 12.09 23.71 14.58
C PHE B 284 11.99 24.08 13.10
N ILE B 285 12.91 23.61 12.27
CA ILE B 285 12.94 24.00 10.84
C ILE B 285 11.69 23.47 10.15
N LEU B 286 11.26 22.26 10.48
CA LEU B 286 10.09 21.59 9.86
C LEU B 286 8.80 22.17 10.42
N HIS B 287 8.80 22.56 11.69
CA HIS B 287 7.65 23.21 12.36
C HIS B 287 7.46 24.64 11.88
N SER B 288 8.49 25.24 11.28
CA SER B 288 8.50 26.65 10.86
C SER B 288 8.50 26.75 9.34
N VAL B 289 7.70 25.95 8.67
CA VAL B 289 7.50 26.07 7.20
C VAL B 289 6.10 26.59 7.02
N THR B 290 5.92 27.35 5.96
CA THR B 290 4.60 27.82 5.48
C THR B 290 4.21 26.88 4.35
N ALA B 291 3.27 27.26 3.50
CA ALA B 291 2.95 26.56 2.23
C ALA B 291 3.82 27.07 1.09
N MET B 292 4.40 28.27 1.20
CA MET B 292 5.01 28.96 0.03
C MET B 292 6.53 28.74 -0.02
N ASP B 293 7.18 28.73 1.14
CA ASP B 293 8.66 28.60 1.19
C ASP B 293 9.10 27.13 1.29
N THR B 294 8.15 26.21 1.39
CA THR B 294 8.36 24.82 1.89
C THR B 294 9.35 24.05 1.02
N LEU B 295 9.31 24.23 -0.30
CA LEU B 295 10.17 23.42 -1.18
C LEU B 295 11.61 23.92 -1.13
N GLU B 296 11.82 25.23 -0.96
CA GLU B 296 13.19 25.80 -0.90
C GLU B 296 13.90 25.37 0.37
N VAL B 297 13.20 25.45 1.50
CA VAL B 297 13.76 25.02 2.80
C VAL B 297 13.93 23.51 2.80
N ILE B 298 13.01 22.78 2.18
CA ILE B 298 13.10 21.30 2.17
C ILE B 298 14.30 20.90 1.31
N SER B 299 14.55 21.62 0.21
CA SER B 299 15.67 21.30 -0.69
C SER B 299 16.99 21.65 -0.01
N GLU B 300 17.01 22.73 0.75
CA GLU B 300 18.21 23.12 1.53
C GLU B 300 18.49 22.05 2.57
N LEU B 301 17.44 21.54 3.20
CA LEU B 301 17.57 20.55 4.29
C LEU B 301 18.05 19.23 3.70
N ARG B 302 17.59 18.91 2.50
CA ARG B 302 17.99 17.68 1.79
C ARG B 302 19.46 17.78 1.42
N GLU B 303 19.91 18.95 0.98
CA GLU B 303 21.31 19.14 0.54
C GLU B 303 22.26 19.24 1.72
N LYS B 304 21.79 19.67 2.90
CA LYS B 304 22.69 19.95 4.03
C LYS B 304 22.82 18.77 4.98
N LEU B 305 21.77 17.98 5.16
CA LEU B 305 21.80 16.83 6.08
C LEU B 305 22.51 15.65 5.45
N ASP B 306 23.42 15.03 6.19
CA ASP B 306 24.37 14.05 5.61
C ASP B 306 24.26 12.68 6.28
N LEU B 307 24.26 12.65 7.62
CA LEU B 307 24.56 11.45 8.43
C LEU B 307 25.87 10.78 8.02
N GLN B 308 26.91 11.57 7.71
CA GLN B 308 28.31 11.07 7.66
C GLN B 308 29.20 11.96 8.53
N HIS B 309 28.59 12.84 9.33
CA HIS B 309 29.24 13.65 10.40
C HIS B 309 28.77 13.24 11.80
N CYS B 310 27.63 12.55 11.92
CA CYS B 310 27.03 12.17 13.23
C CYS B 310 27.05 10.65 13.49
N VAL B 311 27.45 9.84 12.52
CA VAL B 311 27.52 8.36 12.66
C VAL B 311 28.63 7.98 13.65
N SER B 337 24.98 3.53 20.76
CA SER B 337 24.37 4.31 21.88
C SER B 337 24.89 5.77 21.97
N SER B 338 25.60 6.25 20.94
CA SER B 338 26.22 7.61 20.88
C SER B 338 25.74 8.38 19.64
N GLY B 339 25.65 7.70 18.48
CA GLY B 339 25.13 8.29 17.24
C GLY B 339 23.90 7.56 16.71
N GLN B 340 23.79 6.25 16.93
CA GLN B 340 22.66 5.46 16.39
C GLN B 340 21.35 5.90 17.07
N SER B 341 21.40 6.20 18.38
CA SER B 341 20.19 6.64 19.11
C SER B 341 19.78 8.02 18.60
N CYS B 342 20.73 8.91 18.35
CA CYS B 342 20.41 10.27 17.85
C CYS B 342 19.83 10.17 16.42
N ILE B 343 20.34 9.24 15.62
CA ILE B 343 19.82 9.05 14.25
C ILE B 343 18.39 8.50 14.33
N ILE B 344 18.15 7.60 15.28
CA ILE B 344 16.79 7.04 15.54
C ILE B 344 15.84 8.21 15.87
N LEU B 345 16.26 9.09 16.78
CA LEU B 345 15.43 10.20 17.24
C LEU B 345 15.17 11.14 16.05
N LEU B 346 16.18 11.38 15.23
CA LEU B 346 16.06 12.31 14.09
C LEU B 346 15.07 11.78 13.06
N PHE B 347 15.11 10.49 12.79
CA PHE B 347 14.18 9.90 11.80
C PHE B 347 12.80 9.80 12.39
N ASP B 348 12.67 9.68 13.70
CA ASP B 348 11.36 9.80 14.38
C ASP B 348 10.80 11.20 14.12
N VAL B 349 11.63 12.21 14.24
CA VAL B 349 11.20 13.61 14.03
C VAL B 349 10.75 13.81 12.59
N ILE B 350 11.45 13.21 11.62
CA ILE B 350 11.12 13.45 10.20
C ILE B 350 9.88 12.66 9.83
N LYS B 351 9.76 11.45 10.38
CA LYS B 351 8.61 10.55 10.13
C LYS B 351 7.35 11.21 10.66
N SER B 352 7.42 11.70 11.90
CA SER B 352 6.29 12.37 12.59
C SER B 352 6.00 13.70 11.92
N ALA B 353 6.97 14.31 11.28
CA ALA B 353 6.73 15.61 10.65
C ALA B 353 5.95 15.39 9.39
N ILE B 354 6.30 14.36 8.60
CA ILE B 354 5.65 14.13 7.28
C ILE B 354 4.32 13.47 7.51
N ARG B 355 4.10 12.89 8.69
CA ARG B 355 2.85 12.16 8.99
C ARG B 355 1.72 13.13 9.25
N TYR B 356 1.99 14.12 10.09
CA TYR B 356 1.04 15.15 10.52
C TYR B 356 1.05 16.34 9.57
N GLU B 357 1.65 16.21 8.40
CA GLU B 357 1.75 17.34 7.45
C GLU B 357 2.14 16.78 6.09
N LYS B 358 1.22 16.78 5.12
CA LYS B 358 1.40 15.93 3.90
C LYS B 358 2.35 16.58 2.89
N THR B 359 2.44 17.90 2.88
CA THR B 359 3.14 18.60 1.81
C THR B 359 4.64 18.46 1.98
N ILE B 360 5.12 18.07 3.16
CA ILE B 360 6.57 17.83 3.34
C ILE B 360 6.99 16.57 2.59
N SER B 361 6.09 15.63 2.41
CA SER B 361 6.41 14.39 1.67
C SER B 361 6.57 14.72 0.18
N GLU B 362 5.61 15.44 -0.38
CA GLU B 362 5.69 15.79 -1.83
C GLU B 362 6.88 16.72 -2.05
N ALA B 363 7.10 17.68 -1.16
CA ALA B 363 8.27 18.57 -1.20
C ALA B 363 9.56 17.75 -1.19
N TRP B 364 9.64 16.69 -0.39
CA TRP B 364 10.89 15.93 -0.26
C TRP B 364 11.07 15.02 -1.44
N ILE B 365 10.01 14.52 -2.03
CA ILE B 365 10.15 13.71 -3.28
C ILE B 365 10.54 14.62 -4.45
N LYS B 366 10.01 15.84 -4.51
CA LYS B 366 10.42 16.79 -5.55
C LYS B 366 11.88 17.15 -5.35
N ALA B 367 12.33 17.23 -4.11
CA ALA B 367 13.72 17.60 -3.81
C ALA B 367 14.67 16.46 -4.14
N ILE B 368 14.19 15.22 -4.17
CA ILE B 368 15.07 14.11 -4.59
C ILE B 368 14.99 13.91 -6.12
N GLU B 369 13.79 13.98 -6.70
CA GLU B 369 13.58 13.73 -8.14
C GLU B 369 14.31 14.82 -8.96
N ASN B 370 14.32 16.08 -8.52
CA ASN B 370 14.98 17.17 -9.26
C ASN B 370 16.50 17.12 -9.13
N THR B 371 17.01 16.38 -8.15
CA THR B 371 18.46 16.10 -8.10
C THR B 371 18.77 15.03 -9.16
N ALA B 372 18.96 15.48 -10.42
CA ALA B 372 19.23 14.58 -11.56
C ALA B 372 20.69 14.68 -11.99
N SER B 373 21.22 15.91 -12.08
CA SER B 373 22.60 16.16 -12.59
C SER B 373 23.60 15.58 -11.56
N VAL B 374 23.38 15.89 -10.28
CA VAL B 374 24.31 15.52 -9.19
C VAL B 374 24.19 14.00 -8.98
N SER B 375 25.21 13.24 -9.43
CA SER B 375 25.30 11.79 -9.10
C SER B 375 25.97 11.55 -7.75
N GLU B 376 26.27 12.64 -6.99
CA GLU B 376 26.45 12.59 -5.51
C GLU B 376 25.05 12.53 -4.83
N HIS B 377 24.44 11.36 -4.96
CA HIS B 377 23.28 10.95 -4.15
C HIS B 377 23.78 10.33 -2.85
N LYS B 378 23.18 10.72 -1.75
CA LYS B 378 23.64 10.29 -0.42
C LYS B 378 22.90 9.04 -0.03
N VAL B 379 23.16 8.57 1.17
CA VAL B 379 22.37 7.48 1.81
C VAL B 379 20.97 8.05 2.09
N PHE B 380 20.93 9.29 2.58
CA PHE B 380 19.71 10.00 3.05
C PHE B 380 18.62 9.99 1.99
N ASP B 381 18.99 9.95 0.73
CA ASP B 381 18.02 9.92 -0.37
C ASP B 381 17.26 8.61 -0.33
N LEU B 382 17.94 7.47 -0.21
CA LEU B 382 17.18 6.21 -0.18
C LEU B 382 16.46 6.02 1.16
N VAL B 383 17.04 6.42 2.28
CA VAL B 383 16.34 6.21 3.56
C VAL B 383 15.08 7.06 3.57
N MET B 384 15.09 8.20 2.95
CA MET B 384 13.90 9.08 2.91
C MET B 384 12.92 8.57 1.87
N LEU B 385 13.37 7.91 0.84
CA LEU B 385 12.41 7.36 -0.12
C LEU B 385 11.70 6.18 0.52
N PHE B 386 12.39 5.34 1.31
CA PHE B 386 11.76 4.23 2.04
C PHE B 386 10.83 4.77 3.10
N ILE B 387 11.16 5.82 3.81
CA ILE B 387 10.30 6.33 4.90
C ILE B 387 9.06 6.99 4.33
N ILE B 388 9.11 7.71 3.25
CA ILE B 388 7.89 8.28 2.63
C ILE B 388 7.10 7.16 1.99
N TYR B 389 7.71 6.03 1.66
CA TYR B 389 6.98 4.85 1.17
C TYR B 389 6.19 4.21 2.31
N SER B 390 6.85 3.96 3.43
CA SER B 390 6.31 3.18 4.55
C SER B 390 5.23 3.96 5.27
N THR B 391 5.38 5.28 5.38
CA THR B 391 4.32 6.20 5.84
C THR B 391 3.37 6.49 4.67
N ASN B 392 2.79 7.66 4.66
CA ASN B 392 1.60 8.00 3.86
C ASN B 392 1.58 7.39 2.45
N THR B 393 0.52 6.63 2.18
CA THR B 393 0.51 5.58 1.16
C THR B 393 -0.20 6.02 -0.11
N GLN B 394 -0.38 7.32 -0.36
CA GLN B 394 -0.80 7.76 -1.71
C GLN B 394 0.45 7.90 -2.59
N THR B 395 1.60 8.07 -1.97
CA THR B 395 2.84 8.40 -2.69
C THR B 395 3.45 7.17 -3.33
N LYS B 396 2.91 5.97 -3.08
CA LYS B 396 3.66 4.71 -3.31
C LYS B 396 4.06 4.60 -4.77
N LYS B 397 3.08 4.73 -5.64
CA LYS B 397 3.30 4.64 -7.10
C LYS B 397 4.31 5.70 -7.52
N TYR B 398 4.20 6.88 -6.93
CA TYR B 398 5.09 7.99 -7.29
C TYR B 398 6.51 7.66 -6.84
N ILE B 399 6.68 7.12 -5.65
CA ILE B 399 8.06 6.75 -5.23
C ILE B 399 8.45 5.45 -5.90
N ASP B 400 7.51 4.69 -6.46
CA ASP B 400 7.86 3.55 -7.31
C ASP B 400 8.42 4.07 -8.63
N ARG B 401 7.88 5.18 -9.11
CA ARG B 401 8.26 5.69 -10.45
C ARG B 401 9.64 6.34 -10.34
N VAL B 402 9.78 7.24 -9.40
CA VAL B 402 11.03 8.02 -9.19
C VAL B 402 12.21 7.07 -9.00
N LEU B 403 12.03 6.04 -8.18
CA LEU B 403 13.10 5.06 -7.89
C LEU B 403 13.47 4.24 -9.13
N ARG B 404 12.51 3.94 -10.00
CA ARG B 404 12.83 3.33 -11.30
C ARG B 404 13.73 4.26 -12.12
N ASN B 405 13.42 5.55 -12.14
CA ASN B 405 14.19 6.49 -12.97
C ASN B 405 15.49 6.86 -12.30
N LYS B 406 15.73 6.43 -11.08
CA LYS B 406 17.06 6.60 -10.50
C LYS B 406 17.95 5.41 -10.84
N ILE B 407 17.39 4.27 -11.20
CA ILE B 407 18.18 3.02 -11.38
C ILE B 407 18.64 2.88 -12.82
N ARG B 408 17.78 3.19 -13.79
CA ARG B 408 18.12 3.19 -15.24
C ARG B 408 19.17 4.26 -15.52
N SER B 409 19.02 5.41 -14.86
CA SER B 409 19.89 6.58 -15.07
C SER B 409 21.22 6.43 -14.30
N GLY B 410 21.37 5.39 -13.46
CA GLY B 410 22.64 5.06 -12.80
C GLY B 410 22.86 5.84 -11.52
N CYS B 411 21.92 6.72 -11.16
CA CYS B 411 22.10 7.73 -10.07
C CYS B 411 22.05 7.09 -8.68
N ILE B 412 21.28 6.02 -8.57
CA ILE B 412 21.26 5.13 -7.39
C ILE B 412 21.75 3.77 -7.85
N GLN B 413 22.72 3.24 -7.11
CA GLN B 413 23.41 1.99 -7.49
C GLN B 413 23.48 1.08 -6.27
N GLU B 414 24.00 -0.11 -6.47
CA GLU B 414 23.89 -1.17 -5.48
C GLU B 414 24.79 -0.89 -4.27
N GLN B 415 25.87 -0.10 -4.41
CA GLN B 415 26.76 0.17 -3.25
C GLN B 415 26.12 1.22 -2.35
N LEU B 416 25.27 2.06 -2.91
CA LEU B 416 24.41 2.96 -2.09
C LEU B 416 23.45 2.16 -1.23
N LEU B 417 22.82 1.16 -1.82
CA LEU B 417 21.87 0.27 -1.12
C LEU B 417 22.61 -0.56 -0.08
N GLN B 418 23.82 -1.01 -0.40
CA GLN B 418 24.65 -1.78 0.56
C GLN B 418 24.97 -0.90 1.76
N SER B 419 25.43 0.32 1.54
CA SER B 419 25.78 1.25 2.64
C SER B 419 24.52 1.63 3.42
N THR B 420 23.41 1.86 2.74
CA THR B 420 22.10 2.21 3.33
C THR B 420 21.67 1.15 4.34
N PHE B 421 21.60 -0.09 3.91
CA PHE B 421 21.13 -1.18 4.78
C PHE B 421 22.15 -1.44 5.87
N SER B 422 23.44 -1.49 5.53
CA SER B 422 24.48 -1.97 6.47
C SER B 422 24.70 -0.96 7.59
N VAL B 423 24.40 0.32 7.37
CA VAL B 423 24.53 1.36 8.42
C VAL B 423 23.20 1.54 9.16
N HIS B 424 22.10 1.71 8.43
CA HIS B 424 20.83 2.19 9.03
C HIS B 424 19.78 1.11 9.18
N TYR B 425 20.16 -0.15 9.44
CA TYR B 425 19.16 -1.27 9.52
C TYR B 425 18.44 -1.29 10.87
N LEU B 426 18.48 -0.24 11.68
CA LEU B 426 17.55 -0.11 12.82
C LEU B 426 16.44 0.89 12.50
N VAL B 427 16.69 1.83 11.62
CA VAL B 427 15.62 2.73 11.12
C VAL B 427 14.76 1.95 10.15
N LEU B 428 15.39 1.10 9.38
CA LEU B 428 14.71 0.43 8.28
C LEU B 428 13.92 -0.75 8.81
N LYS B 429 14.31 -1.32 9.96
CA LYS B 429 13.78 -2.62 10.46
C LYS B 429 12.27 -2.55 10.53
N ASP B 430 11.78 -1.54 11.23
CA ASP B 430 10.34 -1.43 11.58
C ASP B 430 9.49 -1.16 10.32
N MET B 431 10.10 -1.03 9.17
CA MET B 431 9.36 -0.85 7.94
C MET B 431 9.75 -1.91 6.94
N CYS B 432 9.80 -3.14 7.40
CA CYS B 432 10.18 -4.28 6.53
C CYS B 432 9.20 -4.45 5.39
N SER B 433 7.92 -4.56 5.71
CA SER B 433 6.89 -5.06 4.79
C SER B 433 6.77 -4.14 3.61
N SER B 434 6.92 -2.84 3.80
CA SER B 434 6.83 -1.85 2.70
C SER B 434 7.97 -2.05 1.71
N ILE B 435 9.19 -2.25 2.21
CA ILE B 435 10.38 -2.67 1.43
C ILE B 435 10.07 -3.91 0.63
N LEU B 436 9.46 -4.92 1.21
CA LEU B 436 9.15 -6.15 0.45
C LEU B 436 8.02 -5.88 -0.51
N SER B 437 7.20 -4.87 -0.30
CA SER B 437 6.18 -4.51 -1.29
C SER B 437 6.81 -3.76 -2.42
N LEU B 438 7.98 -3.19 -2.16
CA LEU B 438 8.75 -2.41 -3.17
C LEU B 438 9.52 -3.34 -4.07
N ALA B 439 10.33 -4.20 -3.44
CA ALA B 439 11.21 -5.19 -4.06
C ALA B 439 10.43 -6.03 -5.06
N GLN B 440 9.25 -6.42 -4.69
CA GLN B 440 8.41 -7.27 -5.56
C GLN B 440 8.05 -6.50 -6.81
N SER B 441 7.86 -5.18 -6.75
CA SER B 441 7.51 -4.37 -7.96
C SER B 441 8.72 -4.19 -8.87
N LEU B 442 9.92 -4.16 -8.29
CA LEU B 442 11.19 -4.10 -9.04
C LEU B 442 11.67 -5.51 -9.39
N LEU B 443 10.87 -6.55 -9.30
CA LEU B 443 11.14 -7.82 -9.99
C LEU B 443 10.15 -8.01 -11.12
N HIS B 444 9.07 -7.24 -11.19
CA HIS B 444 8.05 -7.45 -12.24
C HIS B 444 8.45 -6.72 -13.50
N SER B 445 9.44 -5.83 -13.42
CA SER B 445 9.81 -4.98 -14.56
C SER B 445 10.75 -5.74 -15.49
N LEU B 446 11.04 -5.12 -16.63
CA LEU B 446 12.17 -5.49 -17.50
C LEU B 446 13.37 -4.63 -17.07
N ASP B 447 14.38 -4.43 -17.91
CA ASP B 447 15.51 -3.50 -17.62
C ASP B 447 16.28 -4.02 -16.38
N GLN B 448 17.10 -5.04 -16.64
CA GLN B 448 17.72 -5.95 -15.65
C GLN B 448 18.48 -5.21 -14.55
N SER B 449 18.85 -3.94 -14.71
CA SER B 449 19.45 -3.17 -13.58
C SER B 449 18.42 -2.94 -12.47
N ILE B 450 17.16 -2.73 -12.86
CA ILE B 450 16.01 -2.66 -11.91
C ILE B 450 15.82 -4.01 -11.22
N ILE B 451 15.83 -5.09 -11.98
CA ILE B 451 15.62 -6.45 -11.42
C ILE B 451 16.78 -6.76 -10.49
N SER B 452 17.99 -6.35 -10.83
CA SER B 452 19.16 -6.55 -9.94
C SER B 452 18.94 -5.78 -8.64
N PHE B 453 18.34 -4.61 -8.74
CA PHE B 453 18.08 -3.77 -7.56
C PHE B 453 17.09 -4.49 -6.66
N GLY B 454 16.01 -5.03 -7.24
CA GLY B 454 14.99 -5.77 -6.47
C GLY B 454 15.55 -7.01 -5.78
N SER B 455 16.37 -7.74 -6.50
CA SER B 455 17.15 -8.88 -5.98
C SER B 455 17.95 -8.46 -4.75
N LEU B 456 18.65 -7.33 -4.84
CA LEU B 456 19.46 -6.85 -3.68
C LEU B 456 18.54 -6.48 -2.50
N LEU B 457 17.33 -5.97 -2.78
CA LEU B 457 16.42 -5.60 -1.69
C LEU B 457 16.00 -6.85 -0.91
N TYR B 458 15.69 -7.94 -1.64
CA TYR B 458 15.30 -9.24 -1.04
C TYR B 458 16.48 -9.83 -0.30
N LYS B 459 17.68 -9.69 -0.84
CA LYS B 459 18.88 -10.23 -0.20
C LYS B 459 19.14 -9.54 1.14
N TYR B 460 19.05 -8.21 1.16
CA TYR B 460 19.38 -7.42 2.38
C TYR B 460 18.23 -7.50 3.38
N ALA B 461 16.99 -7.52 2.92
CA ALA B 461 15.82 -7.71 3.80
C ALA B 461 15.96 -9.05 4.52
N PHE B 462 16.37 -10.10 3.80
CA PHE B 462 16.63 -11.40 4.42
C PHE B 462 17.79 -11.26 5.40
N LYS B 463 18.85 -10.57 5.02
CA LYS B 463 20.14 -10.63 5.77
C LYS B 463 20.06 -9.88 7.09
N PHE B 464 19.48 -8.67 7.08
CA PHE B 464 19.56 -7.75 8.24
C PHE B 464 18.37 -7.85 9.19
N PHE B 465 17.18 -8.17 8.71
CA PHE B 465 15.95 -8.11 9.53
C PHE B 465 15.86 -9.35 10.43
N ASP B 466 14.81 -9.42 11.26
CA ASP B 466 14.64 -10.52 12.24
C ASP B 466 13.90 -11.68 11.60
N THR B 467 13.63 -12.73 12.36
CA THR B 467 13.25 -14.07 11.85
C THR B 467 11.82 -14.11 11.30
N TYR B 468 11.02 -13.08 11.48
CA TYR B 468 9.70 -13.04 10.83
C TYR B 468 9.84 -12.54 9.41
N CYS B 469 10.67 -11.52 9.21
CA CYS B 469 10.87 -10.93 7.87
C CYS B 469 11.66 -11.88 7.01
N GLN B 470 12.50 -12.74 7.57
CA GLN B 470 13.22 -13.74 6.75
C GLN B 470 12.21 -14.70 6.13
N GLN B 471 11.24 -15.11 6.92
CA GLN B 471 10.17 -16.02 6.47
C GLN B 471 9.32 -15.34 5.40
N GLU B 472 9.07 -14.05 5.54
CA GLU B 472 8.28 -13.30 4.55
C GLU B 472 9.05 -13.15 3.26
N VAL B 473 10.38 -13.03 3.35
CA VAL B 473 11.29 -12.96 2.18
C VAL B 473 11.21 -14.27 1.43
N VAL B 474 11.35 -15.41 2.13
CA VAL B 474 11.40 -16.74 1.47
C VAL B 474 10.03 -17.06 0.87
N GLY B 475 8.97 -16.70 1.53
CA GLY B 475 7.64 -16.88 0.97
C GLY B 475 7.47 -16.10 -0.26
N ALA B 476 8.07 -14.92 -0.34
CA ALA B 476 7.92 -14.01 -1.49
C ALA B 476 8.66 -14.55 -2.68
N LEU B 477 9.86 -15.06 -2.45
CA LEU B 477 10.69 -15.67 -3.51
C LEU B 477 10.03 -16.94 -4.03
N VAL B 478 9.44 -17.76 -3.17
CA VAL B 478 8.73 -19.00 -3.57
C VAL B 478 7.52 -18.68 -4.41
N THR B 479 6.81 -17.65 -4.06
CA THR B 479 5.70 -17.18 -4.89
C THR B 479 6.23 -16.70 -6.20
N HIS B 480 7.42 -16.11 -6.25
CA HIS B 480 8.03 -15.58 -7.53
C HIS B 480 8.33 -16.73 -8.46
N ILE B 481 8.99 -17.74 -7.93
CA ILE B 481 9.38 -18.97 -8.64
C ILE B 481 8.14 -19.64 -9.21
N CYS B 482 7.16 -19.92 -8.36
CA CYS B 482 6.01 -20.79 -8.72
C CYS B 482 5.06 -20.07 -9.65
N SER B 483 4.62 -18.88 -9.30
CA SER B 483 3.65 -18.11 -10.12
C SER B 483 4.36 -17.57 -11.36
N GLY B 484 5.19 -16.55 -11.22
CA GLY B 484 6.35 -16.33 -12.10
C GLY B 484 6.13 -15.97 -13.57
N ASN B 485 7.18 -15.38 -14.15
CA ASN B 485 7.52 -15.45 -15.61
C ASN B 485 9.05 -15.43 -15.71
N GLU B 486 9.59 -15.80 -16.86
CA GLU B 486 10.93 -16.46 -16.93
C GLU B 486 12.00 -15.75 -16.10
N ALA B 487 12.21 -14.44 -16.34
CA ALA B 487 13.38 -13.71 -15.78
C ALA B 487 13.21 -13.53 -14.27
N GLU B 488 11.99 -13.31 -13.84
CA GLU B 488 11.64 -13.20 -12.41
C GLU B 488 11.89 -14.53 -11.69
N VAL B 489 11.62 -15.63 -12.36
CA VAL B 489 11.89 -16.98 -11.83
C VAL B 489 13.39 -17.18 -11.69
N ASP B 490 14.17 -16.78 -12.72
CA ASP B 490 15.64 -16.95 -12.69
C ASP B 490 16.21 -16.13 -11.56
N THR B 491 15.71 -14.90 -11.40
CA THR B 491 16.23 -13.97 -10.38
C THR B 491 15.95 -14.51 -8.99
N ALA B 492 14.74 -15.01 -8.78
CA ALA B 492 14.32 -15.61 -7.50
C ALA B 492 15.14 -16.85 -7.16
N LEU B 493 15.47 -17.66 -8.15
CA LEU B 493 16.35 -18.84 -7.93
C LEU B 493 17.79 -18.42 -7.64
N ASP B 494 18.24 -17.33 -8.26
CA ASP B 494 19.58 -16.78 -7.97
C ASP B 494 19.63 -16.29 -6.53
N VAL B 495 18.60 -15.57 -6.11
CA VAL B 495 18.53 -15.05 -4.72
C VAL B 495 18.48 -16.24 -3.75
N LEU B 496 17.74 -17.29 -4.09
CA LEU B 496 17.64 -18.47 -3.19
C LEU B 496 18.99 -19.15 -3.08
N LEU B 497 19.76 -19.24 -4.16
CA LEU B 497 21.14 -19.79 -4.07
C LEU B 497 22.02 -18.92 -3.16
N GLU B 498 21.91 -17.60 -3.25
CA GLU B 498 22.69 -16.70 -2.35
C GLU B 498 22.23 -16.89 -0.90
N LEU B 499 20.95 -17.14 -0.68
CA LEU B 499 20.42 -17.22 0.71
C LEU B 499 20.77 -18.56 1.34
N VAL B 500 20.93 -19.62 0.56
CA VAL B 500 21.36 -20.93 1.11
C VAL B 500 22.87 -20.92 1.28
N VAL B 501 23.60 -20.13 0.49
CA VAL B 501 25.07 -19.98 0.69
C VAL B 501 25.30 -19.15 1.95
N LEU B 502 24.55 -18.06 2.12
CA LEU B 502 24.85 -17.03 3.15
C LEU B 502 24.56 -17.56 4.56
N ASN B 503 23.29 -17.89 4.84
CA ASN B 503 22.86 -18.39 6.17
C ASN B 503 21.90 -19.56 5.96
N PRO B 504 22.40 -20.80 5.94
CA PRO B 504 21.52 -21.96 5.76
C PRO B 504 20.75 -22.32 7.03
N SER B 505 21.14 -21.80 8.19
CA SER B 505 20.45 -22.05 9.48
C SER B 505 19.05 -21.44 9.45
N ALA B 506 18.94 -20.16 9.08
CA ALA B 506 17.65 -19.43 9.00
C ALA B 506 16.89 -19.79 7.73
N MET B 507 17.56 -20.34 6.72
CA MET B 507 16.86 -20.83 5.52
C MET B 507 16.28 -22.22 5.77
N MET B 508 16.86 -23.00 6.68
CA MET B 508 16.36 -24.35 7.06
C MET B 508 15.00 -24.24 7.76
N MET B 509 14.79 -23.21 8.60
CA MET B 509 13.49 -22.98 9.29
C MET B 509 12.38 -22.68 8.30
N ASN B 510 12.72 -22.31 7.07
CA ASN B 510 11.77 -22.05 5.97
C ASN B 510 11.99 -23.13 4.91
N ALA B 511 12.13 -24.38 5.33
CA ALA B 511 12.35 -25.51 4.38
C ALA B 511 11.02 -25.97 3.80
N VAL B 512 9.92 -25.75 4.50
CA VAL B 512 8.59 -26.27 4.08
C VAL B 512 8.11 -25.50 2.85
N PHE B 513 8.34 -24.20 2.80
CA PHE B 513 7.98 -23.38 1.61
C PHE B 513 8.74 -23.91 0.40
N VAL B 514 10.01 -24.19 0.59
CA VAL B 514 10.91 -24.53 -0.54
C VAL B 514 10.60 -25.97 -0.97
N LYS B 515 10.26 -26.84 -0.03
CA LYS B 515 9.82 -28.21 -0.37
C LYS B 515 8.56 -28.12 -1.22
N GLY B 516 7.67 -27.19 -0.91
CA GLY B 516 6.39 -27.09 -1.60
C GLY B 516 6.50 -26.61 -3.02
N ILE B 517 7.69 -26.27 -3.50
CA ILE B 517 7.85 -25.80 -4.91
C ILE B 517 7.60 -26.95 -5.85
N LEU B 518 7.79 -28.20 -5.38
CA LEU B 518 7.78 -29.46 -6.18
C LEU B 518 6.39 -29.76 -6.71
N ASP B 519 5.34 -29.22 -6.09
CA ASP B 519 3.96 -29.39 -6.58
C ASP B 519 3.68 -28.49 -7.78
N TYR B 520 4.57 -27.56 -8.09
CA TYR B 520 4.36 -26.52 -9.14
C TYR B 520 5.54 -26.50 -10.11
N LEU B 521 5.92 -27.64 -10.67
CA LEU B 521 7.09 -27.73 -11.58
C LEU B 521 6.68 -27.71 -13.03
N ASP B 522 5.42 -27.44 -13.37
CA ASP B 522 5.00 -27.41 -14.79
C ASP B 522 5.34 -26.05 -15.41
N ASN B 523 5.34 -25.00 -14.61
CA ASN B 523 5.72 -23.65 -15.05
C ASN B 523 7.22 -23.61 -15.36
N ILE B 524 8.02 -24.40 -14.66
CA ILE B 524 9.49 -24.25 -14.62
C ILE B 524 10.14 -25.03 -15.78
N SER B 525 11.09 -24.37 -16.46
CA SER B 525 11.92 -24.80 -17.60
C SER B 525 13.26 -25.36 -17.11
N PRO B 526 13.82 -26.39 -17.80
CA PRO B 526 14.86 -27.25 -17.22
C PRO B 526 16.24 -26.66 -16.91
N GLN B 527 16.52 -25.49 -17.47
CA GLN B 527 17.67 -24.65 -17.10
C GLN B 527 17.51 -24.10 -15.68
N GLN B 528 16.25 -23.89 -15.26
CA GLN B 528 15.94 -23.50 -13.87
C GLN B 528 15.83 -24.76 -13.02
N ILE B 529 15.47 -25.89 -13.60
CA ILE B 529 15.24 -27.12 -12.80
C ILE B 529 16.56 -27.60 -12.22
N ARG B 530 17.64 -27.45 -12.98
CA ARG B 530 18.98 -27.78 -12.44
C ARG B 530 19.29 -26.91 -11.21
N LYS B 531 19.01 -25.61 -11.29
CA LYS B 531 19.21 -24.67 -10.17
C LYS B 531 18.29 -25.00 -9.00
N LEU B 532 17.05 -25.39 -9.30
CA LEU B 532 16.05 -25.64 -8.23
C LEU B 532 16.47 -26.83 -7.40
N PHE B 533 16.86 -27.90 -8.08
CA PHE B 533 17.32 -29.12 -7.37
C PHE B 533 18.66 -28.87 -6.71
N TYR B 534 19.49 -27.95 -7.24
CA TYR B 534 20.71 -27.51 -6.53
C TYR B 534 20.34 -26.88 -5.20
N VAL B 535 19.36 -25.97 -5.21
CA VAL B 535 18.92 -25.28 -3.97
C VAL B 535 18.40 -26.33 -2.98
N LEU B 536 17.50 -27.19 -3.47
CA LEU B 536 16.77 -28.08 -2.58
C LEU B 536 17.74 -29.11 -1.99
N SER B 537 18.67 -29.62 -2.79
CA SER B 537 19.67 -30.60 -2.31
C SER B 537 20.66 -29.91 -1.37
N THR B 538 21.00 -28.65 -1.63
CA THR B 538 21.94 -27.92 -0.75
C THR B 538 21.26 -27.64 0.60
N LEU B 539 19.94 -27.41 0.61
CA LEU B 539 19.16 -27.38 1.87
C LEU B 539 19.15 -28.77 2.53
N ALA B 540 19.02 -29.82 1.72
CA ALA B 540 18.72 -31.17 2.21
C ALA B 540 19.91 -31.75 2.96
N PHE B 541 21.09 -31.68 2.37
CA PHE B 541 22.28 -32.45 2.81
C PHE B 541 23.17 -31.63 3.74
N SER B 542 22.59 -31.20 4.87
CA SER B 542 23.32 -30.73 6.06
C SER B 542 22.93 -31.64 7.23
N LYS B 543 23.94 -32.20 7.91
CA LYS B 543 23.75 -33.24 8.95
C LYS B 543 23.17 -32.69 10.26
N GLN B 544 23.02 -31.36 10.37
CA GLN B 544 22.50 -30.69 11.58
C GLN B 544 20.96 -30.70 11.60
N ASN B 545 20.30 -31.02 10.48
CA ASN B 545 18.82 -31.17 10.39
C ASN B 545 18.49 -32.42 9.57
N GLU B 546 18.99 -33.57 10.03
CA GLU B 546 18.61 -34.88 9.44
C GLU B 546 17.18 -35.24 9.89
N ALA B 547 16.67 -34.69 11.01
CA ALA B 547 15.37 -35.07 11.58
C ALA B 547 14.21 -34.66 10.68
N SER B 548 14.31 -33.51 10.02
CA SER B 548 13.40 -33.10 8.93
C SER B 548 14.04 -33.45 7.59
N SER B 549 14.17 -34.75 7.33
CA SER B 549 14.60 -35.33 6.03
C SER B 549 13.39 -35.55 5.11
N HIS B 550 12.30 -34.82 5.32
CA HIS B 550 11.05 -34.99 4.55
C HIS B 550 11.28 -34.53 3.12
N ILE B 551 12.20 -33.58 2.94
CA ILE B 551 12.43 -33.00 1.59
C ILE B 551 13.25 -34.01 0.78
N GLN B 552 14.01 -34.86 1.45
CA GLN B 552 14.70 -35.98 0.77
C GLN B 552 13.65 -36.91 0.18
N ASP B 553 12.63 -37.24 0.97
CA ASP B 553 11.56 -38.18 0.57
C ASP B 553 10.76 -37.57 -0.57
N ASP B 554 10.43 -36.27 -0.48
CA ASP B 554 9.62 -35.61 -1.52
C ASP B 554 10.42 -35.43 -2.81
N MET B 555 11.72 -35.18 -2.70
CA MET B 555 12.62 -35.09 -3.86
C MET B 555 12.73 -36.46 -4.53
N HIS B 556 12.90 -37.50 -3.72
CA HIS B 556 13.01 -38.87 -4.24
C HIS B 556 11.72 -39.25 -4.96
N LEU B 557 10.57 -38.87 -4.39
CA LEU B 557 9.27 -39.19 -4.99
C LEU B 557 9.12 -38.51 -6.35
N VAL B 558 9.42 -37.22 -6.44
CA VAL B 558 9.17 -36.50 -7.71
C VAL B 558 10.17 -36.97 -8.77
N ILE B 559 11.38 -37.31 -8.35
CA ILE B 559 12.38 -37.93 -9.26
C ILE B 559 11.83 -39.25 -9.78
N ARG B 560 11.33 -40.09 -8.89
CA ARG B 560 10.91 -41.47 -9.20
C ARG B 560 9.64 -41.44 -10.06
N LYS B 561 8.79 -40.43 -9.91
CA LYS B 561 7.56 -40.34 -10.72
C LYS B 561 7.88 -39.77 -12.08
N GLN B 562 8.89 -38.90 -12.17
CA GLN B 562 9.28 -38.37 -13.49
C GLN B 562 10.02 -39.48 -14.25
N LEU B 563 11.02 -40.07 -13.62
CA LEU B 563 11.93 -41.03 -14.29
C LEU B 563 11.12 -42.17 -14.88
N SER B 564 10.04 -42.53 -14.19
CA SER B 564 9.14 -43.63 -14.53
C SER B 564 7.95 -43.05 -15.30
N SER B 565 8.25 -42.56 -16.48
CA SER B 565 7.26 -41.96 -17.39
C SER B 565 7.72 -42.10 -18.83
N THR B 566 6.80 -42.38 -19.74
CA THR B 566 7.08 -42.56 -21.18
C THR B 566 7.39 -41.19 -21.79
N VAL B 567 6.74 -40.13 -21.30
CA VAL B 567 6.89 -38.76 -21.86
C VAL B 567 8.30 -38.23 -21.56
N PHE B 568 9.03 -37.90 -22.63
CA PHE B 568 10.45 -37.48 -22.55
C PHE B 568 10.59 -36.12 -21.85
N LYS B 569 9.55 -35.29 -21.94
CA LYS B 569 9.54 -33.96 -21.29
C LYS B 569 9.61 -34.07 -19.77
N TYR B 570 9.05 -35.15 -19.20
CA TYR B 570 9.15 -35.43 -17.75
C TYR B 570 10.43 -36.20 -17.45
N LYS B 571 10.84 -37.05 -18.38
CA LYS B 571 12.00 -37.92 -18.15
C LYS B 571 13.27 -37.08 -18.02
N LEU B 572 13.38 -36.01 -18.81
CA LEU B 572 14.53 -35.08 -18.73
C LEU B 572 14.55 -34.37 -17.38
N ILE B 573 13.39 -33.97 -16.89
CA ILE B 573 13.27 -33.35 -15.55
C ILE B 573 13.81 -34.32 -14.52
N GLY B 574 13.41 -35.59 -14.66
CA GLY B 574 13.81 -36.62 -13.71
C GLY B 574 15.29 -36.83 -13.74
N ILE B 575 15.85 -36.86 -14.93
CA ILE B 575 17.30 -37.15 -15.10
C ILE B 575 18.11 -36.02 -14.47
N ILE B 576 17.75 -34.79 -14.81
CA ILE B 576 18.49 -33.58 -14.35
C ILE B 576 18.40 -33.47 -12.83
N GLY B 577 17.20 -33.57 -12.28
CA GLY B 577 17.01 -33.50 -10.83
C GLY B 577 17.71 -34.63 -10.12
N ALA B 578 17.71 -35.81 -10.74
CA ALA B 578 18.27 -37.04 -10.14
C ALA B 578 19.78 -36.91 -10.01
N VAL B 579 20.44 -36.61 -11.13
CA VAL B 579 21.90 -36.50 -11.13
C VAL B 579 22.32 -35.27 -10.34
N THR B 580 21.48 -34.24 -10.25
CA THR B 580 21.82 -33.05 -9.46
C THR B 580 21.79 -33.39 -7.97
N MET B 581 20.77 -34.12 -7.52
CA MET B 581 20.74 -34.67 -6.14
C MET B 581 21.99 -35.50 -5.90
N ALA B 582 22.36 -36.35 -6.87
CA ALA B 582 23.52 -37.25 -6.75
C ALA B 582 24.81 -36.44 -6.59
N GLY B 583 24.93 -35.37 -7.37
CA GLY B 583 26.16 -34.58 -7.39
C GLY B 583 26.31 -33.78 -6.11
N ILE B 584 25.22 -33.32 -5.55
CA ILE B 584 25.32 -32.52 -4.30
C ILE B 584 25.53 -33.45 -3.12
N MET B 585 24.96 -34.65 -3.14
CA MET B 585 25.18 -35.56 -1.98
C MET B 585 26.55 -36.24 -2.05
N ALA B 586 27.29 -36.10 -3.15
CA ALA B 586 28.72 -36.48 -3.20
C ALA B 586 29.55 -35.25 -2.80
N ALA B 587 30.20 -35.29 -1.62
CA ALA B 587 30.89 -34.12 -1.02
C ALA B 587 32.22 -33.86 -1.73
N ASP B 604 30.19 -45.15 3.94
CA ASP B 604 29.97 -45.82 2.63
C ASP B 604 28.48 -45.99 2.31
N GLU B 605 27.60 -45.73 3.28
CA GLU B 605 26.13 -45.81 3.13
C GLU B 605 25.66 -44.79 2.08
N GLN B 606 26.22 -43.59 2.12
CA GLN B 606 25.90 -42.51 1.16
C GLN B 606 26.23 -42.97 -0.27
N CYS B 607 27.31 -43.75 -0.44
CA CYS B 607 27.72 -44.24 -1.78
C CYS B 607 26.70 -45.27 -2.27
N THR B 608 26.14 -46.08 -1.37
CA THR B 608 25.05 -47.03 -1.72
C THR B 608 23.84 -46.22 -2.20
N GLN B 609 23.55 -45.11 -1.54
CA GLN B 609 22.43 -44.21 -1.94
C GLN B 609 22.67 -43.66 -3.36
N VAL B 610 23.87 -43.13 -3.60
CA VAL B 610 24.19 -42.49 -4.90
C VAL B 610 24.15 -43.56 -6.00
N THR B 611 24.72 -44.73 -5.75
CA THR B 611 24.82 -45.79 -6.78
C THR B 611 23.42 -46.34 -7.08
N SER B 612 22.58 -46.48 -6.06
CA SER B 612 21.19 -46.96 -6.26
C SER B 612 20.41 -45.94 -7.09
N LEU B 613 20.56 -44.66 -6.78
CA LEU B 613 19.88 -43.58 -7.53
C LEU B 613 20.35 -43.59 -8.99
N LEU B 614 21.66 -43.67 -9.20
CA LEU B 614 22.23 -43.60 -10.56
C LEU B 614 21.88 -44.85 -11.35
N GLN B 615 21.78 -46.00 -10.69
CA GLN B 615 21.37 -47.25 -11.36
C GLN B 615 19.91 -47.13 -11.78
N LEU B 616 19.08 -46.49 -10.94
CA LEU B 616 17.67 -46.23 -11.29
C LEU B 616 17.60 -45.34 -12.53
N VAL B 617 18.42 -44.30 -12.57
CA VAL B 617 18.41 -43.36 -13.72
C VAL B 617 18.84 -44.11 -14.97
N HIS B 618 19.88 -44.93 -14.85
CA HIS B 618 20.42 -45.73 -15.98
C HIS B 618 19.33 -46.66 -16.51
N SER B 619 18.63 -47.33 -15.61
CA SER B 619 17.59 -48.31 -15.97
C SER B 619 16.44 -47.61 -16.69
N CYS B 620 16.04 -46.43 -16.22
CA CYS B 620 14.93 -45.69 -16.86
C CYS B 620 15.37 -45.08 -18.19
N SER B 621 16.65 -44.79 -18.35
CA SER B 621 17.17 -44.15 -19.58
C SER B 621 17.38 -45.17 -20.70
N GLU B 622 17.90 -46.36 -20.36
CA GLU B 622 18.37 -47.36 -21.34
C GLU B 622 17.35 -47.59 -22.46
N GLN B 623 16.13 -48.02 -22.14
CA GLN B 623 15.14 -48.52 -23.14
C GLN B 623 14.67 -47.35 -24.01
N SER B 624 14.62 -44.26 -23.65
CA SER B 624 14.79 -43.66 -24.99
C SER B 624 16.28 -43.43 -25.27
N PRO B 625 16.74 -43.53 -26.54
CA PRO B 625 18.15 -43.27 -26.86
C PRO B 625 18.60 -41.85 -26.49
N GLN B 626 17.81 -40.85 -26.85
CA GLN B 626 18.17 -39.45 -26.54
C GLN B 626 18.04 -39.19 -25.04
N ALA B 627 17.22 -39.96 -24.34
CA ALA B 627 17.14 -39.87 -22.87
C ALA B 627 18.46 -40.36 -22.26
N SER B 628 18.96 -41.48 -22.73
CA SER B 628 20.27 -42.01 -22.26
C SER B 628 21.38 -41.04 -22.66
N ALA B 629 21.24 -40.41 -23.81
CA ALA B 629 22.19 -39.39 -24.28
C ALA B 629 22.20 -38.21 -23.31
N LEU B 630 21.03 -37.75 -22.90
CA LEU B 630 20.91 -36.61 -21.97
C LEU B 630 21.47 -37.03 -20.60
N TYR B 631 21.29 -38.29 -20.23
CA TYR B 631 21.87 -38.82 -18.97
C TYR B 631 23.38 -38.71 -19.04
N TYR B 632 23.95 -39.20 -20.13
CA TYR B 632 25.40 -39.23 -20.30
C TYR B 632 25.93 -37.80 -20.34
N ASP B 633 25.23 -36.93 -21.04
CA ASP B 633 25.63 -35.52 -21.21
C ASP B 633 25.63 -34.82 -19.85
N GLU B 634 24.55 -34.99 -19.10
CA GLU B 634 24.36 -34.22 -17.86
C GLU B 634 25.28 -34.78 -16.78
N PHE B 635 25.48 -36.09 -16.78
CA PHE B 635 26.46 -36.73 -15.89
C PHE B 635 27.87 -36.22 -16.23
N ALA B 636 28.16 -36.05 -17.50
CA ALA B 636 29.47 -35.55 -17.94
C ALA B 636 29.68 -34.12 -17.47
N ASN B 637 28.64 -33.30 -17.60
CA ASN B 637 28.70 -31.89 -17.13
C ASN B 637 28.93 -31.89 -15.62
N LEU B 638 28.29 -32.80 -14.92
CA LEU B 638 28.45 -32.95 -13.46
C LEU B 638 29.90 -33.28 -13.13
N ILE B 639 30.55 -34.13 -13.93
CA ILE B 639 31.97 -34.46 -13.68
C ILE B 639 32.83 -33.21 -13.93
N GLN B 640 32.64 -32.56 -15.07
CA GLN B 640 33.63 -31.55 -15.53
C GLN B 640 33.49 -30.29 -14.69
N HIS B 641 32.30 -30.00 -14.15
CA HIS B 641 32.09 -28.78 -13.35
C HIS B 641 32.49 -29.02 -11.91
N GLU B 642 32.03 -30.12 -11.33
CA GLU B 642 32.34 -30.50 -9.94
C GLU B 642 33.16 -31.78 -9.94
N LYS B 643 34.38 -31.66 -9.41
CA LYS B 643 35.43 -32.71 -9.45
C LYS B 643 34.99 -33.95 -8.67
N LEU B 644 33.86 -32.60 -6.12
CA LEU B 644 33.19 -33.62 -5.28
C LEU B 644 34.15 -34.75 -4.93
N ASP B 645 33.77 -35.55 -3.94
CA ASP B 645 34.61 -36.64 -3.40
C ASP B 645 34.65 -37.79 -4.39
N PRO B 646 35.81 -38.13 -4.99
CA PRO B 646 35.89 -39.14 -6.05
C PRO B 646 35.88 -40.58 -5.51
N LYS B 647 34.74 -41.00 -4.98
CA LYS B 647 34.49 -42.41 -4.58
C LYS B 647 33.45 -43.03 -5.49
N ALA B 648 32.37 -42.31 -5.79
CA ALA B 648 31.36 -42.79 -6.75
C ALA B 648 31.93 -42.74 -8.16
N LEU B 649 32.90 -41.87 -8.42
CA LEU B 649 33.43 -41.69 -9.79
C LEU B 649 34.31 -42.88 -10.14
N GLU B 650 35.22 -43.25 -9.23
CA GLU B 650 36.05 -44.46 -9.40
C GLU B 650 35.19 -45.71 -9.30
N TRP B 651 34.05 -45.64 -8.61
CA TRP B 651 33.06 -46.74 -8.60
C TRP B 651 32.49 -46.94 -10.00
N VAL B 652 32.06 -45.86 -10.63
CA VAL B 652 31.29 -45.95 -11.90
C VAL B 652 32.25 -46.19 -13.07
N GLY B 653 33.44 -45.59 -13.04
CA GLY B 653 34.38 -45.56 -14.19
C GLY B 653 34.89 -46.94 -14.57
N GLN B 654 34.97 -47.86 -13.61
CA GLN B 654 35.37 -49.27 -13.87
C GLN B 654 34.26 -50.03 -14.62
N THR B 655 33.04 -49.50 -14.60
CA THR B 655 31.90 -50.02 -15.40
C THR B 655 31.86 -49.29 -16.73
N ILE B 656 32.17 -48.00 -16.74
CA ILE B 656 32.09 -47.17 -17.96
C ILE B 656 33.10 -47.67 -18.99
N CYS B 657 34.32 -47.93 -18.57
CA CYS B 657 35.40 -48.36 -19.50
C CYS B 657 35.03 -49.72 -20.10
N ASN B 658 34.49 -50.63 -19.28
CA ASN B 658 34.12 -51.98 -19.74
C ASN B 658 32.93 -51.89 -20.69
N ASP B 659 31.95 -51.07 -20.34
CA ASP B 659 30.72 -50.91 -21.16
C ASP B 659 31.08 -50.29 -22.50
N PHE B 660 32.03 -49.36 -22.52
CA PHE B 660 32.47 -48.75 -23.79
C PHE B 660 33.24 -49.78 -24.61
N GLN B 661 34.12 -50.54 -23.97
CA GLN B 661 35.03 -51.43 -24.72
C GLN B 661 34.32 -52.71 -25.18
N ASP B 662 33.10 -53.00 -24.72
CA ASP B 662 32.27 -54.07 -25.36
C ASP B 662 31.11 -53.46 -26.16
N ALA B 663 30.80 -52.17 -25.99
CA ALA B 663 29.65 -51.55 -26.65
C ALA B 663 29.99 -51.18 -28.10
N PHE B 664 31.21 -50.70 -28.34
CA PHE B 664 31.62 -50.18 -29.67
C PHE B 664 32.91 -50.81 -30.19
N VAL B 665 33.80 -51.22 -29.28
CA VAL B 665 35.13 -51.74 -29.65
C VAL B 665 34.97 -53.14 -30.22
N VAL B 666 35.39 -53.30 -31.48
CA VAL B 666 35.39 -54.56 -32.25
C VAL B 666 36.85 -54.83 -32.65
N ASP B 667 37.22 -56.10 -32.75
CA ASP B 667 38.52 -56.49 -33.36
C ASP B 667 38.52 -56.04 -34.83
N SER B 668 39.67 -55.58 -35.30
CA SER B 668 39.84 -55.01 -36.67
C SER B 668 39.76 -56.14 -37.70
N CYS B 669 38.52 -56.57 -38.02
CA CYS B 669 38.18 -57.39 -39.20
C CYS B 669 37.56 -56.43 -40.22
N VAL B 670 37.92 -56.60 -41.50
CA VAL B 670 37.61 -55.58 -42.56
C VAL B 670 36.09 -55.56 -42.78
N VAL B 671 35.50 -56.72 -43.09
CA VAL B 671 34.05 -56.86 -43.38
C VAL B 671 33.41 -57.66 -42.23
N PRO B 672 32.43 -57.08 -41.51
CA PRO B 672 31.67 -57.82 -40.53
C PRO B 672 30.46 -58.50 -41.18
N GLU B 673 29.66 -59.15 -40.35
CA GLU B 673 28.39 -59.80 -40.77
C GLU B 673 27.37 -58.73 -41.16
N GLY B 674 26.25 -59.21 -41.68
CA GLY B 674 25.12 -58.37 -42.12
C GLY B 674 25.17 -58.13 -43.61
N ASP B 675 23.99 -57.91 -44.19
CA ASP B 675 23.81 -57.71 -45.64
C ASP B 675 23.78 -56.19 -45.89
N PHE B 676 24.84 -55.68 -46.51
CA PHE B 676 25.07 -54.25 -46.73
C PHE B 676 25.27 -54.00 -48.22
N PRO B 677 24.53 -53.04 -48.84
CA PRO B 677 24.78 -52.69 -50.23
C PRO B 677 25.87 -51.61 -50.38
N PHE B 678 26.91 -51.69 -49.55
CA PHE B 678 27.97 -50.69 -49.43
C PHE B 678 29.25 -51.39 -48.99
N PRO B 679 30.41 -51.12 -49.63
CA PRO B 679 31.67 -51.74 -49.22
C PRO B 679 32.12 -51.22 -47.85
N VAL B 680 32.01 -52.06 -46.83
CA VAL B 680 32.32 -51.69 -45.42
C VAL B 680 33.80 -51.98 -45.18
N LYS B 681 34.55 -50.95 -44.82
CA LYS B 681 35.98 -51.08 -44.46
C LYS B 681 36.20 -50.43 -43.10
N ALA B 682 37.46 -50.39 -42.67
CA ALA B 682 37.92 -49.70 -41.46
C ALA B 682 38.66 -48.44 -41.87
N LEU B 683 37.91 -47.36 -42.13
CA LEU B 683 38.45 -46.12 -42.73
C LEU B 683 38.95 -45.15 -41.66
N TYR B 684 39.74 -44.17 -42.10
CA TYR B 684 40.24 -43.01 -41.33
C TYR B 684 41.10 -43.43 -40.13
N GLY B 685 41.68 -44.62 -40.18
CA GLY B 685 42.75 -44.99 -39.26
C GLY B 685 43.99 -44.21 -39.58
N LEU B 686 44.84 -43.99 -38.58
CA LEU B 686 46.00 -43.08 -38.71
C LEU B 686 47.18 -43.78 -39.40
N GLU B 687 47.19 -45.12 -39.44
CA GLU B 687 48.07 -45.97 -40.30
C GLU B 687 49.54 -46.02 -39.85
N GLU B 688 49.95 -45.22 -38.86
CA GLU B 688 51.19 -45.49 -38.09
C GLU B 688 50.88 -46.64 -37.12
N TYR B 689 49.62 -46.71 -36.68
CA TYR B 689 49.03 -47.89 -36.00
C TYR B 689 49.10 -49.07 -36.97
N ASP B 690 49.40 -50.26 -36.45
CA ASP B 690 49.38 -51.50 -37.26
C ASP B 690 47.91 -51.78 -37.60
N THR B 691 47.65 -52.12 -38.86
CA THR B 691 46.27 -52.34 -39.38
C THR B 691 45.71 -53.66 -38.85
N GLN B 692 46.51 -54.74 -38.86
CA GLN B 692 46.08 -56.11 -38.46
C GLN B 692 46.18 -56.23 -36.92
N ASN B 693 45.28 -55.52 -36.25
CA ASN B 693 45.36 -55.22 -34.79
C ASN B 693 43.96 -55.36 -34.19
N GLY B 694 43.73 -54.77 -33.02
CA GLY B 694 42.52 -54.95 -32.23
C GLY B 694 41.52 -53.86 -32.51
N ILE B 695 41.61 -52.77 -31.75
CA ILE B 695 40.53 -51.77 -31.52
C ILE B 695 40.12 -51.14 -32.86
N ALA B 696 38.84 -51.26 -33.19
CA ALA B 696 38.18 -50.50 -34.27
C ALA B 696 36.77 -50.23 -33.80
N ILE B 697 36.11 -49.20 -34.32
CA ILE B 697 34.83 -48.74 -33.76
C ILE B 697 33.70 -48.95 -34.76
N ASN B 698 32.68 -49.68 -34.33
CA ASN B 698 31.55 -50.11 -35.17
C ASN B 698 30.58 -48.95 -35.29
N LEU B 699 30.29 -48.50 -36.50
CA LEU B 699 29.20 -47.50 -36.71
C LEU B 699 28.11 -48.09 -37.60
N LEU B 700 28.47 -48.63 -38.77
CA LEU B 700 27.45 -48.93 -39.79
C LEU B 700 26.58 -50.13 -39.40
N PRO B 701 27.11 -51.25 -38.85
CA PRO B 701 26.21 -52.28 -38.33
C PRO B 701 25.36 -51.84 -37.14
N LEU B 702 25.80 -50.83 -36.39
CA LEU B 702 24.96 -50.30 -35.29
C LEU B 702 23.77 -49.53 -35.87
N LEU B 703 24.04 -48.55 -36.73
CA LEU B 703 22.96 -47.68 -37.24
C LEU B 703 22.07 -48.43 -38.24
N PHE B 704 22.59 -49.47 -38.89
CA PHE B 704 21.73 -50.34 -39.72
C PHE B 704 20.81 -51.17 -38.82
N SER B 705 21.32 -51.60 -37.67
CA SER B 705 20.51 -52.35 -36.68
C SER B 705 19.45 -51.46 -36.06
N GLN B 706 19.71 -50.15 -35.97
CA GLN B 706 18.67 -49.20 -35.49
C GLN B 706 17.52 -49.11 -36.50
N ASP B 707 17.81 -49.20 -37.81
CA ASP B 707 16.80 -49.12 -38.89
C ASP B 707 16.82 -50.38 -39.76
N SER B 726 21.74 -45.77 -29.21
CA SER B 726 22.95 -46.58 -28.91
C SER B 726 24.16 -46.19 -29.78
N PRO B 727 24.04 -45.88 -31.11
CA PRO B 727 25.12 -45.16 -31.80
C PRO B 727 25.06 -43.64 -31.61
N LEU B 728 23.89 -43.12 -31.28
CA LEU B 728 23.66 -41.68 -31.06
C LEU B 728 24.32 -41.22 -29.75
N CYS B 729 24.69 -42.13 -28.86
CA CYS B 729 25.27 -41.79 -27.54
C CYS B 729 26.80 -41.92 -27.54
N LEU B 730 27.41 -42.07 -28.71
CA LEU B 730 28.85 -42.39 -28.83
C LEU B 730 29.69 -41.25 -28.24
N ALA B 731 29.44 -40.04 -28.72
CA ALA B 731 30.24 -38.87 -28.31
C ALA B 731 30.04 -38.53 -26.84
N PRO B 732 28.81 -38.42 -26.29
CA PRO B 732 28.69 -38.11 -24.87
C PRO B 732 29.25 -39.22 -23.98
N TYR B 733 29.13 -40.48 -24.40
CA TYR B 733 29.68 -41.58 -23.60
C TYR B 733 31.20 -41.51 -23.62
N PHE B 734 31.78 -41.13 -24.75
CA PHE B 734 33.25 -40.94 -24.80
C PHE B 734 33.65 -39.75 -23.94
N ARG B 735 32.82 -38.72 -23.90
CA ARG B 735 33.10 -37.55 -23.06
C ARG B 735 33.12 -37.98 -21.61
N LEU B 736 32.18 -38.83 -21.23
CA LEU B 736 32.07 -39.32 -19.84
C LEU B 736 33.29 -40.17 -19.52
N LEU B 737 33.68 -41.02 -20.47
CA LEU B 737 34.86 -41.88 -20.28
C LEU B 737 36.10 -41.01 -20.12
N ARG B 738 36.22 -40.00 -20.97
CA ARG B 738 37.34 -39.05 -20.94
C ARG B 738 37.40 -38.38 -19.58
N LEU B 739 36.26 -37.94 -19.08
CA LEU B 739 36.26 -37.15 -17.84
C LEU B 739 36.57 -38.04 -16.65
N CYS B 740 36.07 -39.28 -16.64
CA CYS B 740 36.31 -40.14 -15.48
C CYS B 740 37.78 -40.58 -15.48
N VAL B 741 38.37 -40.82 -16.65
CA VAL B 741 39.81 -41.22 -16.66
C VAL B 741 40.68 -40.00 -16.37
N GLU B 742 40.23 -38.78 -16.68
CA GLU B 742 41.00 -37.58 -16.28
C GLU B 742 40.88 -37.38 -14.77
N ARG B 743 39.76 -37.79 -14.16
CA ARG B 743 39.63 -37.75 -12.70
C ARG B 743 40.48 -38.84 -12.05
N GLN B 744 40.61 -40.00 -12.69
CA GLN B 744 41.37 -41.13 -12.12
C GLN B 744 42.87 -40.92 -12.27
N HIS B 745 43.36 -40.84 -13.51
CA HIS B 745 44.81 -40.85 -13.81
C HIS B 745 45.38 -39.42 -13.90
N ASN B 746 44.57 -38.39 -13.56
CA ASN B 746 45.00 -36.98 -13.41
C ASN B 746 45.50 -36.42 -14.75
N GLY B 747 44.73 -36.67 -15.82
CA GLY B 747 45.03 -36.17 -17.16
C GLY B 747 45.68 -37.21 -18.06
N ASN B 748 46.19 -38.30 -17.50
CA ASN B 748 46.82 -39.38 -18.30
C ASN B 748 45.71 -40.21 -18.94
N LEU B 749 45.85 -40.53 -20.23
CA LEU B 749 44.89 -41.38 -20.98
C LEU B 749 45.63 -42.59 -21.56
N GLU B 750 46.41 -43.29 -20.73
CA GLU B 750 47.38 -44.32 -21.21
C GLU B 750 46.66 -45.53 -21.85
N GLU B 751 45.41 -45.82 -21.46
CA GLU B 751 44.65 -46.97 -22.04
C GLU B 751 43.65 -46.49 -23.09
N ILE B 752 43.59 -45.18 -23.36
CA ILE B 752 42.61 -44.59 -24.31
C ILE B 752 43.35 -43.97 -25.50
N ASP B 753 44.68 -44.10 -25.59
CA ASP B 753 45.44 -43.60 -26.77
C ASP B 753 45.09 -44.43 -28.01
N GLY B 754 44.67 -45.68 -27.82
CA GLY B 754 44.15 -46.53 -28.91
C GLY B 754 42.87 -45.98 -29.49
N LEU B 755 42.06 -45.28 -28.68
CA LEU B 755 40.83 -44.61 -29.16
C LEU B 755 41.15 -43.45 -30.11
N LEU B 756 42.33 -42.83 -29.97
CA LEU B 756 42.73 -41.66 -30.78
C LEU B 756 42.97 -42.08 -32.23
N ASP B 757 43.56 -43.25 -32.46
CA ASP B 757 44.08 -43.66 -33.80
C ASP B 757 43.37 -44.90 -34.36
N CYS B 758 42.35 -45.43 -33.68
CA CYS B 758 41.65 -46.64 -34.15
C CYS B 758 40.83 -46.31 -35.38
N PRO B 759 40.86 -47.15 -36.43
CA PRO B 759 40.00 -46.95 -37.58
C PRO B 759 38.53 -47.11 -37.19
N ILE B 760 37.67 -46.61 -38.06
CA ILE B 760 36.21 -46.53 -37.82
C ILE B 760 35.55 -47.40 -38.88
N PHE B 761 34.70 -48.32 -38.46
CA PHE B 761 34.01 -49.26 -39.38
C PHE B 761 32.92 -48.52 -40.15
N LEU B 762 33.33 -47.96 -41.28
CA LEU B 762 32.47 -47.12 -42.13
C LEU B 762 32.47 -47.68 -43.54
N THR B 763 31.42 -47.31 -44.28
CA THR B 763 31.34 -47.55 -45.73
C THR B 763 32.41 -46.72 -46.46
N ASP B 764 32.47 -46.88 -47.77
CA ASP B 764 33.32 -46.04 -48.65
C ASP B 764 32.73 -44.63 -48.69
N LEU B 765 33.35 -43.69 -47.96
CA LEU B 765 32.91 -42.27 -47.92
C LEU B 765 33.65 -41.46 -48.98
N GLU B 766 33.67 -41.99 -50.19
CA GLU B 766 34.03 -41.25 -51.41
C GLU B 766 32.82 -40.38 -51.74
N PRO B 767 33.02 -39.17 -52.29
CA PRO B 767 31.91 -38.35 -52.77
C PRO B 767 31.06 -39.05 -53.84
N GLY B 768 29.85 -39.46 -53.46
CA GLY B 768 28.94 -40.24 -54.32
C GLY B 768 28.17 -39.38 -55.30
N GLU B 769 28.85 -38.76 -56.26
CA GLU B 769 28.21 -38.08 -57.43
C GLU B 769 27.72 -39.11 -58.45
N LYS B 770 28.34 -40.30 -58.50
CA LYS B 770 27.85 -41.44 -59.31
C LYS B 770 26.68 -42.12 -58.59
N LEU B 771 26.57 -41.95 -57.28
CA LEU B 771 25.45 -42.46 -56.45
C LEU B 771 24.40 -41.34 -56.39
N GLU B 772 23.84 -41.01 -57.55
CA GLU B 772 22.80 -39.97 -57.69
C GLU B 772 21.59 -40.56 -58.41
N SER B 773 20.46 -39.86 -58.28
CA SER B 773 19.11 -40.26 -58.74
C SER B 773 18.73 -41.65 -58.22
N MET B 774 20.98 -41.45 -55.30
CA MET B 774 19.62 -41.82 -54.84
C MET B 774 19.31 -41.17 -53.49
N SER B 775 18.33 -40.25 -53.49
CA SER B 775 17.90 -39.50 -52.28
C SER B 775 16.82 -40.28 -51.53
N ALA B 776 17.05 -41.57 -51.30
CA ALA B 776 16.17 -42.42 -50.48
C ALA B 776 16.70 -42.37 -49.04
N LYS B 777 16.22 -43.27 -48.18
CA LYS B 777 16.64 -43.35 -46.76
C LYS B 777 18.15 -43.65 -46.65
N GLU B 778 18.76 -44.24 -47.67
CA GLU B 778 20.23 -44.48 -47.66
C GLU B 778 20.99 -43.15 -47.72
N ARG B 779 20.40 -42.13 -48.33
CA ARG B 779 21.03 -40.79 -48.34
C ARG B 779 21.08 -40.22 -46.93
N SER B 780 19.98 -40.36 -46.20
CA SER B 780 19.93 -39.96 -44.77
C SER B 780 20.90 -40.82 -43.96
N PHE B 781 21.05 -42.09 -44.34
CA PHE B 781 22.01 -43.01 -43.67
C PHE B 781 23.43 -42.46 -43.81
N MET B 782 23.79 -42.05 -45.02
CA MET B 782 25.16 -41.51 -45.26
C MET B 782 25.31 -40.18 -44.50
N CYS B 783 24.31 -39.31 -44.57
CA CYS B 783 24.43 -37.96 -43.97
C CYS B 783 24.55 -38.10 -42.44
N SER B 784 23.73 -38.95 -41.85
CA SER B 784 23.75 -39.22 -40.40
C SER B 784 25.06 -39.91 -40.02
N LEU B 785 25.58 -40.76 -40.89
CA LEU B 785 26.85 -41.45 -40.61
C LEU B 785 27.99 -40.44 -40.51
N ILE B 786 28.07 -39.55 -41.49
CA ILE B 786 29.17 -38.55 -41.53
C ILE B 786 28.99 -37.58 -40.36
N PHE B 787 27.75 -37.26 -40.03
CA PHE B 787 27.44 -36.40 -38.87
C PHE B 787 27.97 -37.04 -37.60
N LEU B 788 27.67 -38.33 -37.42
CA LEU B 788 28.02 -39.02 -36.15
C LEU B 788 29.54 -39.16 -36.05
N THR B 789 30.20 -39.45 -37.15
CA THR B 789 31.68 -39.61 -37.07
C THR B 789 32.32 -38.24 -36.89
N LEU B 790 31.71 -37.17 -37.37
CA LEU B 790 32.27 -35.82 -37.13
C LEU B 790 32.14 -35.46 -35.67
N ASN B 791 30.99 -35.76 -35.07
CA ASN B 791 30.81 -35.50 -33.63
C ASN B 791 31.79 -36.34 -32.82
N TRP B 792 32.00 -37.57 -33.25
CA TRP B 792 32.98 -38.48 -32.63
C TRP B 792 34.39 -37.87 -32.74
N PHE B 793 34.73 -37.37 -33.91
CA PHE B 793 36.06 -36.81 -34.16
C PHE B 793 36.27 -35.56 -33.34
N ARG B 794 35.23 -34.74 -33.23
CA ARG B 794 35.30 -33.49 -32.43
C ARG B 794 35.51 -33.85 -30.97
N GLU B 795 34.90 -34.95 -30.52
CA GLU B 795 35.12 -35.39 -29.13
C GLU B 795 36.57 -35.87 -28.95
N ILE B 796 37.14 -36.48 -29.97
CA ILE B 796 38.56 -36.93 -29.89
C ILE B 796 39.46 -35.70 -29.76
N VAL B 797 39.26 -34.71 -30.61
CA VAL B 797 40.17 -33.54 -30.63
C VAL B 797 39.94 -32.70 -29.39
N ASN B 798 38.72 -32.73 -28.82
CA ASN B 798 38.46 -32.17 -27.49
C ASN B 798 39.24 -32.96 -26.44
N ALA B 799 39.40 -34.25 -26.64
CA ALA B 799 39.99 -35.14 -25.62
C ALA B 799 41.50 -34.96 -25.54
N PHE B 800 42.20 -35.00 -26.68
CA PHE B 800 43.68 -35.11 -26.72
C PHE B 800 44.36 -33.78 -27.04
N CYS B 801 43.66 -32.66 -26.90
CA CYS B 801 44.24 -31.34 -27.22
C CYS B 801 45.21 -30.89 -26.13
N GLN B 802 44.89 -31.15 -24.86
CA GLN B 802 45.67 -30.64 -23.70
C GLN B 802 47.01 -31.37 -23.59
N GLU B 803 47.13 -32.56 -24.19
CA GLU B 803 48.34 -33.41 -24.06
C GLU B 803 49.48 -32.78 -24.85
N THR B 804 50.70 -32.93 -24.33
CA THR B 804 51.89 -32.17 -24.76
C THR B 804 52.84 -33.02 -25.59
N SER B 805 52.55 -34.31 -25.79
CA SER B 805 53.45 -35.23 -26.55
C SER B 805 53.39 -34.85 -28.04
N PRO B 806 54.56 -34.66 -28.70
CA PRO B 806 54.58 -34.06 -30.05
C PRO B 806 54.03 -34.97 -31.15
N GLU B 807 54.31 -36.28 -31.09
CA GLU B 807 53.71 -37.24 -32.04
C GLU B 807 52.20 -37.33 -31.82
N MET B 808 51.76 -37.20 -30.57
CA MET B 808 50.31 -37.15 -30.28
C MET B 808 49.72 -35.84 -30.80
N LYS B 809 50.48 -34.76 -30.78
CA LYS B 809 50.03 -33.50 -31.39
C LYS B 809 49.89 -33.67 -32.90
N GLY B 810 50.80 -34.41 -33.52
CA GLY B 810 50.68 -34.73 -34.95
C GLY B 810 49.43 -35.55 -35.22
N LYS B 811 49.14 -36.48 -34.33
CA LYS B 811 47.91 -37.30 -34.43
C LYS B 811 46.68 -36.40 -34.35
N VAL B 812 46.71 -35.44 -33.44
CA VAL B 812 45.58 -34.50 -33.23
C VAL B 812 45.42 -33.65 -34.49
N LEU B 813 46.53 -33.23 -35.09
CA LEU B 813 46.45 -32.38 -36.30
C LEU B 813 45.91 -33.20 -37.48
N THR B 814 46.28 -34.47 -37.56
CA THR B 814 45.72 -35.35 -38.60
C THR B 814 44.23 -35.54 -38.35
N ARG B 815 43.84 -35.59 -37.09
CA ARG B 815 42.40 -35.66 -36.73
C ARG B 815 41.70 -34.40 -37.20
N LEU B 816 42.33 -33.25 -37.06
CA LEU B 816 41.71 -31.96 -37.46
C LEU B 816 41.53 -31.92 -38.97
N LYS B 817 42.54 -32.37 -39.70
CA LYS B 817 42.41 -32.36 -41.18
C LYS B 817 41.37 -33.40 -41.61
N HIS B 818 41.26 -34.50 -40.87
CA HIS B 818 40.17 -35.48 -41.08
C HIS B 818 38.82 -34.79 -40.88
N ILE B 819 38.73 -33.96 -39.84
CA ILE B 819 37.47 -33.25 -39.51
C ILE B 819 37.09 -32.36 -40.69
N VAL B 820 38.04 -31.59 -41.20
CA VAL B 820 37.67 -30.61 -42.25
C VAL B 820 37.33 -31.33 -43.56
N GLU B 821 37.99 -32.46 -43.84
CA GLU B 821 37.64 -33.24 -45.04
C GLU B 821 36.23 -33.80 -44.89
N LEU B 822 35.89 -34.30 -43.70
CA LEU B 822 34.54 -34.84 -43.49
C LEU B 822 33.52 -33.70 -43.54
N GLN B 823 33.89 -32.49 -43.13
CA GLN B 823 32.96 -31.35 -43.16
C GLN B 823 32.67 -30.97 -44.61
N ILE B 824 33.69 -30.95 -45.45
CA ILE B 824 33.46 -30.58 -46.87
C ILE B 824 32.68 -31.71 -47.57
N ILE B 825 32.91 -32.95 -47.18
CA ILE B 825 32.13 -34.08 -47.73
C ILE B 825 30.68 -33.97 -47.27
N LEU B 826 30.45 -33.61 -46.01
CA LEU B 826 29.07 -33.54 -45.49
C LEU B 826 28.35 -32.36 -46.10
N GLU B 827 29.03 -31.25 -46.36
CA GLU B 827 28.36 -30.10 -47.00
C GLU B 827 28.09 -30.45 -48.46
N LYS B 828 28.92 -31.29 -49.08
CA LYS B 828 28.61 -31.83 -50.43
C LYS B 828 27.33 -32.66 -50.34
N TYR B 829 27.21 -33.50 -49.33
CA TYR B 829 26.03 -34.38 -49.17
C TYR B 829 24.78 -33.57 -48.82
N LEU B 830 24.96 -32.42 -48.20
CA LEU B 830 23.83 -31.50 -47.96
C LEU B 830 23.49 -30.73 -49.24
N ALA B 831 24.48 -30.52 -50.11
CA ALA B 831 24.22 -29.94 -51.45
C ALA B 831 23.48 -30.95 -52.31
N VAL B 832 23.60 -32.25 -52.01
CA VAL B 832 22.77 -33.29 -52.67
C VAL B 832 21.30 -33.07 -52.27
N THR B 833 21.00 -33.14 -50.98
CA THR B 833 19.62 -32.93 -50.47
C THR B 833 19.63 -31.94 -49.31
N PRO B 834 18.86 -30.82 -49.42
CA PRO B 834 18.77 -29.87 -48.32
C PRO B 834 17.76 -30.23 -47.23
N ASP B 835 16.81 -31.13 -47.53
CA ASP B 835 15.61 -31.35 -46.67
C ASP B 835 15.89 -32.42 -45.62
N TYR B 836 16.88 -33.30 -45.84
CA TYR B 836 17.16 -34.47 -44.98
C TYR B 836 18.00 -34.00 -43.81
N VAL B 837 17.33 -33.52 -42.77
CA VAL B 837 18.01 -33.12 -41.52
C VAL B 837 18.36 -34.38 -40.74
N PRO B 838 19.62 -34.54 -40.31
CA PRO B 838 19.96 -35.52 -39.28
C PRO B 838 19.86 -34.88 -37.89
N PRO B 839 18.66 -34.86 -37.28
CA PRO B 839 18.40 -33.97 -36.16
C PRO B 839 18.98 -34.59 -34.88
N LEU B 840 20.15 -34.08 -34.48
CA LEU B 840 20.76 -34.37 -33.17
C LEU B 840 21.32 -33.08 -32.58
N GLY B 841 20.49 -32.36 -31.85
CA GLY B 841 20.90 -31.11 -31.20
C GLY B 841 21.74 -31.39 -29.97
N ASN B 842 22.21 -30.30 -29.35
CA ASN B 842 22.78 -30.35 -27.99
C ASN B 842 21.62 -30.48 -27.01
N PHE B 843 21.84 -31.25 -25.96
CA PHE B 843 20.74 -31.86 -25.17
C PHE B 843 20.20 -30.90 -24.10
N ASP B 844 20.95 -29.86 -23.76
CA ASP B 844 20.57 -28.94 -22.66
C ASP B 844 19.34 -28.12 -23.05
N VAL B 845 19.37 -27.45 -24.21
CA VAL B 845 18.37 -26.41 -24.59
C VAL B 845 17.68 -26.80 -25.89
N GLU B 846 18.39 -27.33 -26.88
CA GLU B 846 17.82 -27.55 -28.23
C GLU B 846 16.78 -28.68 -28.20
N THR B 847 16.97 -29.68 -27.34
CA THR B 847 16.07 -30.84 -27.31
C THR B 847 14.71 -30.47 -26.73
N LEU B 848 14.66 -29.62 -25.71
CA LEU B 848 13.35 -29.16 -25.17
C LEU B 848 12.67 -28.20 -26.15
N ASP B 849 13.44 -27.54 -27.02
CA ASP B 849 12.87 -26.76 -28.15
C ASP B 849 12.26 -27.74 -29.16
N ILE B 850 12.90 -28.88 -29.41
CA ILE B 850 12.36 -29.93 -30.30
C ILE B 850 11.18 -30.63 -29.61
N THR B 851 11.36 -31.11 -28.38
CA THR B 851 10.33 -31.84 -27.61
C THR B 851 9.51 -30.85 -26.78
N LEU B 916 21.64 -23.13 -44.05
CA LEU B 916 21.47 -24.49 -43.47
C LEU B 916 22.71 -24.86 -42.65
N LEU B 917 23.91 -24.68 -43.24
CA LEU B 917 25.20 -25.04 -42.61
C LEU B 917 25.49 -24.15 -41.39
N LEU B 918 25.01 -22.89 -41.38
CA LEU B 918 25.28 -21.92 -40.29
C LEU B 918 24.59 -22.35 -39.00
N HIS B 919 23.39 -22.95 -39.07
CA HIS B 919 22.63 -23.42 -37.89
C HIS B 919 23.30 -24.65 -37.27
N ASN B 920 23.59 -25.64 -38.10
CA ASN B 920 24.17 -26.94 -37.66
C ASN B 920 25.65 -26.75 -37.27
N SER B 921 26.32 -25.70 -37.77
CA SER B 921 27.75 -25.39 -37.47
C SER B 921 27.94 -25.17 -35.96
N HIS B 922 26.94 -24.58 -35.28
CA HIS B 922 27.03 -24.25 -33.84
C HIS B 922 25.97 -24.98 -33.00
N ALA B 923 24.87 -25.45 -33.59
CA ALA B 923 23.74 -26.04 -32.84
C ALA B 923 23.79 -27.57 -32.81
N PHE B 924 24.26 -28.18 -33.90
CA PHE B 924 24.14 -29.63 -34.11
C PHE B 924 25.39 -30.33 -33.61
N PHE B 925 26.55 -29.83 -34.02
CA PHE B 925 27.83 -30.49 -33.70
C PHE B 925 28.10 -30.38 -32.21
N ARG B 926 28.95 -31.29 -31.75
CA ARG B 926 29.50 -31.20 -30.39
C ARG B 926 30.32 -29.93 -30.33
N GLU B 927 30.34 -29.32 -29.17
CA GLU B 927 30.95 -27.99 -28.99
C GLU B 927 32.39 -28.18 -28.59
N LEU B 928 33.28 -27.43 -29.24
CA LEU B 928 34.71 -27.52 -28.93
C LEU B 928 34.95 -26.86 -27.59
N ASP B 929 35.96 -27.33 -26.88
CA ASP B 929 36.39 -26.78 -25.58
C ASP B 929 37.35 -25.63 -25.84
N ILE B 930 37.66 -24.86 -24.80
CA ILE B 930 38.59 -23.72 -24.89
C ILE B 930 40.02 -24.23 -25.09
N GLU B 931 40.38 -25.33 -24.43
CA GLU B 931 41.77 -25.84 -24.45
C GLU B 931 42.14 -26.43 -25.81
N VAL B 932 41.16 -26.60 -26.70
CA VAL B 932 41.37 -27.01 -28.12
C VAL B 932 42.20 -25.92 -28.83
N PHE B 933 42.15 -24.69 -28.34
CA PHE B 933 42.97 -23.60 -28.90
C PHE B 933 44.38 -23.59 -28.33
N SER B 934 44.79 -24.61 -27.59
CA SER B 934 46.24 -24.85 -27.33
C SER B 934 46.95 -25.32 -28.60
N ILE B 935 46.20 -25.77 -29.60
CA ILE B 935 46.74 -26.32 -30.87
C ILE B 935 47.51 -25.24 -31.61
N LEU B 936 47.01 -24.02 -31.63
CA LEU B 936 47.54 -22.98 -32.54
C LEU B 936 48.80 -22.32 -31.98
N HIS B 937 49.45 -22.91 -30.97
CA HIS B 937 50.88 -22.64 -30.65
C HIS B 937 51.77 -22.94 -31.86
N CYS B 938 51.44 -24.00 -32.61
CA CYS B 938 52.18 -24.39 -33.84
C CYS B 938 52.04 -23.30 -34.91
N GLY B 939 53.04 -23.22 -35.79
CA GLY B 939 53.10 -22.23 -36.88
C GLY B 939 52.58 -22.81 -38.17
N LEU B 940 51.97 -21.96 -39.00
CA LEU B 940 51.45 -22.40 -40.30
C LEU B 940 52.56 -22.88 -41.23
N VAL B 941 52.19 -23.78 -42.13
CA VAL B 941 53.01 -24.13 -43.32
C VAL B 941 52.15 -23.81 -44.53
N THR B 942 52.80 -23.37 -45.60
CA THR B 942 52.12 -23.02 -46.86
C THR B 942 52.40 -24.10 -47.90
N LYS B 943 51.35 -24.52 -48.58
CA LYS B 943 51.43 -25.59 -49.61
C LYS B 943 51.82 -25.01 -50.96
N PHE B 944 51.43 -23.77 -51.24
CA PHE B 944 51.63 -23.12 -52.55
C PHE B 944 52.99 -22.41 -52.63
N ILE B 945 53.38 -21.66 -51.59
CA ILE B 945 54.66 -20.89 -51.61
C ILE B 945 55.85 -21.80 -51.22
N LEU B 946 55.73 -22.54 -50.12
CA LEU B 946 56.79 -23.38 -49.49
C LEU B 946 58.05 -22.54 -49.22
N LEU B 960 50.32 -27.97 -39.88
CA LEU B 960 49.13 -27.12 -39.58
C LEU B 960 48.77 -26.30 -40.81
N GLY B 961 47.76 -26.75 -41.56
CA GLY B 961 47.38 -26.15 -42.84
C GLY B 961 46.41 -24.98 -42.66
N PRO B 962 46.16 -24.22 -43.74
CA PRO B 962 45.28 -23.06 -43.68
C PRO B 962 43.83 -23.35 -43.31
N PRO B 963 43.11 -24.37 -43.84
CA PRO B 963 41.78 -24.63 -43.31
C PRO B 963 41.76 -25.20 -41.88
N GLU B 964 42.84 -25.86 -41.45
CA GLU B 964 42.99 -26.36 -40.08
C GLU B 964 43.20 -25.20 -39.11
N LEU B 965 43.59 -24.02 -39.59
CA LEU B 965 43.57 -22.80 -38.75
C LEU B 965 42.24 -22.07 -38.92
N LEU B 966 41.68 -22.09 -40.14
CA LEU B 966 40.39 -21.42 -40.40
C LEU B 966 39.32 -21.99 -39.49
N PHE B 967 39.31 -23.30 -39.33
CA PHE B 967 38.30 -24.01 -38.51
C PHE B 967 38.35 -23.51 -37.06
N LEU B 968 39.55 -23.49 -36.48
CA LEU B 968 39.71 -23.07 -35.08
C LEU B 968 39.33 -21.59 -34.92
N LEU B 969 39.71 -20.75 -35.87
CA LEU B 969 39.44 -19.30 -35.73
C LEU B 969 37.96 -19.02 -35.97
N GLU B 970 37.33 -19.74 -36.87
CA GLU B 970 35.89 -19.61 -37.13
C GLU B 970 35.13 -20.07 -35.90
N ASP B 971 35.67 -21.01 -35.14
CA ASP B 971 35.05 -21.40 -33.87
C ASP B 971 35.23 -20.29 -32.84
N LEU B 972 36.45 -19.79 -32.70
CA LEU B 972 36.81 -18.88 -31.60
C LEU B 972 36.08 -17.56 -31.76
N SER B 973 35.87 -17.10 -32.99
CA SER B 973 35.16 -15.84 -33.24
C SER B 973 33.71 -15.97 -32.74
N GLN B 974 33.08 -17.10 -33.04
CA GLN B 974 31.68 -17.35 -32.61
C GLN B 974 31.62 -17.45 -31.09
N LYS B 975 32.62 -18.06 -30.47
CA LYS B 975 32.66 -18.14 -28.99
C LYS B 975 32.77 -16.76 -28.39
N LEU B 976 33.62 -15.90 -28.95
CA LEU B 976 33.84 -14.56 -28.37
C LEU B 976 32.62 -13.68 -28.59
N GLU B 977 31.98 -13.75 -29.74
CA GLU B 977 30.79 -12.90 -29.96
C GLU B 977 29.63 -13.40 -29.09
N SER B 978 29.54 -14.70 -28.85
CA SER B 978 28.45 -15.25 -28.01
C SER B 978 28.68 -14.86 -26.56
N MET B 979 29.93 -14.86 -26.13
CA MET B 979 30.23 -14.64 -24.69
C MET B 979 30.23 -13.15 -24.37
N LEU B 980 30.79 -12.31 -25.24
CA LEU B 980 31.15 -10.90 -24.90
C LEU B 980 30.13 -9.88 -25.38
N THR B 981 29.28 -10.22 -26.37
CA THR B 981 28.26 -9.29 -26.92
C THR B 981 26.86 -9.83 -26.59
N PHE B 1001 25.61 -23.20 -26.90
CA PHE B 1001 26.77 -22.78 -26.07
C PHE B 1001 26.56 -23.22 -24.63
N SER B 1002 26.66 -24.53 -24.41
CA SER B 1002 26.27 -25.15 -23.14
C SER B 1002 27.46 -25.13 -22.18
N HIS B 1003 28.56 -25.81 -22.55
CA HIS B 1003 29.71 -26.02 -21.63
C HIS B 1003 30.45 -24.70 -21.42
N LEU B 1004 30.38 -23.79 -22.40
CA LEU B 1004 31.10 -22.51 -22.35
C LEU B 1004 30.56 -21.64 -21.23
N GLN B 1005 29.23 -21.48 -21.17
CA GLN B 1005 28.58 -20.40 -20.38
C GLN B 1005 28.57 -20.71 -18.87
N GLN B 1006 29.03 -21.88 -18.44
CA GLN B 1006 29.30 -22.11 -17.00
C GLN B 1006 30.66 -21.56 -16.60
N ARG B 1007 31.45 -21.06 -17.54
CA ARG B 1007 32.62 -20.20 -17.25
C ARG B 1007 32.19 -18.74 -17.30
N SER B 1008 32.71 -17.92 -16.39
CA SER B 1008 32.49 -16.45 -16.38
C SER B 1008 33.21 -15.82 -17.56
N ALA B 1009 32.78 -14.64 -17.98
CA ALA B 1009 33.39 -13.90 -19.10
C ALA B 1009 34.84 -13.55 -18.74
N GLN B 1010 35.09 -13.29 -17.46
CA GLN B 1010 36.42 -12.85 -17.00
C GLN B 1010 37.46 -13.93 -17.22
N GLU B 1011 37.16 -15.16 -16.83
CA GLU B 1011 38.10 -16.28 -17.03
C GLU B 1011 38.22 -16.60 -18.51
N ILE B 1012 37.17 -16.35 -19.29
CA ILE B 1012 37.22 -16.58 -20.76
C ILE B 1012 38.21 -15.64 -21.41
N VAL B 1013 38.08 -14.35 -21.16
CA VAL B 1013 39.02 -13.39 -21.78
C VAL B 1013 40.40 -13.55 -21.16
N HIS B 1014 40.48 -14.00 -19.92
CA HIS B 1014 41.76 -14.25 -19.25
C HIS B 1014 42.51 -15.37 -19.98
N CYS B 1015 41.81 -16.43 -20.37
CA CYS B 1015 42.49 -17.55 -21.07
C CYS B 1015 42.66 -17.20 -22.55
N VAL B 1016 41.82 -16.32 -23.10
CA VAL B 1016 42.01 -15.81 -24.48
C VAL B 1016 43.32 -15.03 -24.56
N PHE B 1017 43.65 -14.26 -23.52
CA PHE B 1017 44.88 -13.44 -23.48
C PHE B 1017 46.13 -14.29 -23.67
N GLN B 1018 46.16 -15.46 -23.06
CA GLN B 1018 47.29 -16.39 -23.29
C GLN B 1018 47.10 -17.05 -24.65
N LEU B 1019 45.93 -17.68 -24.86
CA LEU B 1019 45.72 -18.66 -25.95
C LEU B 1019 45.36 -17.99 -27.28
N LEU B 1020 45.37 -16.66 -27.35
CA LEU B 1020 45.27 -16.00 -28.66
C LEU B 1020 46.58 -15.27 -28.95
N THR B 1021 46.83 -14.19 -28.21
CA THR B 1021 47.61 -13.02 -28.69
C THR B 1021 49.07 -13.37 -28.97
N PRO B 1022 49.88 -13.92 -28.02
CA PRO B 1022 51.27 -14.21 -28.35
C PRO B 1022 51.39 -15.49 -29.17
N MET B 1023 50.27 -16.13 -29.49
CA MET B 1023 50.23 -17.31 -30.39
C MET B 1023 49.70 -16.91 -31.76
N CYS B 1024 48.67 -16.06 -31.83
CA CYS B 1024 48.07 -15.69 -33.13
C CYS B 1024 48.86 -14.55 -33.77
N ASN B 1025 49.73 -13.86 -33.03
CA ASN B 1025 50.57 -12.81 -33.64
C ASN B 1025 51.50 -13.42 -34.70
N HIS B 1026 52.01 -14.62 -34.45
CA HIS B 1026 52.88 -15.33 -35.40
C HIS B 1026 52.10 -15.66 -36.67
N LEU B 1027 50.87 -16.09 -36.50
CA LEU B 1027 50.00 -16.44 -37.63
C LEU B 1027 49.66 -15.16 -38.41
N GLU B 1028 49.51 -14.05 -37.70
CA GLU B 1028 49.24 -12.74 -38.34
C GLU B 1028 50.45 -12.30 -39.16
N ASN B 1029 51.64 -12.45 -38.60
CA ASN B 1029 52.88 -12.01 -39.29
C ASN B 1029 53.15 -12.92 -40.48
N ILE B 1030 52.92 -14.22 -40.33
CA ILE B 1030 53.09 -15.19 -41.44
C ILE B 1030 52.07 -14.86 -42.53
N HIS B 1031 50.87 -14.45 -42.15
CA HIS B 1031 49.83 -14.04 -43.12
C HIS B 1031 50.26 -12.78 -43.85
N ASN B 1032 50.85 -11.84 -43.12
CA ASN B 1032 51.40 -10.59 -43.71
C ASN B 1032 52.48 -10.95 -44.74
N TYR B 1033 53.33 -11.91 -44.40
CA TYR B 1033 54.42 -12.35 -45.28
C TYR B 1033 53.86 -13.05 -46.50
N PHE B 1034 52.76 -13.77 -46.34
CA PHE B 1034 52.08 -14.43 -47.47
C PHE B 1034 51.54 -13.36 -48.41
N GLN B 1035 50.85 -12.36 -47.86
CA GLN B 1035 50.13 -11.39 -48.71
C GLN B 1035 51.12 -10.42 -49.36
N CYS B 1036 52.29 -10.19 -48.75
CA CYS B 1036 53.36 -9.40 -49.40
C CYS B 1036 53.82 -10.13 -50.67
N LEU B 1037 54.06 -11.43 -50.57
CA LEU B 1037 54.51 -12.21 -51.75
C LEU B 1037 53.37 -12.32 -52.77
N ALA B 1038 52.13 -12.40 -52.31
CA ALA B 1038 50.96 -12.46 -53.21
C ALA B 1038 50.80 -11.13 -53.96
N ALA B 1039 51.19 -10.01 -53.33
CA ALA B 1039 51.16 -8.70 -53.99
C ALA B 1039 52.33 -8.58 -54.96
N GLU B 1040 53.49 -9.13 -54.61
CA GLU B 1040 54.70 -9.05 -55.45
C GLU B 1040 54.54 -9.90 -56.71
N ASN B 1041 53.81 -11.02 -56.61
CA ASN B 1041 53.71 -11.96 -57.74
C ASN B 1041 52.79 -11.38 -58.82
N HIS B 1042 51.68 -10.75 -58.42
CA HIS B 1042 50.72 -10.14 -59.37
C HIS B 1042 51.27 -8.79 -59.86
N LYS B 1051 45.42 -23.18 -55.99
CA LYS B 1051 46.13 -21.87 -56.03
C LYS B 1051 45.24 -20.78 -55.44
N VAL B 1052 44.12 -20.52 -56.11
CA VAL B 1052 43.19 -19.43 -55.71
C VAL B 1052 42.48 -19.82 -54.42
N GLN B 1053 42.27 -21.11 -54.19
CA GLN B 1053 41.57 -21.59 -52.98
C GLN B 1053 42.44 -21.36 -51.75
N GLU B 1054 43.75 -21.46 -51.89
CA GLU B 1054 44.70 -21.20 -50.78
C GLU B 1054 44.53 -19.76 -50.28
N TYR B 1055 44.67 -18.81 -51.21
CA TYR B 1055 44.55 -17.37 -50.91
C TYR B 1055 43.12 -17.07 -50.42
N HIS B 1056 42.12 -17.74 -50.97
CA HIS B 1056 40.71 -17.52 -50.61
C HIS B 1056 40.47 -17.95 -49.16
N ILE B 1057 41.10 -19.04 -48.74
CA ILE B 1057 40.97 -19.52 -47.34
C ILE B 1057 41.75 -18.58 -46.43
N MET B 1058 42.93 -18.15 -46.86
CA MET B 1058 43.78 -17.33 -45.99
C MET B 1058 43.16 -15.95 -45.81
N SER B 1059 42.40 -15.45 -46.78
CA SER B 1059 41.68 -14.17 -46.64
C SER B 1059 40.66 -14.25 -45.50
N SER B 1060 39.90 -15.35 -45.46
CA SER B 1060 38.91 -15.57 -44.40
C SER B 1060 39.63 -15.78 -43.06
N CYS B 1061 40.80 -16.40 -43.08
CA CYS B 1061 41.63 -16.59 -41.87
C CYS B 1061 42.04 -15.22 -41.30
N TYR B 1062 42.46 -14.32 -42.18
CA TYR B 1062 42.82 -12.93 -41.83
C TYR B 1062 41.61 -12.22 -41.23
N GLN B 1063 40.47 -12.37 -41.89
CA GLN B 1063 39.23 -11.71 -41.46
C GLN B 1063 38.84 -12.18 -40.07
N ARG B 1064 38.96 -13.48 -39.81
CA ARG B 1064 38.59 -14.02 -38.50
C ARG B 1064 39.59 -13.56 -37.45
N LEU B 1065 40.87 -13.44 -37.80
CA LEU B 1065 41.84 -12.96 -36.81
C LEU B 1065 41.51 -11.53 -36.38
N LEU B 1066 41.17 -10.69 -37.35
CA LEU B 1066 40.85 -9.28 -37.02
C LEU B 1066 39.51 -9.22 -36.29
N GLN B 1067 38.56 -10.09 -36.61
CA GLN B 1067 37.24 -10.09 -35.94
C GLN B 1067 37.39 -10.51 -34.49
N ILE B 1068 38.26 -11.49 -34.23
CA ILE B 1068 38.57 -11.92 -32.86
C ILE B 1068 39.23 -10.77 -32.12
N PHE B 1069 40.14 -10.06 -32.77
CA PHE B 1069 40.84 -8.91 -32.16
C PHE B 1069 39.83 -7.82 -31.78
N HIS B 1070 38.90 -7.54 -32.67
CA HIS B 1070 37.87 -6.51 -32.47
C HIS B 1070 36.97 -6.90 -31.30
N GLY B 1071 36.54 -8.16 -31.29
CA GLY B 1071 35.66 -8.67 -30.24
C GLY B 1071 36.38 -8.67 -28.91
N LEU B 1072 37.69 -8.86 -28.92
CA LEU B 1072 38.46 -8.89 -27.67
C LEU B 1072 38.59 -7.47 -27.13
N PHE B 1073 39.04 -6.53 -27.96
CA PHE B 1073 39.42 -5.20 -27.46
C PHE B 1073 38.21 -4.30 -27.27
N ALA B 1074 37.04 -4.70 -27.75
CA ALA B 1074 35.79 -3.98 -27.45
C ALA B 1074 35.14 -4.52 -26.17
N TRP B 1075 35.89 -5.15 -25.27
CA TRP B 1075 35.30 -5.77 -24.05
C TRP B 1075 35.00 -4.67 -23.03
N SER B 1076 33.73 -4.59 -22.61
CA SER B 1076 33.24 -3.53 -21.71
C SER B 1076 33.75 -3.73 -20.28
N GLY B 1077 34.22 -4.92 -19.93
CA GLY B 1077 34.84 -5.19 -18.61
C GLY B 1077 36.14 -4.43 -18.39
N PHE B 1078 36.79 -3.98 -19.48
CA PHE B 1078 37.95 -3.06 -19.40
C PHE B 1078 37.55 -1.68 -18.89
N SER B 1079 36.28 -1.29 -19.03
CA SER B 1079 35.75 0.01 -18.54
C SER B 1079 35.79 0.06 -17.01
N GLN B 1080 35.69 -1.10 -16.37
CA GLN B 1080 35.70 -1.25 -14.90
C GLN B 1080 37.14 -1.27 -14.39
N PRO B 1081 37.41 -0.68 -13.20
CA PRO B 1081 38.78 -0.38 -12.80
C PRO B 1081 39.65 -1.57 -12.35
N GLU B 1082 39.25 -2.81 -12.61
CA GLU B 1082 40.02 -4.00 -12.15
C GLU B 1082 40.87 -4.57 -13.28
N ASN B 1083 40.49 -4.37 -14.54
CA ASN B 1083 40.98 -5.18 -15.68
C ASN B 1083 42.04 -4.44 -16.51
N GLN B 1084 42.41 -3.21 -16.14
CA GLN B 1084 43.33 -2.38 -16.97
C GLN B 1084 44.76 -2.92 -16.86
N ASN B 1085 45.10 -3.56 -15.75
CA ASN B 1085 46.38 -4.30 -15.58
C ASN B 1085 46.52 -5.41 -16.61
N LEU B 1086 45.39 -6.03 -16.98
CA LEU B 1086 45.34 -7.02 -18.07
C LEU B 1086 45.58 -6.33 -19.41
N LEU B 1087 45.04 -5.12 -19.57
CA LEU B 1087 45.41 -4.25 -20.72
C LEU B 1087 46.89 -3.88 -20.63
N TYR B 1088 47.38 -3.61 -19.44
CA TYR B 1088 48.82 -3.33 -19.19
C TYR B 1088 49.65 -4.59 -19.45
N SER B 1089 49.02 -5.76 -19.45
CA SER B 1089 49.59 -6.97 -20.08
C SER B 1089 49.41 -6.88 -21.60
N ALA B 1090 48.17 -6.79 -22.06
CA ALA B 1090 47.74 -7.24 -23.41
C ALA B 1090 48.40 -6.40 -24.51
N LEU B 1091 48.20 -5.08 -24.46
CA LEU B 1091 48.76 -4.18 -25.49
C LEU B 1091 50.29 -4.08 -25.31
N HIS B 1092 50.79 -4.35 -24.09
CA HIS B 1092 52.24 -4.52 -23.85
C HIS B 1092 52.80 -5.60 -24.75
N VAL B 1093 52.08 -6.72 -24.87
CA VAL B 1093 52.48 -7.80 -25.80
C VAL B 1093 52.37 -7.29 -27.23
N LEU B 1094 51.32 -6.51 -27.52
CA LEU B 1094 51.20 -5.84 -28.83
C LEU B 1094 52.32 -4.83 -29.04
N SER B 1095 52.80 -4.22 -27.94
CA SER B 1095 53.97 -3.31 -27.98
C SER B 1095 55.24 -4.10 -28.22
N SER B 1096 55.30 -5.35 -27.74
CA SER B 1096 56.54 -6.16 -27.73
C SER B 1096 56.88 -6.71 -29.12
N ARG B 1097 56.02 -6.54 -30.13
CA ARG B 1097 56.23 -7.06 -31.49
C ARG B 1097 57.14 -6.16 -32.32
N LEU B 1098 57.54 -4.99 -31.79
CA LEU B 1098 58.49 -4.09 -32.47
C LEU B 1098 59.83 -4.10 -31.74
N LYS B 1099 59.82 -3.75 -30.47
CA LYS B 1099 61.06 -3.62 -29.66
C LYS B 1099 60.68 -3.87 -28.20
N GLN B 1100 61.60 -4.48 -27.45
CA GLN B 1100 61.50 -4.71 -25.99
C GLN B 1100 62.53 -3.85 -25.26
N GLY B 1101 62.41 -3.81 -23.92
CA GLY B 1101 63.36 -3.10 -23.04
C GLY B 1101 62.75 -1.91 -22.32
N GLU B 1102 61.65 -1.36 -22.85
CA GLU B 1102 60.94 -0.19 -22.27
C GLU B 1102 59.80 -0.71 -21.39
N HIS B 1103 60.17 -1.32 -20.26
CA HIS B 1103 59.22 -1.91 -19.29
C HIS B 1103 58.71 -0.81 -18.35
N SER B 1104 57.53 -1.05 -17.77
CA SER B 1104 56.80 -0.12 -16.87
C SER B 1104 56.63 1.24 -17.55
N GLN B 1105 55.86 1.27 -18.64
CA GLN B 1105 55.62 2.48 -19.44
C GLN B 1105 54.25 3.05 -19.09
N PRO B 1106 54.03 4.37 -19.31
CA PRO B 1106 52.68 4.93 -19.20
C PRO B 1106 51.74 4.41 -20.28
N LEU B 1107 50.44 4.59 -20.03
CA LEU B 1107 49.34 3.91 -20.78
C LEU B 1107 49.35 4.37 -22.24
N GLU B 1108 49.32 5.68 -22.46
CA GLU B 1108 49.16 6.23 -23.82
C GLU B 1108 50.41 5.93 -24.66
N GLU B 1109 51.56 5.74 -24.01
CA GLU B 1109 52.78 5.31 -24.72
C GLU B 1109 52.57 3.90 -25.28
N LEU B 1110 52.02 3.01 -24.47
CA LEU B 1110 51.75 1.62 -24.91
C LEU B 1110 50.70 1.64 -26.01
N LEU B 1111 49.69 2.52 -25.89
CA LEU B 1111 48.66 2.66 -26.95
C LEU B 1111 49.32 3.10 -28.27
N SER B 1112 50.20 4.09 -28.20
CA SER B 1112 50.84 4.65 -29.42
C SER B 1112 51.73 3.60 -30.06
N GLN B 1113 52.49 2.88 -29.24
CA GLN B 1113 53.39 1.82 -29.76
C GLN B 1113 52.55 0.70 -30.38
N SER B 1114 51.42 0.37 -29.76
CA SER B 1114 50.57 -0.74 -30.22
C SER B 1114 49.92 -0.39 -31.56
N VAL B 1115 49.36 0.81 -31.66
CA VAL B 1115 48.70 1.23 -32.92
C VAL B 1115 49.76 1.44 -34.01
N HIS B 1116 50.98 1.83 -33.62
CA HIS B 1116 52.09 1.97 -34.59
C HIS B 1116 52.54 0.60 -35.08
N TYR B 1117 52.43 -0.43 -34.24
CA TYR B 1117 52.65 -1.82 -34.68
C TYR B 1117 51.52 -2.24 -35.64
N LEU B 1118 50.29 -1.86 -35.32
CA LEU B 1118 49.10 -2.48 -35.95
C LEU B 1118 48.82 -1.82 -37.30
N GLN B 1119 49.15 -0.54 -37.43
CA GLN B 1119 48.79 0.26 -38.63
C GLN B 1119 49.27 -0.42 -39.91
N ASN B 1120 50.49 -0.99 -39.89
CA ASN B 1120 51.23 -1.39 -41.12
C ASN B 1120 50.54 -2.52 -41.87
N PHE B 1121 49.55 -3.17 -41.27
CA PHE B 1121 48.84 -4.29 -41.92
C PHE B 1121 48.01 -3.81 -43.10
N HIS B 1122 47.71 -2.51 -43.19
CA HIS B 1122 46.79 -1.95 -44.20
C HIS B 1122 47.29 -2.08 -45.63
N GLN B 1123 48.56 -2.47 -45.85
CA GLN B 1123 49.07 -2.79 -47.20
C GLN B 1123 48.70 -4.22 -47.59
N SER B 1124 48.64 -5.15 -46.64
CA SER B 1124 48.45 -6.59 -46.89
C SER B 1124 46.99 -7.02 -46.80
N ILE B 1125 46.06 -6.08 -46.59
CA ILE B 1125 44.63 -6.42 -46.42
C ILE B 1125 44.04 -6.80 -47.77
N PRO B 1126 43.50 -8.01 -47.93
CA PRO B 1126 43.01 -8.46 -49.23
C PRO B 1126 41.63 -7.93 -49.60
N SER B 1127 40.76 -7.75 -48.62
CA SER B 1127 39.32 -7.52 -48.84
C SER B 1127 38.86 -6.26 -48.11
N PHE B 1128 37.56 -6.05 -48.09
CA PHE B 1128 36.93 -4.84 -47.54
C PHE B 1128 36.52 -5.04 -46.09
N GLN B 1129 35.89 -6.17 -45.79
CA GLN B 1129 35.31 -6.42 -44.46
C GLN B 1129 36.46 -6.54 -43.44
N CYS B 1130 37.57 -7.15 -43.83
CA CYS B 1130 38.74 -7.30 -42.93
C CYS B 1130 39.37 -5.93 -42.70
N ALA B 1131 39.35 -5.06 -43.71
CA ALA B 1131 39.82 -3.68 -43.57
C ALA B 1131 38.94 -2.93 -42.56
N LEU B 1132 37.63 -3.13 -42.69
CA LEU B 1132 36.65 -2.51 -41.78
C LEU B 1132 36.91 -2.98 -40.35
N TYR B 1133 37.24 -4.25 -40.18
CA TYR B 1133 37.52 -4.82 -38.85
C TYR B 1133 38.81 -4.25 -38.30
N LEU B 1134 39.80 -4.01 -39.16
CA LEU B 1134 41.08 -3.42 -38.71
C LEU B 1134 40.84 -2.00 -38.22
N ILE B 1135 40.12 -1.21 -39.01
CA ILE B 1135 39.94 0.22 -38.65
C ILE B 1135 39.04 0.32 -37.42
N ARG B 1136 38.05 -0.56 -37.29
CA ARG B 1136 37.16 -0.51 -36.12
C ARG B 1136 37.95 -0.96 -34.88
N LEU B 1137 38.86 -1.92 -35.05
CA LEU B 1137 39.75 -2.35 -33.94
C LEU B 1137 40.60 -1.16 -33.50
N LEU B 1138 41.17 -0.44 -34.47
CA LEU B 1138 42.03 0.71 -34.17
C LEU B 1138 41.22 1.80 -33.48
N MET B 1139 39.97 1.99 -33.90
CA MET B 1139 39.05 2.94 -33.25
C MET B 1139 38.88 2.58 -31.77
N VAL B 1140 38.54 1.34 -31.50
CA VAL B 1140 38.10 0.95 -30.14
C VAL B 1140 39.31 0.81 -29.23
N ILE B 1141 40.52 0.69 -29.77
CA ILE B 1141 41.72 0.71 -28.89
C ILE B 1141 42.19 2.15 -28.69
N LEU B 1142 41.89 3.04 -29.64
CA LEU B 1142 42.33 4.44 -29.52
C LEU B 1142 41.33 5.29 -28.73
N GLU B 1143 40.16 4.74 -28.39
CA GLU B 1143 39.22 5.44 -27.49
C GLU B 1143 39.71 5.44 -26.03
N LYS B 1144 40.82 4.79 -25.69
CA LYS B 1144 41.34 4.79 -24.30
C LYS B 1144 42.19 6.04 -24.02
N SER B 1145 42.49 6.87 -25.01
CA SER B 1145 43.32 8.08 -24.83
C SER B 1145 42.41 9.32 -24.72
N GLN B 1150 43.55 14.87 -31.57
CA GLN B 1150 44.94 14.44 -31.89
C GLN B 1150 44.96 13.04 -32.51
N ASN B 1151 44.11 12.13 -32.00
CA ASN B 1151 44.05 10.72 -32.46
C ASN B 1151 43.32 10.57 -33.80
N LYS B 1152 42.43 11.51 -34.14
CA LYS B 1152 41.51 11.39 -35.32
C LYS B 1152 42.29 11.42 -36.63
N GLU B 1153 43.51 11.94 -36.63
CA GLU B 1153 44.33 12.08 -37.84
C GLU B 1153 44.69 10.71 -38.39
N LYS B 1154 45.03 9.77 -37.50
CA LYS B 1154 45.45 8.41 -37.90
C LYS B 1154 44.29 7.69 -38.54
N ILE B 1155 43.12 7.77 -37.91
CA ILE B 1155 41.92 7.06 -38.40
C ILE B 1155 41.50 7.68 -39.73
N ALA B 1156 41.52 9.01 -39.82
CA ALA B 1156 41.06 9.69 -41.05
C ALA B 1156 42.01 9.34 -42.21
N SER B 1157 43.32 9.35 -41.96
CA SER B 1157 44.33 9.01 -42.97
C SER B 1157 44.16 7.56 -43.40
N LEU B 1158 43.90 6.67 -42.45
CA LEU B 1158 43.81 5.23 -42.76
C LEU B 1158 42.53 4.94 -43.55
N ALA B 1159 41.43 5.60 -43.19
CA ALA B 1159 40.17 5.49 -43.94
C ALA B 1159 40.36 6.02 -45.36
N ARG B 1160 41.11 7.10 -45.50
CA ARG B 1160 41.41 7.66 -46.85
C ARG B 1160 42.25 6.66 -47.64
N GLN B 1161 43.18 5.98 -46.97
CA GLN B 1161 44.04 4.96 -47.61
C GLN B 1161 43.20 3.80 -48.10
N PHE B 1162 42.22 3.37 -47.31
CA PHE B 1162 41.33 2.28 -47.72
C PHE B 1162 40.40 2.74 -48.83
N LEU B 1163 40.07 4.00 -48.87
CA LEU B 1163 39.17 4.51 -49.94
C LEU B 1163 39.91 4.68 -51.25
N CYS B 1164 41.20 5.04 -51.21
CA CYS B 1164 41.98 5.19 -52.46
C CYS B 1164 42.63 3.88 -52.87
N ARG B 1165 42.50 2.81 -52.08
CA ARG B 1165 43.03 1.48 -52.45
C ARG B 1165 42.13 0.86 -53.51
N VAL B 1166 42.69 -0.04 -54.30
CA VAL B 1166 42.07 -0.57 -55.54
C VAL B 1166 40.86 -1.43 -55.18
N TRP B 1167 41.06 -2.48 -54.36
CA TRP B 1167 40.06 -3.53 -54.04
C TRP B 1167 39.54 -4.17 -55.31
N PRO B 1168 40.26 -5.16 -55.88
CA PRO B 1168 40.07 -5.54 -57.29
C PRO B 1168 38.68 -6.12 -57.62
N SER B 1169 38.41 -6.18 -58.93
CA SER B 1169 37.05 -6.22 -59.51
C SER B 1169 36.60 -7.66 -59.78
N GLY B 1170 36.93 -8.60 -58.89
CA GLY B 1170 36.19 -9.87 -58.84
C GLY B 1170 34.74 -9.59 -58.49
N ASP B 1171 33.82 -10.41 -58.99
CA ASP B 1171 32.37 -10.17 -58.84
C ASP B 1171 31.98 -10.41 -57.38
N LYS B 1172 32.39 -11.53 -56.80
CA LYS B 1172 32.21 -11.78 -55.36
C LYS B 1172 33.10 -10.84 -54.55
N GLU B 1173 34.24 -10.39 -55.11
CA GLU B 1173 35.14 -9.44 -54.41
C GLU B 1173 34.48 -8.07 -54.30
N LYS B 1174 33.83 -7.58 -55.36
CA LYS B 1174 33.08 -6.31 -55.26
C LYS B 1174 31.78 -6.53 -54.49
N SER B 1175 31.27 -7.77 -54.42
CA SER B 1175 30.11 -8.12 -53.57
C SER B 1175 30.48 -8.04 -52.08
N ASN B 1176 31.77 -8.25 -51.72
CA ASN B 1176 32.26 -8.05 -50.33
C ASN B 1176 32.55 -6.56 -50.04
N ILE B 1177 32.25 -5.65 -50.98
CA ILE B 1177 32.24 -4.18 -50.76
C ILE B 1177 30.77 -3.76 -50.73
N SER B 1178 29.93 -4.62 -50.12
CA SER B 1178 28.48 -4.43 -50.01
C SER B 1178 28.17 -3.16 -49.22
N ASN B 1179 26.94 -2.69 -49.37
CA ASN B 1179 26.50 -1.30 -49.13
C ASN B 1179 26.71 -0.88 -47.67
N ASP B 1180 26.35 -1.76 -46.74
CA ASP B 1180 26.35 -1.40 -45.29
C ASP B 1180 27.78 -1.26 -44.79
N GLN B 1181 28.71 -2.03 -45.34
CA GLN B 1181 30.12 -2.00 -44.89
C GLN B 1181 30.75 -0.68 -45.34
N LEU B 1182 30.53 -0.33 -46.61
CA LEU B 1182 30.95 0.98 -47.16
C LEU B 1182 30.32 2.11 -46.35
N HIS B 1183 29.04 1.96 -46.01
CA HIS B 1183 28.27 2.95 -45.22
C HIS B 1183 28.98 3.19 -43.89
N ALA B 1184 29.33 2.10 -43.21
CA ALA B 1184 30.00 2.18 -41.89
C ALA B 1184 31.37 2.85 -42.06
N LEU B 1185 32.10 2.48 -43.12
CA LEU B 1185 33.46 3.01 -43.30
C LEU B 1185 33.43 4.50 -43.57
N LEU B 1186 32.50 4.95 -44.39
CA LEU B 1186 32.40 6.38 -44.70
C LEU B 1186 31.84 7.14 -43.50
N CYS B 1187 31.01 6.51 -42.67
CA CYS B 1187 30.60 7.16 -41.40
C CYS B 1187 31.83 7.40 -40.53
N ILE B 1188 32.72 6.41 -40.46
CA ILE B 1188 33.97 6.53 -39.67
C ILE B 1188 34.80 7.68 -40.22
N TYR B 1189 34.96 7.72 -41.54
CA TYR B 1189 35.83 8.72 -42.18
C TYR B 1189 35.27 10.13 -42.01
N LEU B 1190 33.98 10.29 -42.29
CA LEU B 1190 33.33 11.62 -42.28
C LEU B 1190 33.23 12.13 -40.85
N GLU B 1191 33.08 11.23 -39.87
CA GLU B 1191 33.02 11.68 -38.45
C GLU B 1191 34.43 12.02 -37.96
N HIS B 1192 35.45 11.25 -38.37
CA HIS B 1192 36.81 11.35 -37.79
C HIS B 1192 37.68 12.40 -38.46
N THR B 1193 37.24 12.99 -39.57
CA THR B 1193 37.96 14.15 -40.16
C THR B 1193 37.73 15.36 -39.28
N GLU B 1194 38.75 16.20 -39.14
CA GLU B 1194 38.69 17.46 -38.35
C GLU B 1194 37.86 18.49 -39.11
N SER B 1195 38.03 18.57 -40.44
CA SER B 1195 37.34 19.51 -41.34
C SER B 1195 36.26 18.75 -42.10
N ILE B 1196 35.05 18.72 -41.57
CA ILE B 1196 33.96 17.85 -42.09
C ILE B 1196 33.44 18.47 -43.40
N LEU B 1197 33.12 19.75 -43.35
CA LEU B 1197 32.59 20.45 -44.54
C LEU B 1197 33.65 20.51 -45.64
N LYS B 1198 34.91 20.68 -45.27
CA LYS B 1198 36.00 20.69 -46.27
C LYS B 1198 36.17 19.30 -46.87
N ALA B 1199 35.98 18.24 -46.09
CA ALA B 1199 36.01 16.86 -46.60
C ALA B 1199 34.82 16.62 -47.54
N ILE B 1200 33.68 17.24 -47.24
CA ILE B 1200 32.50 17.19 -48.13
C ILE B 1200 32.84 17.88 -49.47
N GLU B 1201 33.59 18.97 -49.43
CA GLU B 1201 34.03 19.64 -50.67
C GLU B 1201 35.03 18.76 -51.42
N GLU B 1202 35.87 18.00 -50.72
CA GLU B 1202 36.78 17.03 -51.38
C GLU B 1202 35.95 15.95 -52.10
N ILE B 1203 34.95 15.40 -51.43
CA ILE B 1203 34.16 14.27 -51.98
C ILE B 1203 33.26 14.77 -53.12
N ALA B 1204 32.64 15.95 -53.00
CA ALA B 1204 31.81 16.50 -54.08
C ALA B 1204 32.69 16.99 -55.24
N GLY B 1205 33.93 17.41 -54.95
CA GLY B 1205 34.89 17.80 -56.01
C GLY B 1205 35.32 16.61 -56.85
N VAL B 1206 35.40 15.42 -56.24
CA VAL B 1206 35.64 14.14 -56.95
C VAL B 1206 34.30 13.40 -57.22
N GLY B 1207 33.17 13.92 -56.73
CA GLY B 1207 31.83 13.36 -57.01
C GLY B 1207 31.34 13.68 -58.41
N VAL B 1208 31.97 14.66 -59.08
CA VAL B 1208 31.61 15.11 -60.45
C VAL B 1208 32.36 14.34 -61.55
N PRO B 1209 33.68 13.98 -61.48
CA PRO B 1209 34.29 13.25 -62.60
C PRO B 1209 33.94 11.77 -62.80
N GLU B 1210 32.88 11.23 -62.18
CA GLU B 1210 32.46 9.83 -62.44
C GLU B 1210 31.92 9.68 -63.87
N LEU B 1211 31.21 10.69 -64.38
CA LEU B 1211 30.52 10.60 -65.69
C LEU B 1211 31.49 10.91 -66.83
N ILE B 1212 32.63 11.56 -66.55
CA ILE B 1212 33.50 12.14 -67.61
C ILE B 1212 34.59 11.13 -68.00
N ASN B 1213 34.92 10.16 -67.14
CA ASN B 1213 36.03 9.20 -67.39
C ASN B 1213 35.48 7.85 -67.89
N SER B 1214 34.65 7.19 -67.06
CA SER B 1214 34.23 5.78 -67.26
C SER B 1214 32.72 5.68 -67.09
N PRO B 1215 31.96 5.15 -68.09
CA PRO B 1215 30.52 4.93 -67.95
C PRO B 1215 30.16 3.81 -66.95
N SER B 1220 35.08 3.24 -60.55
CA SER B 1220 35.82 3.74 -61.73
C SER B 1220 35.92 5.27 -61.67
N SER B 1221 37.02 5.76 -61.09
CA SER B 1221 37.28 7.21 -60.93
C SER B 1221 38.79 7.42 -60.75
N THR B 1222 39.17 8.62 -60.35
CA THR B 1222 40.51 8.97 -59.81
C THR B 1222 40.51 8.80 -58.28
N PHE B 1223 39.42 8.27 -57.74
CA PHE B 1223 39.24 7.95 -56.31
C PHE B 1223 38.37 6.69 -56.26
N PRO B 1224 38.96 5.49 -56.10
CA PRO B 1224 38.21 4.24 -56.23
C PRO B 1224 37.21 3.97 -55.10
N THR B 1225 36.50 2.84 -55.22
CA THR B 1225 35.24 2.49 -54.52
C THR B 1225 34.13 3.47 -54.92
N LEU B 1226 34.21 4.05 -56.13
CA LEU B 1226 33.25 5.04 -56.67
C LEU B 1226 32.74 4.52 -58.00
N THR B 1227 31.62 3.80 -57.97
CA THR B 1227 30.83 3.47 -59.17
C THR B 1227 29.53 4.29 -59.14
N ARG B 1228 28.66 4.01 -60.09
CA ARG B 1228 27.29 4.56 -60.15
C ARG B 1228 26.47 3.98 -58.99
N HIS B 1229 26.73 2.72 -58.65
CA HIS B 1229 25.96 1.97 -57.63
C HIS B 1229 26.38 2.41 -56.23
N THR B 1230 27.69 2.68 -56.05
CA THR B 1230 28.25 3.08 -54.73
C THR B 1230 27.82 4.51 -54.39
N PHE B 1231 27.45 5.32 -55.38
CA PHE B 1231 27.16 6.74 -55.15
C PHE B 1231 25.88 6.91 -54.34
N VAL B 1232 24.99 5.92 -54.34
CA VAL B 1232 23.80 5.94 -53.46
C VAL B 1232 24.27 5.95 -52.00
N VAL B 1233 25.20 5.06 -51.68
CA VAL B 1233 25.73 4.91 -50.31
C VAL B 1233 26.52 6.18 -49.97
N PHE B 1234 27.37 6.61 -50.89
CA PHE B 1234 28.26 7.78 -50.68
C PHE B 1234 27.42 9.04 -50.47
N PHE B 1235 26.39 9.20 -51.28
CA PHE B 1235 25.47 10.35 -51.19
C PHE B 1235 24.74 10.32 -49.86
N ARG B 1236 24.24 9.14 -49.46
CA ARG B 1236 23.43 9.03 -48.23
C ARG B 1236 24.29 9.36 -47.01
N VAL B 1237 25.50 8.77 -46.93
CA VAL B 1237 26.38 9.04 -45.77
C VAL B 1237 26.84 10.50 -45.80
N MET B 1238 27.00 11.06 -47.00
CA MET B 1238 27.46 12.46 -47.18
C MET B 1238 26.43 13.42 -46.57
N MET B 1239 25.19 13.35 -47.03
CA MET B 1239 24.17 14.31 -46.56
C MET B 1239 23.67 13.91 -45.17
N ALA B 1240 23.84 12.66 -44.77
CA ALA B 1240 23.52 12.23 -43.39
C ALA B 1240 24.49 12.91 -42.41
N GLU B 1241 25.78 12.82 -42.69
CA GLU B 1241 26.79 13.46 -41.82
C GLU B 1241 26.69 14.97 -41.93
N LEU B 1242 26.25 15.49 -43.09
CA LEU B 1242 25.97 16.92 -43.25
C LEU B 1242 24.86 17.36 -42.28
N GLU B 1243 23.81 16.55 -42.18
CA GLU B 1243 22.70 16.83 -41.25
C GLU B 1243 23.22 16.79 -39.80
N LYS B 1244 24.03 15.78 -39.47
CA LYS B 1244 24.51 15.63 -38.08
C LYS B 1244 25.44 16.79 -37.72
N THR B 1245 26.26 17.27 -38.64
CA THR B 1245 27.18 18.38 -38.33
C THR B 1245 26.41 19.70 -38.31
N VAL B 1246 25.35 19.84 -39.09
CA VAL B 1246 24.60 21.12 -39.10
C VAL B 1246 23.69 21.18 -37.87
N LYS B 1247 23.42 20.06 -37.21
CA LYS B 1247 22.71 20.09 -35.90
C LYS B 1247 23.59 20.73 -34.83
N LYS B 1248 24.91 20.70 -34.95
CA LYS B 1248 25.83 21.00 -33.84
C LYS B 1248 25.95 22.51 -33.61
N ILE B 1249 25.86 23.32 -34.68
CA ILE B 1249 26.13 24.78 -34.57
C ILE B 1249 24.96 25.41 -33.83
N GLU B 1250 25.26 26.09 -32.73
CA GLU B 1250 24.28 26.75 -31.85
C GLU B 1250 24.29 28.25 -32.14
N PRO B 1251 23.15 28.94 -31.98
CA PRO B 1251 23.15 30.40 -31.98
C PRO B 1251 23.69 30.97 -30.66
N GLY B 1252 24.63 31.91 -30.77
CA GLY B 1252 25.23 32.61 -29.63
C GLY B 1252 24.33 33.69 -29.08
N THR B 1253 24.89 34.87 -28.82
CA THR B 1253 24.15 36.05 -28.30
C THR B 1253 24.34 37.22 -29.26
N ALA B 1254 23.56 38.28 -29.05
CA ALA B 1254 23.80 39.60 -29.68
C ALA B 1254 25.00 40.28 -29.03
N ALA B 1255 25.22 40.04 -27.73
CA ALA B 1255 26.39 40.58 -26.97
C ALA B 1255 27.66 39.76 -27.21
N ASP B 1256 27.60 38.69 -28.03
CA ASP B 1256 28.79 37.91 -28.45
C ASP B 1256 29.71 38.81 -29.27
N SER B 1257 31.02 38.57 -29.17
CA SER B 1257 32.06 39.38 -29.83
C SER B 1257 31.97 39.20 -31.36
N GLN B 1258 32.65 40.08 -32.08
CA GLN B 1258 32.58 40.16 -33.56
C GLN B 1258 33.27 38.97 -34.19
N GLN B 1259 34.32 38.46 -33.56
CA GLN B 1259 35.20 37.42 -34.16
C GLN B 1259 34.45 36.08 -34.22
N ILE B 1260 33.81 35.71 -33.11
CA ILE B 1260 33.02 34.46 -33.03
C ILE B 1260 31.85 34.58 -34.00
N HIS B 1261 31.24 35.76 -34.08
CA HIS B 1261 30.15 36.08 -35.03
C HIS B 1261 30.59 35.78 -36.47
N GLU B 1262 31.72 36.36 -36.88
CA GLU B 1262 32.16 36.27 -38.29
C GLU B 1262 32.58 34.84 -38.62
N GLU B 1263 33.24 34.14 -37.68
CA GLU B 1263 33.71 32.77 -37.98
C GLU B 1263 32.53 31.82 -38.09
N LYS B 1264 31.51 31.95 -37.23
CA LYS B 1264 30.38 31.01 -37.31
C LYS B 1264 29.49 31.39 -38.50
N LEU B 1265 29.44 32.64 -38.92
CA LEU B 1265 28.63 32.98 -40.12
C LEU B 1265 29.35 32.49 -41.38
N LEU B 1266 30.68 32.52 -41.42
CA LEU B 1266 31.39 31.95 -42.59
C LEU B 1266 31.33 30.41 -42.54
N TYR B 1267 31.19 29.83 -41.37
CA TYR B 1267 30.91 28.38 -41.23
C TYR B 1267 29.54 28.06 -41.82
N TRP B 1268 28.55 28.89 -41.51
CA TRP B 1268 27.20 28.76 -42.11
C TRP B 1268 27.28 28.95 -43.63
N ASN B 1269 28.16 29.84 -44.08
CA ASN B 1269 28.35 30.13 -45.52
C ASN B 1269 28.88 28.89 -46.24
N MET B 1270 29.92 28.25 -45.70
CA MET B 1270 30.47 27.04 -46.35
C MET B 1270 29.47 25.89 -46.21
N ALA B 1271 28.65 25.89 -45.15
CA ALA B 1271 27.58 24.87 -44.98
C ALA B 1271 26.56 25.01 -46.09
N VAL B 1272 26.08 26.22 -46.35
CA VAL B 1272 25.01 26.43 -47.35
C VAL B 1272 25.60 26.26 -48.75
N ARG B 1273 26.89 26.55 -48.95
CA ARG B 1273 27.50 26.33 -50.28
C ARG B 1273 27.67 24.83 -50.52
N ASP B 1274 27.98 24.06 -49.48
CA ASP B 1274 28.04 22.58 -49.59
C ASP B 1274 26.64 22.03 -49.87
N PHE B 1275 25.61 22.60 -49.23
CA PHE B 1275 24.22 22.20 -49.50
C PHE B 1275 23.87 22.49 -50.96
N SER B 1276 24.30 23.63 -51.48
CA SER B 1276 23.96 24.04 -52.86
C SER B 1276 24.60 23.07 -53.86
N ILE B 1277 25.89 22.75 -53.67
CA ILE B 1277 26.59 21.86 -54.63
C ILE B 1277 26.08 20.42 -54.47
N LEU B 1278 25.65 20.05 -53.27
CA LEU B 1278 25.03 18.71 -53.04
C LEU B 1278 23.65 18.67 -53.71
N ILE B 1279 22.99 19.81 -53.87
CA ILE B 1279 21.75 19.89 -54.70
C ILE B 1279 22.14 19.85 -56.18
N ASN B 1280 23.23 20.49 -56.58
CA ASN B 1280 23.64 20.56 -58.00
C ASN B 1280 24.07 19.19 -58.53
N LEU B 1281 24.49 18.25 -57.69
CA LEU B 1281 24.87 16.90 -58.20
C LEU B 1281 23.64 16.04 -58.53
N ILE B 1282 22.42 16.48 -58.23
CA ILE B 1282 21.21 15.63 -58.32
C ILE B 1282 20.63 15.70 -59.75
N LYS B 1283 20.87 16.79 -60.48
CA LYS B 1283 20.22 17.03 -61.80
C LYS B 1283 20.66 16.02 -62.87
N VAL B 1284 21.78 15.31 -62.66
CA VAL B 1284 22.28 14.30 -63.62
C VAL B 1284 21.94 12.88 -63.14
N PHE B 1285 21.62 12.70 -61.86
CA PHE B 1285 21.42 11.36 -61.24
C PHE B 1285 19.94 11.08 -61.03
N ASP B 1286 19.65 9.78 -60.94
CA ASP B 1286 18.29 9.19 -61.00
C ASP B 1286 18.19 8.14 -59.89
N SER B 1287 17.31 7.15 -60.05
CA SER B 1287 17.14 6.00 -59.12
C SER B 1287 16.56 6.52 -57.79
N HIS B 1288 15.23 6.58 -57.74
CA HIS B 1288 14.38 7.31 -56.76
C HIS B 1288 14.82 7.20 -55.29
N PRO B 1289 15.46 6.11 -54.79
CA PRO B 1289 16.22 6.19 -53.54
C PRO B 1289 17.09 7.43 -53.37
N VAL B 1290 17.78 7.88 -54.41
CA VAL B 1290 18.66 9.07 -54.37
C VAL B 1290 17.86 10.34 -54.07
N LEU B 1291 16.86 10.61 -54.90
CA LEU B 1291 16.01 11.82 -54.72
C LEU B 1291 15.19 11.68 -53.44
N HIS B 1292 14.87 10.46 -53.03
CA HIS B 1292 14.08 10.21 -51.82
C HIS B 1292 14.91 10.56 -50.58
N VAL B 1293 16.16 10.11 -50.52
CA VAL B 1293 17.03 10.41 -49.35
C VAL B 1293 17.38 11.91 -49.38
N CYS B 1294 17.41 12.51 -50.57
CA CYS B 1294 17.53 13.98 -50.69
C CYS B 1294 16.35 14.68 -50.02
N LEU B 1295 15.13 14.28 -50.38
CA LEU B 1295 13.90 14.91 -49.83
C LEU B 1295 13.76 14.58 -48.35
N LYS B 1296 14.36 13.49 -47.87
CA LYS B 1296 14.40 13.20 -46.42
C LYS B 1296 15.32 14.20 -45.72
N TYR B 1297 16.61 14.20 -46.03
CA TYR B 1297 17.65 14.81 -45.15
C TYR B 1297 17.81 16.32 -45.42
N GLY B 1298 17.58 16.79 -46.65
CA GLY B 1298 17.59 18.23 -46.93
C GLY B 1298 16.50 18.95 -46.16
N ARG B 1299 15.39 18.26 -45.88
CA ARG B 1299 14.29 18.81 -45.05
C ARG B 1299 14.80 19.12 -43.64
N LEU B 1300 15.42 18.15 -42.97
CA LEU B 1300 15.93 18.42 -41.60
C LEU B 1300 17.15 19.35 -41.65
N PHE B 1301 17.84 19.43 -42.79
CA PHE B 1301 18.87 20.47 -42.99
C PHE B 1301 18.24 21.86 -42.89
N VAL B 1302 17.13 22.08 -43.60
CA VAL B 1302 16.50 23.43 -43.57
C VAL B 1302 15.80 23.63 -42.22
N GLU B 1303 15.43 22.55 -41.52
CA GLU B 1303 14.93 22.69 -40.12
C GLU B 1303 16.06 23.18 -39.22
N ALA B 1304 17.28 22.67 -39.41
CA ALA B 1304 18.48 23.17 -38.69
C ALA B 1304 18.71 24.63 -39.04
N PHE B 1305 18.47 24.99 -40.30
CA PHE B 1305 18.62 26.39 -40.76
C PHE B 1305 17.57 27.28 -40.08
N LEU B 1306 16.38 26.75 -39.82
CA LEU B 1306 15.36 27.49 -39.05
C LEU B 1306 15.84 27.68 -37.60
N LYS B 1307 16.17 26.58 -36.92
CA LYS B 1307 16.28 26.58 -35.45
C LYS B 1307 17.61 27.16 -34.98
N GLN B 1308 18.66 27.12 -35.81
CA GLN B 1308 20.03 27.50 -35.37
C GLN B 1308 20.55 28.76 -36.06
N CYS B 1309 20.17 29.02 -37.33
CA CYS B 1309 20.80 30.08 -38.15
C CYS B 1309 20.08 31.41 -37.99
N MET B 1310 18.76 31.39 -38.01
CA MET B 1310 17.96 32.64 -38.02
C MET B 1310 18.03 33.42 -36.69
N PRO B 1311 18.25 32.82 -35.50
CA PRO B 1311 18.67 33.63 -34.35
C PRO B 1311 20.00 34.37 -34.53
N LEU B 1312 20.96 33.79 -35.24
CA LEU B 1312 22.20 34.51 -35.59
C LEU B 1312 21.92 35.61 -36.61
N LEU B 1313 20.97 35.38 -37.50
CA LEU B 1313 20.51 36.43 -38.44
C LEU B 1313 19.83 37.56 -37.65
N ASP B 1314 19.16 37.22 -36.56
CA ASP B 1314 18.46 38.22 -35.70
C ASP B 1314 19.51 39.01 -34.91
N PHE B 1315 20.56 38.36 -34.44
CA PHE B 1315 21.52 38.97 -33.51
C PHE B 1315 22.50 39.87 -34.27
N SER B 1316 23.13 39.34 -35.31
CA SER B 1316 24.10 40.06 -36.15
C SER B 1316 23.43 40.43 -37.48
N PHE B 1317 22.70 41.56 -37.49
CA PHE B 1317 22.02 42.10 -38.69
C PHE B 1317 22.49 43.52 -39.02
N ARG B 1318 22.62 44.37 -37.99
CA ARG B 1318 22.90 45.82 -38.17
C ARG B 1318 24.32 46.04 -38.68
N LYS B 1319 25.28 45.22 -38.26
CA LYS B 1319 26.73 45.43 -38.53
C LYS B 1319 27.16 44.60 -39.73
N HIS B 1320 26.80 43.31 -39.76
CA HIS B 1320 27.17 42.38 -40.86
C HIS B 1320 26.03 42.30 -41.86
N ARG B 1321 25.73 43.41 -42.54
CA ARG B 1321 24.61 43.48 -43.50
C ARG B 1321 25.03 42.80 -44.81
N GLU B 1322 26.24 43.09 -45.30
CA GLU B 1322 26.73 42.52 -46.57
C GLU B 1322 26.86 40.99 -46.44
N ASP B 1323 27.26 40.52 -45.25
CA ASP B 1323 27.44 39.06 -45.01
C ASP B 1323 26.08 38.37 -45.03
N VAL B 1324 25.08 38.93 -44.36
CA VAL B 1324 23.75 38.27 -44.26
C VAL B 1324 23.02 38.39 -45.61
N LEU B 1325 23.28 39.45 -46.39
CA LEU B 1325 22.65 39.54 -47.72
C LEU B 1325 23.30 38.54 -48.68
N SER B 1326 24.61 38.33 -48.56
CA SER B 1326 25.31 37.28 -49.34
C SER B 1326 24.75 35.90 -48.94
N LEU B 1327 24.50 35.69 -47.66
CA LEU B 1327 23.93 34.41 -47.17
C LEU B 1327 22.50 34.23 -47.71
N LEU B 1328 21.71 35.30 -47.78
CA LEU B 1328 20.30 35.17 -48.22
C LEU B 1328 20.24 34.96 -49.73
N GLU B 1329 21.13 35.58 -50.50
CA GLU B 1329 21.17 35.31 -51.96
C GLU B 1329 21.78 33.92 -52.21
N THR B 1330 22.62 33.43 -51.30
CA THR B 1330 23.14 32.04 -51.39
C THR B 1330 22.00 31.06 -51.14
N PHE B 1331 21.09 31.40 -50.23
CA PHE B 1331 19.99 30.48 -49.87
C PHE B 1331 18.85 30.58 -50.88
N GLN B 1332 18.68 31.72 -51.55
CA GLN B 1332 17.52 31.91 -52.46
C GLN B 1332 17.70 31.05 -53.72
N LEU B 1333 18.94 30.85 -54.17
CA LEU B 1333 19.19 30.04 -55.39
C LEU B 1333 18.90 28.56 -55.09
N ASP B 1334 19.20 28.08 -53.89
CA ASP B 1334 18.84 26.70 -53.51
C ASP B 1334 17.37 26.62 -53.10
N THR B 1335 16.75 27.74 -52.72
CA THR B 1335 15.29 27.80 -52.49
C THR B 1335 14.55 27.52 -53.81
N ARG B 1336 14.95 28.22 -54.87
CA ARG B 1336 14.36 28.00 -56.21
C ARG B 1336 14.71 26.60 -56.71
N LEU B 1337 15.90 26.10 -56.36
CA LEU B 1337 16.30 24.73 -56.76
C LEU B 1337 15.45 23.69 -56.01
N LEU B 1338 15.14 23.93 -54.73
CA LEU B 1338 14.28 23.01 -53.97
C LEU B 1338 12.83 23.09 -54.48
N HIS B 1339 12.40 24.27 -54.94
CA HIS B 1339 11.14 24.42 -55.69
C HIS B 1339 11.16 23.50 -56.92
N HIS B 1340 12.28 23.48 -57.64
CA HIS B 1340 12.45 22.62 -58.83
C HIS B 1340 12.42 21.14 -58.43
N LEU B 1341 13.03 20.78 -57.30
CA LEU B 1341 13.07 19.37 -56.85
C LEU B 1341 11.67 18.91 -56.44
N CYS B 1342 10.91 19.75 -55.74
CA CYS B 1342 9.53 19.37 -55.36
C CYS B 1342 8.65 19.33 -56.62
N GLY B 1343 8.88 20.20 -57.59
CA GLY B 1343 8.17 20.12 -58.88
C GLY B 1343 8.51 18.85 -59.64
N HIS B 1344 9.77 18.44 -59.58
CA HIS B 1344 10.25 17.16 -60.16
C HIS B 1344 9.60 15.99 -59.45
N SER B 1345 9.34 16.11 -58.15
CA SER B 1345 8.60 15.10 -57.36
C SER B 1345 7.13 15.05 -57.80
N LYS B 1346 6.51 16.19 -58.11
CA LYS B 1346 5.09 16.22 -58.53
C LYS B 1346 4.94 15.64 -59.95
N ILE B 1347 5.85 15.96 -60.87
CA ILE B 1347 5.65 15.61 -62.30
C ILE B 1347 5.87 14.11 -62.54
N HIS B 1348 6.51 13.39 -61.61
CA HIS B 1348 6.80 11.94 -61.75
C HIS B 1348 5.76 11.07 -61.03
N GLN B 1349 4.98 11.64 -60.10
CA GLN B 1349 3.86 10.97 -59.38
C GLN B 1349 4.35 9.72 -58.65
N ASP B 1350 5.31 9.87 -57.73
CA ASP B 1350 5.84 8.74 -56.92
C ASP B 1350 5.31 8.87 -55.50
N THR B 1351 4.88 7.75 -54.91
CA THR B 1351 4.21 7.70 -53.58
C THR B 1351 5.24 7.92 -52.47
N ARG B 1352 6.50 7.56 -52.72
CA ARG B 1352 7.59 7.69 -51.72
C ARG B 1352 8.08 9.15 -51.67
N LEU B 1353 8.17 9.83 -52.83
CA LEU B 1353 8.67 11.21 -52.90
C LEU B 1353 7.58 12.20 -52.45
N THR B 1354 6.30 11.88 -52.68
CA THR B 1354 5.17 12.79 -52.39
C THR B 1354 4.83 12.86 -50.89
N GLN B 1355 5.46 12.05 -50.03
CA GLN B 1355 5.26 12.14 -48.57
C GLN B 1355 5.94 13.40 -48.02
N HIS B 1356 7.20 13.65 -48.40
CA HIS B 1356 8.06 14.68 -47.77
C HIS B 1356 8.01 16.02 -48.50
N VAL B 1357 7.17 16.18 -49.53
CA VAL B 1357 7.07 17.49 -50.26
C VAL B 1357 6.34 18.54 -49.42
N PRO B 1358 5.11 18.36 -48.86
CA PRO B 1358 4.36 19.53 -48.37
C PRO B 1358 4.91 20.12 -47.07
N LEU B 1359 5.59 19.31 -46.25
CA LEU B 1359 6.31 19.80 -45.05
C LEU B 1359 7.46 20.70 -45.51
N LEU B 1360 8.20 20.28 -46.53
CA LEU B 1360 9.30 21.09 -47.08
C LEU B 1360 8.72 22.36 -47.73
N LYS B 1361 7.53 22.27 -48.32
CA LYS B 1361 6.86 23.43 -48.95
C LYS B 1361 6.47 24.46 -47.89
N LYS B 1362 5.87 24.02 -46.79
CA LYS B 1362 5.44 24.97 -45.74
C LYS B 1362 6.66 25.54 -45.02
N THR B 1363 7.76 24.80 -44.92
CA THR B 1363 9.01 25.36 -44.37
C THR B 1363 9.63 26.35 -45.37
N LEU B 1364 9.44 26.14 -46.67
CA LEU B 1364 9.86 27.14 -47.70
C LEU B 1364 9.06 28.43 -47.50
N GLU B 1365 7.75 28.32 -47.27
CA GLU B 1365 6.90 29.51 -47.02
C GLU B 1365 7.36 30.19 -45.72
N LEU B 1366 7.68 29.41 -44.70
CA LEU B 1366 8.16 29.95 -43.40
C LEU B 1366 9.49 30.69 -43.60
N LEU B 1367 10.41 30.13 -44.38
CA LEU B 1367 11.74 30.76 -44.55
C LEU B 1367 11.60 32.02 -45.41
N VAL B 1368 10.73 32.03 -46.42
CA VAL B 1368 10.62 33.23 -47.28
C VAL B 1368 9.88 34.35 -46.52
N CYS B 1369 8.88 34.02 -45.70
CA CYS B 1369 8.19 35.07 -44.90
C CYS B 1369 9.11 35.56 -43.79
N ARG B 1370 10.01 34.71 -43.28
CA ARG B 1370 11.02 35.19 -42.32
C ARG B 1370 12.07 36.05 -43.02
N VAL B 1371 12.39 35.78 -44.28
CA VAL B 1371 13.25 36.69 -45.09
C VAL B 1371 12.57 38.06 -45.21
N LYS B 1372 11.25 38.07 -45.44
CA LYS B 1372 10.48 39.34 -45.47
C LYS B 1372 10.53 40.02 -44.09
N ALA B 1373 10.55 39.22 -43.01
CA ALA B 1373 10.55 39.76 -41.63
C ALA B 1373 11.90 40.42 -41.32
N MET B 1374 13.00 39.78 -41.71
CA MET B 1374 14.35 40.34 -41.44
C MET B 1374 14.67 41.44 -42.46
N LEU B 1375 13.91 41.53 -43.56
CA LEU B 1375 14.00 42.71 -44.45
C LEU B 1375 13.49 43.96 -43.71
N THR B 1376 12.53 43.79 -42.79
CA THR B 1376 12.02 44.88 -41.93
C THR B 1376 13.01 45.11 -40.78
#